data_4NEK
#
_entry.id   4NEK
#
_cell.length_a   76.285
_cell.length_b   156.683
_cell.length_c   79.297
_cell.angle_alpha   90.000
_cell.angle_beta   113.810
_cell.angle_gamma   90.000
#
_symmetry.space_group_name_H-M   'P 1 21 1'
#
loop_
_entity.id
_entity.type
_entity.pdbx_description
1 polymer 'Enoyl-CoA hydratase/carnithine racemase'
2 non-polymer DI(HYDROXYETHYL)ETHER
3 water water
#
_entity_poly.entity_id   1
_entity_poly.type   'polypeptide(L)'
_entity_poly.pdbx_seq_one_letter_code
;(MSE)SELVLSHVEGGVQVVR(MSE)NRPDKKNALIGE(MSE)YAALAEAFAKGEADDDVNVFLILGSQTDFSAGNDLPD
FLTWEALSGSVADRFIRAVAGARKPVVAAVRGAAIGIGSTLLPHCDLVYAAPGTRFH(MSE)PFINLGIVPEAGSSQT
(MSE)PALAGHRRAAE(MSE)L(MSE)LGEPFGVDTAEAVGLINGVVPGEDLEETA(MSE)AAARKLAAKPRSILVQIKA
L(MSE)KTPAEPI(MSE)DRLTREAAVFDTCLKGEALNEAVSAFKEKRAPDFSK
;
_entity_poly.pdbx_strand_id   A,B,C,D,E,F
#
loop_
_chem_comp.id
_chem_comp.type
_chem_comp.name
_chem_comp.formula
PEG non-polymer DI(HYDROXYETHYL)ETHER 'C4 H10 O3'
#
# COMPACT_ATOMS: atom_id res chain seq x y z
N SER A 2 -38.53 21.41 9.38
CA SER A 2 -38.56 19.91 9.51
C SER A 2 -38.22 19.15 8.16
N GLU A 3 -37.81 19.88 7.11
CA GLU A 3 -37.46 19.34 5.79
C GLU A 3 -35.91 19.20 5.68
N LEU A 4 -35.11 19.92 6.47
CA LEU A 4 -33.64 19.90 6.37
C LEU A 4 -32.94 18.67 6.96
N VAL A 5 -33.63 17.92 7.81
CA VAL A 5 -33.14 16.67 8.33
C VAL A 5 -34.25 15.65 8.27
N LEU A 6 -34.02 14.52 7.60
CA LEU A 6 -35.03 13.48 7.44
C LEU A 6 -34.62 12.32 8.27
N SER A 7 -35.56 11.71 8.94
CA SER A 7 -35.25 10.57 9.79
C SER A 7 -36.38 9.56 9.74
N HIS A 8 -36.06 8.28 9.66
CA HIS A 8 -37.06 7.26 9.70
C HIS A 8 -36.38 5.96 10.08
N VAL A 9 -37.15 4.97 10.50
CA VAL A 9 -36.63 3.68 10.90
C VAL A 9 -37.08 2.56 9.97
N GLU A 10 -36.16 1.70 9.53
CA GLU A 10 -36.51 0.52 8.73
C GLU A 10 -35.62 -0.64 9.13
N GLY A 11 -36.24 -1.75 9.45
CA GLY A 11 -35.54 -2.99 9.72
C GLY A 11 -34.46 -2.84 10.77
N GLY A 12 -34.77 -2.10 11.83
CA GLY A 12 -33.83 -1.90 12.94
C GLY A 12 -32.80 -0.79 12.76
N VAL A 13 -32.90 -0.08 11.65
CA VAL A 13 -31.93 0.93 11.29
C VAL A 13 -32.60 2.28 11.31
N GLN A 14 -32.06 3.21 12.06
CA GLN A 14 -32.53 4.56 11.96
C GLN A 14 -31.71 5.36 10.98
N VAL A 15 -32.34 5.72 9.88
CA VAL A 15 -31.72 6.52 8.86
C VAL A 15 -31.90 7.98 9.20
N VAL A 16 -30.81 8.72 9.16
CA VAL A 16 -30.80 10.12 9.48
C VAL A 16 -30.09 10.81 8.33
N ARG A 17 -30.81 11.63 7.57
CA ARG A 17 -30.26 12.20 6.39
C ARG A 17 -30.24 13.71 6.46
N MSE A 18 -29.10 14.31 6.16
CA MSE A 18 -29.02 15.74 6.03
C MSE A 18 -29.49 16.12 4.67
O MSE A 18 -29.11 15.52 3.66
CB MSE A 18 -27.59 16.23 6.23
CG MSE A 18 -27.12 15.92 7.65
SE MSE A 18 -25.18 16.26 7.88
CE MSE A 18 -24.43 14.65 6.99
N ASN A 19 -30.32 17.17 4.63
CA ASN A 19 -31.07 17.50 3.45
C ASN A 19 -31.18 18.99 3.22
N ARG A 20 -30.03 19.60 2.96
CA ARG A 20 -29.94 20.95 2.50
C ARG A 20 -29.03 20.93 1.27
N PRO A 21 -29.42 20.21 0.24
CA PRO A 21 -28.49 19.93 -0.85
C PRO A 21 -28.00 21.14 -1.58
N ASP A 22 -28.81 22.20 -1.61
CA ASP A 22 -28.42 23.40 -2.32
C ASP A 22 -27.21 24.10 -1.71
N LYS A 23 -26.96 23.88 -0.42
CA LYS A 23 -25.76 24.46 0.17
C LYS A 23 -24.78 23.39 0.62
N LYS A 24 -24.78 22.28 -0.10
CA LYS A 24 -23.94 21.13 0.19
C LYS A 24 -24.01 20.71 1.64
N ASN A 25 -25.20 20.78 2.22
CA ASN A 25 -25.43 20.41 3.59
C ASN A 25 -24.59 21.18 4.59
N ALA A 26 -24.30 22.42 4.27
CA ALA A 26 -23.70 23.30 5.26
C ALA A 26 -24.68 23.45 6.41
N LEU A 27 -24.21 23.17 7.60
CA LEU A 27 -25.11 23.08 8.76
C LEU A 27 -25.44 24.42 9.40
N ILE A 28 -26.68 24.49 9.89
CA ILE A 28 -27.19 25.59 10.72
C ILE A 28 -27.82 25.03 12.01
N GLY A 29 -28.14 25.90 12.95
CA GLY A 29 -28.59 25.51 14.30
C GLY A 29 -29.77 24.59 14.31
N GLU A 30 -30.70 24.81 13.39
CA GLU A 30 -31.88 24.00 13.29
C GLU A 30 -31.55 22.57 12.91
N MSE A 31 -30.52 22.38 12.11
CA MSE A 31 -30.13 21.05 11.68
C MSE A 31 -29.48 20.36 12.82
O MSE A 31 -29.79 19.20 13.11
CB MSE A 31 -29.21 21.09 10.48
CG MSE A 31 -30.02 21.66 9.32
SE MSE A 31 -28.88 21.93 7.71
CE MSE A 31 -28.57 20.02 7.23
N TYR A 32 -28.58 21.05 13.51
CA TYR A 32 -27.92 20.44 14.67
C TYR A 32 -28.95 19.96 15.65
N ALA A 33 -29.99 20.77 15.85
CA ALA A 33 -31.00 20.43 16.86
C ALA A 33 -31.79 19.22 16.39
N ALA A 34 -32.21 19.23 15.14
CA ALA A 34 -32.89 18.07 14.60
C ALA A 34 -32.02 16.82 14.66
N LEU A 35 -30.72 16.95 14.37
CA LEU A 35 -29.84 15.80 14.39
C LEU A 35 -29.65 15.25 15.77
N ALA A 36 -29.44 16.13 16.74
CA ALA A 36 -29.36 15.71 18.14
C ALA A 36 -30.63 15.04 18.65
N GLU A 37 -31.77 15.61 18.26
CA GLU A 37 -33.02 15.00 18.61
C GLU A 37 -33.13 13.59 18.04
N ALA A 38 -32.82 13.42 16.75
CA ALA A 38 -32.85 12.10 16.11
C ALA A 38 -31.97 11.08 16.83
N PHE A 39 -30.81 11.48 17.30
CA PHE A 39 -29.99 10.53 18.07
C PHE A 39 -30.54 10.19 19.43
N ALA A 40 -31.13 11.16 20.12
CA ALA A 40 -31.78 10.90 21.39
C ALA A 40 -32.94 9.94 21.22
N LYS A 41 -33.77 10.19 20.20
CA LYS A 41 -34.89 9.25 19.99
C LYS A 41 -34.31 7.86 19.74
N GLY A 42 -33.36 7.76 18.80
CA GLY A 42 -32.91 6.45 18.37
C GLY A 42 -32.29 5.72 19.54
N GLU A 43 -31.55 6.45 20.37
CA GLU A 43 -30.87 5.83 21.50
C GLU A 43 -31.82 5.22 22.48
N ALA A 44 -32.99 5.84 22.62
CA ALA A 44 -34.01 5.34 23.53
C ALA A 44 -34.97 4.33 22.89
N ASP A 45 -35.05 4.30 21.56
CA ASP A 45 -36.03 3.47 20.86
C ASP A 45 -35.61 2.02 20.75
N ASP A 46 -36.41 1.17 21.33
CA ASP A 46 -36.21 -0.25 21.33
C ASP A 46 -36.28 -0.88 19.94
N ASP A 47 -36.89 -0.24 18.97
CA ASP A 47 -36.91 -0.81 17.59
C ASP A 47 -35.69 -0.47 16.78
N VAL A 48 -34.82 0.35 17.35
CA VAL A 48 -33.62 0.78 16.67
C VAL A 48 -32.40 0.09 17.22
N ASN A 49 -31.67 -0.55 16.31
CA ASN A 49 -30.42 -1.19 16.66
C ASN A 49 -29.20 -0.45 16.19
N VAL A 50 -29.33 0.33 15.11
CA VAL A 50 -28.18 0.91 14.43
C VAL A 50 -28.61 2.21 13.77
N PHE A 51 -27.71 3.17 13.71
CA PHE A 51 -27.95 4.42 12.99
C PHE A 51 -27.20 4.44 11.68
N LEU A 52 -27.78 5.12 10.73
CA LEU A 52 -27.14 5.29 9.45
C LEU A 52 -27.26 6.75 9.07
N ILE A 53 -26.14 7.42 8.99
CA ILE A 53 -26.13 8.83 8.63
C ILE A 53 -25.75 9.05 7.19
N LEU A 54 -26.57 9.83 6.50
CA LEU A 54 -26.39 10.09 5.09
C LEU A 54 -26.41 11.58 4.79
N GLY A 55 -25.92 11.95 3.62
CA GLY A 55 -26.08 13.30 3.14
C GLY A 55 -26.98 13.39 1.92
N SER A 56 -26.68 14.34 1.05
CA SER A 56 -27.39 14.54 -0.19
C SER A 56 -26.84 13.55 -1.21
N GLN A 57 -27.33 13.66 -2.45
CA GLN A 57 -26.87 12.78 -3.51
C GLN A 57 -25.54 13.25 -4.02
N THR A 58 -25.06 14.41 -3.60
CA THR A 58 -23.74 14.86 -4.04
C THR A 58 -22.76 15.21 -2.92
N ASP A 59 -23.21 15.37 -1.67
CA ASP A 59 -22.34 15.84 -0.62
C ASP A 59 -22.74 15.29 0.72
N PHE A 60 -21.77 15.15 1.60
CA PHE A 60 -22.04 14.75 2.95
C PHE A 60 -22.33 15.99 3.79
N SER A 61 -21.32 16.84 3.96
CA SER A 61 -21.53 18.12 4.57
C SER A 61 -20.34 19.00 4.35
N ALA A 62 -20.62 20.22 3.95
CA ALA A 62 -19.59 21.22 3.78
C ALA A 62 -19.25 21.92 5.09
N GLY A 63 -19.70 21.40 6.22
CA GLY A 63 -19.32 21.96 7.49
C GLY A 63 -20.28 23.04 7.89
N ASN A 64 -19.91 23.87 8.87
CA ASN A 64 -20.84 24.91 9.29
C ASN A 64 -21.11 25.98 8.24
N ASP A 65 -22.36 26.39 8.14
CA ASP A 65 -22.73 27.54 7.32
C ASP A 65 -22.08 28.76 7.97
N LEU A 66 -21.43 29.55 7.14
CA LEU A 66 -20.61 30.60 7.67
C LEU A 66 -21.44 31.73 8.34
N PRO A 67 -22.50 32.22 7.68
CA PRO A 67 -23.36 33.23 8.31
C PRO A 67 -23.86 32.79 9.67
N ASP A 68 -24.37 31.57 9.74
CA ASP A 68 -24.83 31.04 11.04
C ASP A 68 -23.73 30.98 12.09
N PHE A 69 -22.56 30.54 11.66
CA PHE A 69 -21.43 30.38 12.53
C PHE A 69 -20.97 31.69 13.19
N LEU A 70 -21.05 32.79 12.44
CA LEU A 70 -20.68 34.10 12.95
C LEU A 70 -21.66 34.63 14.02
N THR A 71 -22.74 33.91 14.23
CA THR A 71 -23.71 34.10 15.29
C THR A 71 -23.43 33.38 16.59
N TRP A 72 -22.48 32.48 16.61
CA TRP A 72 -22.23 31.72 17.82
C TRP A 72 -21.59 32.57 18.93
N GLU A 73 -22.10 32.47 20.14
CA GLU A 73 -21.43 33.05 21.29
C GLU A 73 -20.24 32.13 21.70
N ALA A 74 -20.42 30.83 21.58
CA ALA A 74 -19.47 29.85 22.14
C ALA A 74 -19.72 28.52 21.46
N LEU A 75 -18.74 27.64 21.48
CA LEU A 75 -18.97 26.27 21.10
C LEU A 75 -19.47 25.49 22.31
N SER A 76 -18.86 25.69 23.47
CA SER A 76 -19.35 25.06 24.72
C SER A 76 -20.85 25.32 24.91
N GLY A 77 -21.61 24.26 25.13
CA GLY A 77 -23.01 24.38 25.41
C GLY A 77 -23.91 24.65 24.21
N SER A 78 -23.32 24.87 23.04
CA SER A 78 -24.11 25.17 21.85
C SER A 78 -24.82 23.94 21.36
N VAL A 79 -25.72 24.20 20.45
CA VAL A 79 -26.42 23.14 19.82
C VAL A 79 -25.47 22.21 18.96
N ALA A 80 -24.42 22.78 18.38
CA ALA A 80 -23.42 21.95 17.68
C ALA A 80 -22.74 21.03 18.65
N ASP A 81 -22.40 21.54 19.80
CA ASP A 81 -21.78 20.73 20.84
C ASP A 81 -22.72 19.59 21.21
N ARG A 82 -23.99 19.89 21.31
CA ARG A 82 -24.95 18.87 21.75
C ARG A 82 -25.01 17.73 20.74
N PHE A 83 -25.03 18.09 19.47
CA PHE A 83 -24.99 17.09 18.45
C PHE A 83 -23.75 16.18 18.47
N ILE A 84 -22.61 16.80 18.53
CA ILE A 84 -21.36 16.09 18.63
C ILE A 84 -21.35 15.13 19.81
N ARG A 85 -21.77 15.61 20.97
CA ARG A 85 -21.79 14.73 22.14
C ARG A 85 -22.73 13.58 21.92
N ALA A 86 -23.85 13.87 21.26
CA ALA A 86 -24.84 12.84 21.06
C ALA A 86 -24.26 11.70 20.25
N VAL A 87 -23.46 12.02 19.26
CA VAL A 87 -22.83 10.97 18.48
C VAL A 87 -21.66 10.29 19.18
N ALA A 88 -20.77 11.09 19.73
CA ALA A 88 -19.64 10.55 20.45
C ALA A 88 -20.06 9.64 21.55
N GLY A 89 -21.16 9.98 22.23
CA GLY A 89 -21.68 9.16 23.32
C GLY A 89 -22.73 8.12 22.93
N ALA A 90 -23.04 7.98 21.65
CA ALA A 90 -24.06 7.01 21.27
C ALA A 90 -23.62 5.58 21.59
N ARG A 91 -24.49 4.85 22.29
CA ARG A 91 -24.24 3.49 22.69
C ARG A 91 -24.46 2.54 21.53
N LYS A 92 -25.40 2.88 20.64
CA LYS A 92 -25.66 2.05 19.49
C LYS A 92 -24.70 2.36 18.34
N PRO A 93 -24.50 1.39 17.44
CA PRO A 93 -23.59 1.60 16.32
C PRO A 93 -24.06 2.64 15.36
N VAL A 94 -23.10 3.27 14.68
CA VAL A 94 -23.34 4.36 13.76
C VAL A 94 -22.54 4.13 12.49
N VAL A 95 -23.23 4.12 11.37
CA VAL A 95 -22.61 3.90 10.09
C VAL A 95 -22.81 5.18 9.31
N ALA A 96 -21.81 5.61 8.55
CA ALA A 96 -21.96 6.79 7.73
C ALA A 96 -21.54 6.51 6.31
N ALA A 97 -22.18 7.20 5.38
CA ALA A 97 -21.83 7.11 3.99
C ALA A 97 -21.56 8.50 3.53
N VAL A 98 -20.33 8.75 3.09
CA VAL A 98 -19.92 10.10 2.73
C VAL A 98 -19.55 10.22 1.28
N ARG A 99 -19.68 11.43 0.76
CA ARG A 99 -19.33 11.72 -0.65
C ARG A 99 -19.16 13.21 -0.81
N GLY A 100 -18.58 13.63 -1.92
CA GLY A 100 -18.31 15.03 -2.19
C GLY A 100 -17.65 15.71 -1.01
N ALA A 101 -18.25 16.80 -0.53
CA ALA A 101 -17.64 17.56 0.57
C ALA A 101 -17.82 16.82 1.88
N ALA A 102 -16.74 16.68 2.62
CA ALA A 102 -16.78 16.29 4.02
C ALA A 102 -15.87 17.24 4.79
N ILE A 103 -16.42 18.38 5.18
CA ILE A 103 -15.61 19.46 5.64
C ILE A 103 -15.97 19.81 7.03
N GLY A 104 -14.93 20.15 7.79
CA GLY A 104 -15.10 20.54 9.18
C GLY A 104 -15.69 19.41 9.96
N ILE A 105 -16.85 19.66 10.50
CA ILE A 105 -17.62 18.65 11.19
C ILE A 105 -17.99 17.47 10.27
N GLY A 106 -18.12 17.72 8.99
CA GLY A 106 -18.28 16.61 8.04
C GLY A 106 -17.15 15.58 8.11
N SER A 107 -15.94 16.01 8.44
CA SER A 107 -14.84 15.07 8.65
C SER A 107 -14.65 14.66 10.09
N THR A 108 -14.75 15.60 11.03
CA THR A 108 -14.32 15.34 12.40
C THR A 108 -15.31 14.50 13.17
N LEU A 109 -16.49 14.38 12.60
CA LEU A 109 -17.49 13.45 13.08
C LEU A 109 -17.17 11.96 12.82
N LEU A 110 -16.41 11.69 11.76
CA LEU A 110 -16.25 10.33 11.29
C LEU A 110 -15.54 9.41 12.25
N PRO A 111 -14.63 9.94 13.07
CA PRO A 111 -13.98 9.03 14.01
C PRO A 111 -14.89 8.51 15.08
N HIS A 112 -16.05 9.13 15.26
CA HIS A 112 -17.02 8.60 16.19
C HIS A 112 -17.93 7.57 15.54
N CYS A 113 -17.83 7.36 14.23
CA CYS A 113 -18.61 6.37 13.59
C CYS A 113 -17.93 5.00 13.68
N ASP A 114 -18.73 3.94 13.64
CA ASP A 114 -18.23 2.58 13.75
C ASP A 114 -17.83 2.03 12.39
N LEU A 115 -18.59 2.39 11.34
CA LEU A 115 -18.22 2.12 9.98
C LEU A 115 -18.50 3.31 9.11
N VAL A 116 -17.65 3.54 8.13
CA VAL A 116 -17.76 4.66 7.22
C VAL A 116 -17.34 4.27 5.80
N TYR A 117 -18.19 4.55 4.82
CA TYR A 117 -17.89 4.27 3.43
C TYR A 117 -17.94 5.59 2.74
N ALA A 118 -17.09 5.74 1.75
CA ALA A 118 -16.98 6.97 1.01
C ALA A 118 -16.98 6.75 -0.48
N ALA A 119 -17.53 7.70 -1.21
CA ALA A 119 -17.48 7.66 -2.63
C ALA A 119 -16.12 8.09 -3.14
N PRO A 120 -15.73 7.61 -4.34
CA PRO A 120 -14.57 8.08 -5.05
C PRO A 120 -14.73 9.59 -5.19
N GLY A 121 -13.74 10.36 -4.83
CA GLY A 121 -13.84 11.85 -5.01
C GLY A 121 -14.39 12.58 -3.78
N THR A 122 -14.64 11.85 -2.69
CA THR A 122 -14.90 12.54 -1.42
C THR A 122 -13.65 13.36 -1.08
N ARG A 123 -13.88 14.57 -0.61
CA ARG A 123 -12.83 15.50 -0.24
C ARG A 123 -12.98 15.80 1.24
N PHE A 124 -11.97 15.42 2.01
CA PHE A 124 -11.99 15.62 3.44
C PHE A 124 -11.18 16.85 3.77
N HIS A 125 -11.61 17.62 4.76
CA HIS A 125 -10.89 18.85 5.06
C HIS A 125 -11.21 19.33 6.46
N MSE A 126 -10.16 19.69 7.21
CA MSE A 126 -10.29 20.30 8.53
C MSE A 126 -9.58 21.62 8.56
O MSE A 126 -8.51 21.72 9.15
CB MSE A 126 -9.69 19.35 9.53
CG MSE A 126 -10.63 18.16 9.64
SE MSE A 126 -9.74 16.65 10.53
CE MSE A 126 -10.47 15.09 9.59
N PRO A 127 -10.17 22.66 7.95
CA PRO A 127 -9.48 23.94 7.77
C PRO A 127 -9.54 24.94 8.94
N PHE A 128 -9.76 24.47 10.16
CA PHE A 128 -9.80 25.29 11.37
C PHE A 128 -8.68 26.32 11.46
N ILE A 129 -7.44 25.88 11.29
CA ILE A 129 -6.32 26.78 11.34
C ILE A 129 -6.45 27.97 10.37
N ASN A 130 -6.99 27.75 9.19
CA ASN A 130 -7.15 28.84 8.23
C ASN A 130 -8.26 29.77 8.56
N LEU A 131 -9.09 29.42 9.52
CA LEU A 131 -10.10 30.33 10.00
C LEU A 131 -9.73 30.93 11.35
N GLY A 132 -8.51 30.72 11.81
CA GLY A 132 -8.11 31.22 13.12
C GLY A 132 -8.78 30.52 14.28
N ILE A 133 -9.19 29.29 14.09
CA ILE A 133 -9.76 28.55 15.19
C ILE A 133 -9.11 27.20 15.37
N VAL A 134 -9.55 26.45 16.39
CA VAL A 134 -9.01 25.14 16.66
C VAL A 134 -9.98 24.03 16.26
N PRO A 135 -9.44 22.82 16.05
CA PRO A 135 -10.28 21.67 15.82
C PRO A 135 -11.16 21.24 16.98
N GLU A 136 -12.25 20.67 16.59
CA GLU A 136 -13.37 20.40 17.42
C GLU A 136 -13.62 18.89 17.32
N ALA A 137 -14.67 18.48 18.01
CA ALA A 137 -15.22 17.16 17.94
C ALA A 137 -14.19 16.08 18.30
N GLY A 138 -13.17 16.45 19.07
CA GLY A 138 -12.15 15.50 19.54
C GLY A 138 -11.07 15.18 18.52
N SER A 139 -11.04 15.91 17.42
CA SER A 139 -10.11 15.61 16.34
C SER A 139 -8.65 15.81 16.73
N SER A 140 -8.38 16.74 17.64
CA SER A 140 -7.03 16.87 18.22
C SER A 140 -6.54 15.61 18.90
N GLN A 141 -7.43 14.71 19.29
CA GLN A 141 -7.04 13.41 19.80
C GLN A 141 -7.19 12.27 18.75
N THR A 142 -8.30 12.27 18.03
CA THR A 142 -8.57 11.15 17.16
C THR A 142 -7.65 11.13 15.95
N MSE A 143 -7.37 12.28 15.34
CA MSE A 143 -6.54 12.26 14.12
C MSE A 143 -5.13 11.81 14.41
O MSE A 143 -4.62 10.96 13.72
CB MSE A 143 -6.54 13.55 13.36
CG MSE A 143 -7.96 13.92 12.90
SE MSE A 143 -8.89 12.43 11.97
CE MSE A 143 -10.61 13.33 12.38
N PRO A 144 -4.48 12.38 15.42
CA PRO A 144 -3.15 11.85 15.71
C PRO A 144 -3.14 10.37 16.09
N ALA A 145 -4.14 9.92 16.81
CA ALA A 145 -4.21 8.49 17.15
C ALA A 145 -4.33 7.63 15.89
N LEU A 146 -5.11 8.07 14.91
CA LEU A 146 -5.29 7.27 13.73
C LEU A 146 -4.13 7.36 12.75
N ALA A 147 -3.66 8.57 12.50
CA ALA A 147 -2.74 8.82 11.40
C ALA A 147 -1.31 8.94 11.86
N GLY A 148 -1.10 9.04 13.17
CA GLY A 148 0.16 9.51 13.69
C GLY A 148 0.27 11.02 13.63
N HIS A 149 1.16 11.56 14.46
CA HIS A 149 1.21 12.99 14.61
C HIS A 149 1.53 13.74 13.30
N ARG A 150 2.43 13.19 12.47
CA ARG A 150 2.88 13.95 11.32
C ARG A 150 1.86 14.05 10.23
N ARG A 151 1.15 12.97 9.99
CA ARG A 151 0.18 12.98 8.92
C ARG A 151 -1.01 13.78 9.42
N ALA A 152 -1.33 13.70 10.71
CA ALA A 152 -2.36 14.55 11.28
C ALA A 152 -2.00 16.02 11.25
N ALA A 153 -0.72 16.34 11.36
CA ALA A 153 -0.30 17.75 11.24
C ALA A 153 -0.56 18.30 9.85
N GLU A 154 -0.47 17.49 8.79
CA GLU A 154 -0.89 17.99 7.46
C GLU A 154 -2.35 18.45 7.49
N MSE A 155 -3.16 17.70 8.23
CA MSE A 155 -4.57 17.97 8.24
C MSE A 155 -4.92 19.14 9.09
O MSE A 155 -5.68 20.01 8.69
CB MSE A 155 -5.35 16.75 8.80
CG MSE A 155 -5.12 15.46 8.01
SE MSE A 155 -5.75 13.82 8.94
CE MSE A 155 -7.37 14.57 9.74
N LEU A 156 -4.36 19.17 10.30
CA LEU A 156 -4.75 20.14 11.30
C LEU A 156 -3.86 21.40 11.40
N MSE A 157 -2.57 21.27 11.13
CA MSE A 157 -1.68 22.38 11.27
C MSE A 157 -1.49 23.04 9.94
O MSE A 157 -1.50 24.28 9.88
CB MSE A 157 -0.40 21.91 11.93
CG MSE A 157 -0.63 21.58 13.43
SE MSE A 157 1.03 20.85 14.29
CE MSE A 157 2.16 22.43 13.99
N LEU A 158 -1.24 22.28 8.87
CA LEU A 158 -1.18 22.86 7.53
C LEU A 158 -2.57 23.17 7.01
N GLY A 159 -3.58 22.52 7.58
CA GLY A 159 -4.96 22.72 7.16
C GLY A 159 -5.21 22.27 5.74
N GLU A 160 -4.57 21.19 5.32
CA GLU A 160 -4.71 20.74 3.95
C GLU A 160 -5.79 19.68 3.78
N PRO A 161 -6.59 19.79 2.70
CA PRO A 161 -7.54 18.76 2.40
C PRO A 161 -6.87 17.48 1.97
N PHE A 162 -7.57 16.37 2.11
CA PHE A 162 -7.02 15.10 1.69
C PHE A 162 -8.14 14.26 1.16
N GLY A 163 -7.75 13.14 0.54
CA GLY A 163 -8.64 12.31 -0.23
C GLY A 163 -8.79 10.93 0.36
N VAL A 164 -9.47 10.08 -0.40
CA VAL A 164 -9.81 8.74 0.03
C VAL A 164 -8.61 7.84 0.22
N ASP A 165 -7.52 8.12 -0.53
CA ASP A 165 -6.28 7.37 -0.31
C ASP A 165 -5.80 7.48 1.16
N THR A 166 -5.69 8.69 1.64
CA THR A 166 -5.25 8.92 2.96
C THR A 166 -6.30 8.43 3.94
N ALA A 167 -7.55 8.72 3.65
CA ALA A 167 -8.59 8.44 4.62
C ALA A 167 -8.63 6.96 4.89
N GLU A 168 -8.47 6.15 3.83
CA GLU A 168 -8.50 4.72 4.06
C GLU A 168 -7.19 4.31 4.72
N ALA A 169 -6.08 4.86 4.31
CA ALA A 169 -4.81 4.41 4.86
C ALA A 169 -4.74 4.66 6.36
N VAL A 170 -5.27 5.76 6.85
CA VAL A 170 -5.23 5.99 8.27
C VAL A 170 -6.42 5.46 9.05
N GLY A 171 -7.36 4.77 8.39
CA GLY A 171 -8.48 4.12 9.10
C GLY A 171 -9.63 5.06 9.46
N LEU A 172 -9.73 6.15 8.76
CA LEU A 172 -10.84 7.03 8.93
C LEU A 172 -12.08 6.43 8.27
N ILE A 173 -11.88 5.64 7.21
CA ILE A 173 -12.98 5.03 6.49
C ILE A 173 -12.63 3.58 6.24
N ASN A 174 -13.66 2.75 6.03
CA ASN A 174 -13.47 1.35 5.80
C ASN A 174 -13.21 1.08 4.34
N GLY A 175 -13.73 1.90 3.45
CA GLY A 175 -13.54 1.63 2.04
C GLY A 175 -14.18 2.65 1.12
N VAL A 176 -13.85 2.53 -0.16
CA VAL A 176 -14.35 3.41 -1.17
C VAL A 176 -15.34 2.63 -2.00
N VAL A 177 -16.49 3.22 -2.27
CA VAL A 177 -17.58 2.56 -2.95
C VAL A 177 -18.12 3.53 -3.98
N PRO A 178 -18.28 3.09 -5.22
CA PRO A 178 -18.89 3.92 -6.27
C PRO A 178 -20.18 4.58 -5.79
N GLY A 179 -20.35 5.85 -6.08
CA GLY A 179 -21.51 6.59 -5.63
C GLY A 179 -22.85 5.94 -5.89
N GLU A 180 -23.05 5.33 -7.04
CA GLU A 180 -24.32 4.70 -7.32
C GLU A 180 -24.63 3.54 -6.36
N ASP A 181 -23.64 2.93 -5.72
CA ASP A 181 -23.86 1.82 -4.80
C ASP A 181 -23.58 2.17 -3.34
N LEU A 182 -23.26 3.43 -3.10
CA LEU A 182 -22.77 3.82 -1.82
C LEU A 182 -23.83 3.60 -0.71
N GLU A 183 -25.02 4.12 -0.92
CA GLU A 183 -26.05 4.08 0.10
C GLU A 183 -26.50 2.66 0.35
N GLU A 184 -26.59 1.90 -0.73
CA GLU A 184 -27.03 0.51 -0.62
C GLU A 184 -26.01 -0.26 0.20
N THR A 185 -24.74 0.01 -0.03
CA THR A 185 -23.67 -0.73 0.62
C THR A 185 -23.61 -0.34 2.07
N ALA A 186 -23.73 0.95 2.34
CA ALA A 186 -23.75 1.38 3.74
C ALA A 186 -24.96 0.79 4.48
N MSE A 187 -26.09 0.69 3.77
CA MSE A 187 -27.32 0.16 4.33
C MSE A 187 -27.14 -1.30 4.61
O MSE A 187 -27.58 -1.78 5.66
CB MSE A 187 -28.50 0.44 3.43
CG MSE A 187 -29.78 -0.23 3.93
SE MSE A 187 -30.36 0.37 5.75
CE MSE A 187 -31.52 1.82 5.16
N ALA A 188 -26.46 -2.00 3.72
CA ALA A 188 -26.24 -3.43 3.91
C ALA A 188 -25.38 -3.65 5.13
N ALA A 189 -24.41 -2.80 5.32
CA ALA A 189 -23.57 -2.90 6.52
C ALA A 189 -24.36 -2.58 7.80
N ALA A 190 -25.23 -1.58 7.74
CA ALA A 190 -26.09 -1.29 8.88
C ALA A 190 -27.00 -2.47 9.23
N ARG A 191 -27.57 -3.11 8.21
CA ARG A 191 -28.45 -4.26 8.44
C ARG A 191 -27.69 -5.41 9.02
N LYS A 192 -26.46 -5.58 8.58
CA LYS A 192 -25.69 -6.66 9.08
C LYS A 192 -25.43 -6.43 10.57
N LEU A 193 -25.15 -5.20 10.95
CA LEU A 193 -25.00 -4.89 12.36
C LEU A 193 -26.31 -5.03 13.13
N ALA A 194 -27.40 -4.64 12.49
CA ALA A 194 -28.69 -4.71 13.14
C ALA A 194 -29.11 -6.16 13.38
N ALA A 195 -28.59 -7.10 12.59
CA ALA A 195 -28.94 -8.48 12.78
C ALA A 195 -28.12 -9.13 13.91
N LYS A 196 -27.13 -8.46 14.45
CA LYS A 196 -26.40 -8.97 15.58
C LYS A 196 -27.25 -8.75 16.81
N PRO A 197 -26.91 -9.43 17.92
CA PRO A 197 -27.63 -9.23 19.14
C PRO A 197 -27.29 -7.90 19.78
N ARG A 198 -28.27 -7.00 19.79
CA ARG A 198 -28.03 -5.66 20.24
C ARG A 198 -27.36 -5.51 21.61
N SER A 199 -27.81 -6.24 22.63
CA SER A 199 -27.29 -6.01 23.95
C SER A 199 -25.83 -6.40 24.01
N ILE A 200 -25.42 -7.43 23.30
CA ILE A 200 -24.01 -7.78 23.20
C ILE A 200 -23.21 -6.77 22.36
N LEU A 201 -23.76 -6.42 21.21
CA LEU A 201 -23.08 -5.48 20.30
C LEU A 201 -22.73 -4.17 20.97
N VAL A 202 -23.66 -3.66 21.74
CA VAL A 202 -23.48 -2.45 22.49
C VAL A 202 -22.36 -2.57 23.51
N GLN A 203 -22.24 -3.73 24.12
CA GLN A 203 -21.17 -3.96 25.10
C GLN A 203 -19.82 -3.99 24.39
N ILE A 204 -19.80 -4.61 23.22
CA ILE A 204 -18.57 -4.66 22.45
C ILE A 204 -18.10 -3.25 22.07
N LYS A 205 -19.03 -2.44 21.58
CA LYS A 205 -18.71 -1.09 21.23
C LYS A 205 -18.20 -0.35 22.46
N ALA A 206 -18.83 -0.54 23.60
CA ALA A 206 -18.44 0.20 24.80
C ALA A 206 -17.07 -0.20 25.25
N LEU A 207 -16.77 -1.49 25.17
CA LEU A 207 -15.41 -1.92 25.51
C LEU A 207 -14.38 -1.33 24.54
N MSE A 208 -14.68 -1.36 23.26
CA MSE A 208 -13.76 -0.84 22.25
C MSE A 208 -13.48 0.59 22.52
O MSE A 208 -12.39 1.05 22.26
CB MSE A 208 -14.33 -0.94 20.83
CG MSE A 208 -14.25 -2.38 20.32
SE MSE A 208 -15.24 -2.48 18.60
CE MSE A 208 -13.85 -1.70 17.43
N LYS A 209 -14.47 1.32 22.98
CA LYS A 209 -14.33 2.76 23.19
C LYS A 209 -13.93 3.12 24.60
N THR A 210 -13.65 2.15 25.44
CA THR A 210 -13.14 2.40 26.78
C THR A 210 -11.67 2.79 26.70
N PRO A 211 -11.27 3.87 27.40
CA PRO A 211 -9.89 4.31 27.32
C PRO A 211 -8.94 3.19 27.68
N ALA A 212 -7.83 3.15 26.97
CA ALA A 212 -6.87 2.11 27.14
C ALA A 212 -6.33 2.12 28.56
N GLU A 213 -6.00 0.95 29.07
CA GLU A 213 -5.60 0.80 30.45
C GLU A 213 -4.54 -0.30 30.56
N PRO A 214 -3.92 -0.44 31.71
CA PRO A 214 -3.03 -1.60 31.87
C PRO A 214 -3.68 -2.91 31.47
N ILE A 215 -2.93 -3.72 30.75
CA ILE A 215 -3.48 -4.85 30.09
C ILE A 215 -4.23 -5.78 31.04
N MSE A 216 -3.70 -6.03 32.25
CA MSE A 216 -4.33 -6.95 33.18
C MSE A 216 -5.66 -6.38 33.58
O MSE A 216 -6.63 -7.14 33.71
CB MSE A 216 -3.49 -7.25 34.40
CG MSE A 216 -2.14 -7.84 34.06
SE MSE A 216 -2.14 -9.58 33.08
CE MSE A 216 -0.37 -9.70 32.25
N ASP A 217 -5.77 -5.09 33.77
CA ASP A 217 -7.09 -4.49 34.04
C ASP A 217 -8.09 -4.72 32.94
N ARG A 218 -7.65 -4.59 31.69
CA ARG A 218 -8.55 -4.78 30.58
C ARG A 218 -9.02 -6.22 30.54
N LEU A 219 -8.11 -7.15 30.82
CA LEU A 219 -8.49 -8.57 30.81
C LEU A 219 -9.58 -8.85 31.83
N THR A 220 -9.41 -8.27 33.00
CA THR A 220 -10.38 -8.38 34.05
C THR A 220 -11.71 -7.75 33.63
N ARG A 221 -11.65 -6.57 33.05
CA ARG A 221 -12.86 -5.89 32.61
C ARG A 221 -13.62 -6.71 31.56
N GLU A 222 -12.92 -7.22 30.54
CA GLU A 222 -13.57 -7.96 29.48
C GLU A 222 -14.20 -9.21 30.05
N ALA A 223 -13.44 -9.87 30.92
CA ALA A 223 -13.90 -11.14 31.48
C ALA A 223 -15.17 -10.96 32.31
N ALA A 224 -15.26 -9.89 33.09
CA ALA A 224 -16.45 -9.61 33.89
C ALA A 224 -17.66 -9.49 33.00
N VAL A 225 -17.55 -8.75 31.91
CA VAL A 225 -18.66 -8.65 30.96
C VAL A 225 -18.94 -10.02 30.31
N PHE A 226 -17.88 -10.67 29.86
CA PHE A 226 -17.98 -11.98 29.21
C PHE A 226 -18.75 -12.97 30.06
N ASP A 227 -18.46 -13.00 31.36
CA ASP A 227 -19.15 -13.92 32.30
C ASP A 227 -20.67 -13.75 32.22
N THR A 228 -21.14 -12.52 32.22
CA THR A 228 -22.56 -12.24 32.03
C THR A 228 -23.13 -12.77 30.72
N CYS A 229 -22.34 -12.74 29.66
CA CYS A 229 -22.79 -13.29 28.37
C CYS A 229 -23.03 -14.78 28.32
N LEU A 230 -22.25 -15.52 29.08
CA LEU A 230 -22.40 -16.97 29.13
C LEU A 230 -23.78 -17.37 29.60
N LYS A 231 -24.42 -16.54 30.42
CA LYS A 231 -25.78 -16.80 30.93
C LYS A 231 -26.90 -16.20 30.04
N GLY A 232 -26.56 -15.60 28.90
CA GLY A 232 -27.53 -14.77 28.16
C GLY A 232 -28.31 -15.47 27.08
N GLU A 233 -29.39 -14.83 26.66
CA GLU A 233 -30.23 -15.41 25.63
C GLU A 233 -29.51 -15.47 24.27
N ALA A 234 -28.64 -14.51 24.02
CA ALA A 234 -28.00 -14.42 22.69
C ALA A 234 -27.14 -15.62 22.38
N LEU A 235 -26.33 -16.01 23.37
CA LEU A 235 -25.58 -17.23 23.26
C LEU A 235 -26.53 -18.39 23.03
N ASN A 236 -27.61 -18.40 23.78
CA ASN A 236 -28.53 -19.53 23.73
C ASN A 236 -29.11 -19.69 22.33
N GLU A 237 -29.56 -18.59 21.78
CA GLU A 237 -30.06 -18.53 20.40
C GLU A 237 -29.02 -18.91 19.35
N ALA A 238 -27.78 -18.53 19.56
CA ALA A 238 -26.71 -18.86 18.60
C ALA A 238 -26.50 -20.36 18.54
N VAL A 239 -26.45 -20.97 19.71
CA VAL A 239 -26.25 -22.41 19.82
C VAL A 239 -27.46 -23.14 19.23
N SER A 240 -28.64 -22.78 19.70
CA SER A 240 -29.85 -23.36 19.21
C SER A 240 -29.92 -23.32 17.67
N ALA A 241 -29.68 -22.15 17.10
CA ALA A 241 -29.70 -21.98 15.66
C ALA A 241 -28.68 -22.86 14.94
N PHE A 242 -27.51 -23.02 15.55
CA PHE A 242 -26.47 -23.87 14.97
C PHE A 242 -26.94 -25.32 14.95
N LYS A 243 -27.48 -25.79 16.08
CA LYS A 243 -28.01 -27.16 16.20
C LYS A 243 -29.07 -27.42 15.15
N GLU A 244 -30.07 -26.55 15.07
CA GLU A 244 -31.16 -26.69 14.10
C GLU A 244 -30.80 -26.31 12.65
N LYS A 245 -29.50 -26.16 12.35
CA LYS A 245 -29.04 -25.91 10.99
C LYS A 245 -29.74 -24.69 10.33
N ARG A 246 -29.90 -23.58 11.06
CA ARG A 246 -30.56 -22.37 10.52
C ARG A 246 -29.80 -21.09 10.93
N ALA A 247 -30.17 -20.00 10.27
CA ALA A 247 -29.63 -18.70 10.62
C ALA A 247 -30.26 -18.25 11.94
N PRO A 248 -29.44 -17.65 12.84
CA PRO A 248 -29.99 -17.17 14.11
C PRO A 248 -30.84 -15.94 13.89
N ASP A 249 -31.85 -15.72 14.73
CA ASP A 249 -32.63 -14.52 14.72
C ASP A 249 -32.44 -13.91 16.09
N PHE A 250 -31.72 -12.81 16.14
CA PHE A 250 -31.37 -12.22 17.39
C PHE A 250 -32.33 -11.13 17.81
N SER A 251 -33.46 -11.00 17.12
CA SER A 251 -34.56 -10.12 17.59
C SER A 251 -35.00 -10.45 19.02
N LYS A 252 -34.66 -11.65 19.50
CA LYS A 252 -34.55 -11.94 20.96
C LYS A 252 -33.56 -11.01 21.71
N MSE B 1 -0.34 -31.80 31.04
CA MSE B 1 -0.66 -33.26 31.01
C MSE B 1 -1.39 -33.70 29.73
O MSE B 1 -2.53 -34.13 29.81
CB MSE B 1 -1.51 -33.60 32.25
CG MSE B 1 -2.10 -35.02 32.12
SE MSE B 1 -2.39 -35.93 33.83
CE MSE B 1 -3.06 -37.62 33.03
N SER B 2 -0.74 -33.61 28.57
CA SER B 2 -1.32 -34.13 27.32
C SER B 2 -0.25 -34.15 26.26
N GLU B 3 -0.39 -34.96 25.20
CA GLU B 3 0.52 -34.95 24.02
C GLU B 3 -0.03 -33.97 22.98
N LEU B 4 -1.06 -33.30 23.44
CA LEU B 4 -1.72 -32.25 22.70
C LEU B 4 -0.90 -30.95 22.67
N VAL B 5 0.10 -30.81 23.54
CA VAL B 5 0.99 -29.68 23.54
C VAL B 5 2.40 -30.20 23.69
N LEU B 6 3.30 -29.84 22.77
CA LEU B 6 4.67 -30.31 22.79
C LEU B 6 5.57 -29.15 23.11
N SER B 7 6.57 -29.37 23.93
CA SER B 7 7.44 -28.30 24.34
C SER B 7 8.84 -28.80 24.48
N HIS B 8 9.80 -28.06 24.01
CA HIS B 8 11.19 -28.43 24.22
C HIS B 8 12.09 -27.22 23.97
N VAL B 9 13.34 -27.25 24.46
CA VAL B 9 14.23 -26.11 24.36
C VAL B 9 15.38 -26.40 23.40
N GLU B 10 15.70 -25.48 22.49
CA GLU B 10 16.84 -25.60 21.59
C GLU B 10 17.53 -24.24 21.47
N GLY B 11 18.83 -24.17 21.77
CA GLY B 11 19.59 -22.95 21.54
C GLY B 11 18.95 -21.70 22.10
N GLY B 12 18.46 -21.80 23.32
CA GLY B 12 17.87 -20.64 24.01
C GLY B 12 16.44 -20.34 23.69
N VAL B 13 15.83 -21.18 22.87
CA VAL B 13 14.46 -20.98 22.40
C VAL B 13 13.58 -22.09 22.92
N GLN B 14 12.51 -21.73 23.61
CA GLN B 14 11.55 -22.72 24.01
C GLN B 14 10.43 -22.83 23.00
N VAL B 15 10.38 -23.96 22.32
CA VAL B 15 9.39 -24.21 21.31
C VAL B 15 8.18 -24.82 21.98
N VAL B 16 7.04 -24.26 21.69
CA VAL B 16 5.79 -24.68 22.29
C VAL B 16 4.83 -24.89 21.12
N ARG B 17 4.45 -26.13 20.88
CA ARG B 17 3.66 -26.45 19.71
C ARG B 17 2.30 -27.02 20.09
N MSE B 18 1.22 -26.48 19.53
CA MSE B 18 -0.11 -27.05 19.72
C MSE B 18 -0.22 -28.22 18.78
O MSE B 18 0.15 -28.11 17.58
CB MSE B 18 -1.18 -26.04 19.46
CG MSE B 18 -1.07 -24.92 20.48
SE MSE B 18 -2.31 -23.43 20.03
CE MSE B 18 -1.19 -22.56 18.61
N ASN B 19 -0.78 -29.32 19.28
CA ASN B 19 -0.73 -30.58 18.57
C ASN B 19 -2.01 -31.39 18.68
N ARG B 20 -3.08 -30.86 18.14
CA ARG B 20 -4.33 -31.52 17.99
C ARG B 20 -4.76 -31.33 16.53
N PRO B 21 -3.93 -31.81 15.60
CA PRO B 21 -4.11 -31.40 14.23
C PRO B 21 -5.42 -31.83 13.62
N ASP B 22 -6.00 -32.92 14.13
CA ASP B 22 -7.25 -33.40 13.61
C ASP B 22 -8.39 -32.44 13.81
N LYS B 23 -8.31 -31.58 14.82
CA LYS B 23 -9.38 -30.62 15.03
C LYS B 23 -8.89 -29.20 14.83
N LYS B 24 -7.87 -29.08 13.98
CA LYS B 24 -7.26 -27.80 13.68
C LYS B 24 -6.84 -27.05 14.93
N ASN B 25 -6.34 -27.78 15.91
CA ASN B 25 -5.89 -27.19 17.14
C ASN B 25 -6.96 -26.39 17.89
N ALA B 26 -8.21 -26.79 17.74
CA ALA B 26 -9.28 -26.22 18.56
C ALA B 26 -8.99 -26.54 20.03
N LEU B 27 -9.00 -25.53 20.87
CA LEU B 27 -8.47 -25.67 22.22
C LEU B 27 -9.48 -26.19 23.21
N ILE B 28 -8.97 -26.98 24.16
CA ILE B 28 -9.72 -27.48 25.29
C ILE B 28 -8.88 -27.19 26.56
N GLY B 29 -9.49 -27.40 27.72
CA GLY B 29 -8.90 -27.04 29.02
C GLY B 29 -7.51 -27.62 29.22
N GLU B 30 -7.32 -28.87 28.82
CA GLU B 30 -6.02 -29.51 29.04
C GLU B 30 -4.92 -28.82 28.23
N MSE B 31 -5.26 -28.25 27.09
CA MSE B 31 -4.26 -27.57 26.28
C MSE B 31 -3.91 -26.24 26.89
O MSE B 31 -2.74 -25.95 27.06
CB MSE B 31 -4.76 -27.39 24.87
CG MSE B 31 -4.88 -28.77 24.24
SE MSE B 31 -5.68 -28.62 22.41
CE MSE B 31 -4.11 -27.87 21.48
N TYR B 32 -4.92 -25.47 27.30
CA TYR B 32 -4.66 -24.24 28.04
C TYR B 32 -3.76 -24.48 29.22
N ALA B 33 -3.99 -25.54 29.96
CA ALA B 33 -3.20 -25.81 31.15
C ALA B 33 -1.78 -26.15 30.75
N ALA B 34 -1.62 -27.01 29.76
CA ALA B 34 -0.25 -27.36 29.32
C ALA B 34 0.49 -26.16 28.77
N LEU B 35 -0.23 -25.26 28.08
CA LEU B 35 0.37 -24.06 27.54
C LEU B 35 0.78 -23.10 28.62
N ALA B 36 -0.09 -22.88 29.60
CA ALA B 36 0.27 -22.07 30.75
C ALA B 36 1.49 -22.66 31.48
N GLU B 37 1.52 -23.97 31.62
CA GLU B 37 2.63 -24.61 32.32
C GLU B 37 3.92 -24.35 31.56
N ALA B 38 3.89 -24.53 30.24
CA ALA B 38 5.06 -24.27 29.42
C ALA B 38 5.61 -22.84 29.53
N PHE B 39 4.73 -21.87 29.62
CA PHE B 39 5.18 -20.51 29.84
C PHE B 39 5.79 -20.32 31.20
N ALA B 40 5.21 -20.92 32.23
CA ALA B 40 5.75 -20.79 33.57
C ALA B 40 7.12 -21.43 33.63
N LYS B 41 7.28 -22.60 33.03
CA LYS B 41 8.64 -23.22 33.01
C LYS B 41 9.64 -22.31 32.30
N GLY B 42 9.26 -21.86 31.10
CA GLY B 42 10.16 -21.07 30.30
C GLY B 42 10.52 -19.77 30.97
N GLU B 43 9.56 -19.14 31.62
CA GLU B 43 9.80 -17.85 32.28
C GLU B 43 10.79 -18.00 33.41
N ALA B 44 10.79 -19.14 34.07
CA ALA B 44 11.72 -19.42 35.18
C ALA B 44 13.04 -20.07 34.73
N ASP B 45 13.11 -20.65 33.53
CA ASP B 45 14.27 -21.37 33.10
C ASP B 45 15.36 -20.48 32.53
N ASP B 46 16.50 -20.52 33.18
CA ASP B 46 17.66 -19.75 32.81
C ASP B 46 18.23 -20.14 31.45
N ASP B 47 17.96 -21.32 30.94
CA ASP B 47 18.43 -21.67 29.60
C ASP B 47 17.56 -21.12 28.49
N VAL B 48 16.43 -20.51 28.86
CA VAL B 48 15.48 -20.02 27.88
C VAL B 48 15.53 -18.51 27.78
N ASN B 49 15.74 -18.02 26.55
CA ASN B 49 15.71 -16.60 26.30
C ASN B 49 14.46 -16.14 25.58
N VAL B 50 13.86 -17.02 24.80
CA VAL B 50 12.78 -16.64 23.89
C VAL B 50 11.82 -17.80 23.72
N PHE B 51 10.54 -17.49 23.55
CA PHE B 51 9.54 -18.51 23.22
C PHE B 51 9.20 -18.48 21.76
N LEU B 52 8.92 -19.65 21.21
CA LEU B 52 8.40 -19.76 19.85
C LEU B 52 7.15 -20.64 19.85
N ILE B 53 6.01 -20.06 19.50
CA ILE B 53 4.76 -20.77 19.50
C ILE B 53 4.40 -21.17 18.10
N LEU B 54 4.07 -22.45 17.95
CA LEU B 54 3.74 -23.04 16.67
C LEU B 54 2.43 -23.83 16.75
N GLY B 55 1.85 -24.07 15.59
CA GLY B 55 0.71 -24.97 15.47
C GLY B 55 1.07 -26.24 14.71
N SER B 56 0.07 -26.80 14.04
CA SER B 56 0.23 -28.00 13.27
C SER B 56 0.89 -27.60 11.95
N GLN B 57 1.00 -28.59 11.05
CA GLN B 57 1.53 -28.30 9.74
C GLN B 57 0.49 -27.64 8.86
N THR B 58 -0.76 -27.57 9.29
CA THR B 58 -1.76 -26.89 8.49
C THR B 58 -2.54 -25.78 9.19
N ASP B 59 -2.47 -25.67 10.52
CA ASP B 59 -3.28 -24.68 11.23
C ASP B 59 -2.59 -24.18 12.48
N PHE B 60 -2.94 -22.98 12.88
CA PHE B 60 -2.44 -22.47 14.10
C PHE B 60 -3.42 -22.88 15.19
N SER B 61 -4.62 -22.34 15.14
CA SER B 61 -5.65 -22.72 16.06
C SER B 61 -6.99 -22.22 15.57
N ALA B 62 -7.96 -23.11 15.59
CA ALA B 62 -9.31 -22.78 15.26
C ALA B 62 -10.07 -22.23 16.44
N GLY B 63 -9.37 -21.85 17.51
CA GLY B 63 -10.02 -21.23 18.63
C GLY B 63 -10.55 -22.28 19.56
N ASN B 64 -11.43 -21.88 20.46
CA ASN B 64 -11.93 -22.84 21.39
C ASN B 64 -12.73 -23.91 20.72
N ASP B 65 -12.58 -25.13 21.21
CA ASP B 65 -13.50 -26.21 20.86
C ASP B 65 -14.92 -25.80 21.30
N LEU B 66 -15.85 -25.80 20.36
CA LEU B 66 -17.10 -25.10 20.59
C LEU B 66 -18.03 -25.83 21.60
N PRO B 67 -18.23 -27.15 21.43
CA PRO B 67 -18.97 -27.88 22.45
C PRO B 67 -18.40 -27.64 23.82
N ASP B 68 -17.09 -27.74 23.97
CA ASP B 68 -16.47 -27.53 25.28
C ASP B 68 -16.75 -26.14 25.82
N PHE B 69 -16.68 -25.17 24.92
CA PHE B 69 -16.83 -23.79 25.27
C PHE B 69 -18.21 -23.43 25.82
N LEU B 70 -19.22 -24.07 25.26
CA LEU B 70 -20.61 -23.86 25.70
C LEU B 70 -20.88 -24.32 27.10
N THR B 71 -19.93 -25.05 27.69
CA THR B 71 -20.04 -25.53 29.06
C THR B 71 -19.26 -24.74 30.06
N TRP B 72 -18.62 -23.65 29.62
CA TRP B 72 -17.90 -22.81 30.59
C TRP B 72 -18.81 -22.13 31.52
N GLU B 73 -18.45 -22.18 32.78
CA GLU B 73 -19.17 -21.50 33.82
C GLU B 73 -18.76 -20.01 33.87
N ALA B 74 -17.51 -19.72 33.60
CA ALA B 74 -16.97 -18.34 33.58
C ALA B 74 -15.70 -18.27 32.75
N LEU B 75 -15.36 -17.06 32.29
CA LEU B 75 -14.03 -16.81 31.77
C LEU B 75 -13.11 -16.36 32.91
N SER B 76 -13.60 -15.49 33.78
CA SER B 76 -12.80 -15.05 34.96
C SER B 76 -12.30 -16.23 35.77
N GLY B 77 -11.01 -16.28 36.00
CA GLY B 77 -10.44 -17.34 36.81
C GLY B 77 -10.29 -18.68 36.11
N SER B 78 -10.71 -18.78 34.85
CA SER B 78 -10.59 -20.03 34.15
C SER B 78 -9.17 -20.31 33.73
N VAL B 79 -8.98 -21.54 33.30
CA VAL B 79 -7.69 -21.94 32.76
C VAL B 79 -7.35 -21.14 31.47
N ALA B 80 -8.36 -20.78 30.67
CA ALA B 80 -8.08 -19.97 29.49
C ALA B 80 -7.58 -18.61 29.89
N ASP B 81 -8.22 -18.03 30.90
CA ASP B 81 -7.76 -16.77 31.47
C ASP B 81 -6.30 -16.88 31.98
N ARG B 82 -5.95 -17.98 32.64
CA ARG B 82 -4.60 -18.16 33.12
C ARG B 82 -3.62 -18.14 31.96
N PHE B 83 -3.91 -18.87 30.90
CA PHE B 83 -3.02 -18.92 29.77
C PHE B 83 -2.78 -17.56 29.15
N ILE B 84 -3.87 -16.85 28.90
CA ILE B 84 -3.82 -15.51 28.34
C ILE B 84 -2.98 -14.60 29.21
N ARG B 85 -3.22 -14.62 30.53
CA ARG B 85 -2.39 -13.79 31.43
C ARG B 85 -0.93 -14.18 31.40
N ALA B 86 -0.67 -15.47 31.31
CA ALA B 86 0.71 -15.94 31.21
C ALA B 86 1.42 -15.36 30.02
N VAL B 87 0.75 -15.27 28.88
CA VAL B 87 1.39 -14.71 27.69
C VAL B 87 1.44 -13.19 27.73
N ALA B 88 0.34 -12.55 28.07
CA ALA B 88 0.28 -11.11 28.18
C ALA B 88 1.34 -10.59 29.15
N GLY B 89 1.59 -11.31 30.24
CA GLY B 89 2.58 -10.91 31.23
C GLY B 89 3.99 -11.47 31.04
N ALA B 90 4.23 -12.24 29.98
CA ALA B 90 5.55 -12.86 29.83
C ALA B 90 6.60 -11.81 29.66
N ARG B 91 7.65 -11.92 30.46
CA ARG B 91 8.77 -10.99 30.42
C ARG B 91 9.71 -11.29 29.25
N LYS B 92 9.82 -12.55 28.88
CA LYS B 92 10.67 -12.89 27.74
C LYS B 92 9.91 -12.72 26.42
N PRO B 93 10.65 -12.55 25.32
CA PRO B 93 10.04 -12.40 24.03
C PRO B 93 9.33 -13.65 23.56
N VAL B 94 8.33 -13.42 22.72
CA VAL B 94 7.48 -14.47 22.21
C VAL B 94 7.34 -14.27 20.70
N VAL B 95 7.70 -15.29 19.94
CA VAL B 95 7.53 -15.28 18.51
C VAL B 95 6.47 -16.31 18.17
N ALA B 96 5.59 -16.01 17.22
CA ALA B 96 4.61 -16.99 16.77
C ALA B 96 4.68 -17.20 15.27
N ALA B 97 4.35 -18.39 14.81
CA ALA B 97 4.25 -18.68 13.38
C ALA B 97 2.87 -19.22 13.16
N VAL B 98 2.06 -18.52 12.38
CA VAL B 98 0.70 -18.91 12.17
C VAL B 98 0.44 -19.32 10.73
N ARG B 99 -0.61 -20.11 10.54
CA ARG B 99 -1.05 -20.55 9.20
C ARG B 99 -2.46 -21.09 9.31
N GLY B 100 -3.11 -21.30 8.17
CA GLY B 100 -4.47 -21.81 8.14
C GLY B 100 -5.34 -21.04 9.12
N ALA B 101 -6.03 -21.75 9.99
CA ALA B 101 -6.97 -21.12 10.90
C ALA B 101 -6.26 -20.41 12.02
N ALA B 102 -6.64 -19.16 12.24
CA ALA B 102 -6.26 -18.42 13.41
C ALA B 102 -7.52 -17.74 13.93
N ILE B 103 -8.26 -18.49 14.72
CA ILE B 103 -9.61 -18.09 15.06
C ILE B 103 -9.75 -17.90 16.54
N GLY B 104 -10.54 -16.91 16.90
CA GLY B 104 -10.77 -16.57 18.28
C GLY B 104 -9.47 -16.24 18.95
N ILE B 105 -9.14 -17.03 19.94
CA ILE B 105 -7.87 -16.90 20.68
C ILE B 105 -6.66 -17.11 19.74
N GLY B 106 -6.81 -17.89 18.70
CA GLY B 106 -5.79 -17.97 17.69
C GLY B 106 -5.43 -16.62 17.08
N SER B 107 -6.36 -15.69 17.01
CA SER B 107 -6.04 -14.33 16.60
C SER B 107 -5.75 -13.39 17.75
N THR B 108 -6.52 -13.46 18.82
CA THR B 108 -6.51 -12.41 19.84
C THR B 108 -5.30 -12.52 20.72
N LEU B 109 -4.61 -13.64 20.60
CA LEU B 109 -3.33 -13.84 21.26
C LEU B 109 -2.19 -13.09 20.59
N LEU B 110 -2.31 -12.85 19.31
CA LEU B 110 -1.17 -12.36 18.54
C LEU B 110 -0.68 -10.97 18.94
N PRO B 111 -1.58 -10.12 19.38
CA PRO B 111 -1.10 -8.83 19.85
C PRO B 111 -0.18 -8.88 21.05
N HIS B 112 -0.19 -9.98 21.79
CA HIS B 112 0.74 -10.14 22.89
C HIS B 112 2.06 -10.75 22.43
N CYS B 113 2.18 -11.15 21.18
CA CYS B 113 3.46 -11.62 20.68
C CYS B 113 4.34 -10.46 20.22
N ASP B 114 5.65 -10.68 20.23
CA ASP B 114 6.58 -9.66 19.88
C ASP B 114 6.86 -9.69 18.41
N LEU B 115 6.91 -10.89 17.83
CA LEU B 115 6.99 -11.06 16.39
C LEU B 115 6.06 -12.16 15.97
N VAL B 116 5.43 -11.99 14.81
CA VAL B 116 4.53 -12.96 14.26
C VAL B 116 4.74 -13.08 12.75
N TYR B 117 4.88 -14.28 12.24
CA TYR B 117 4.95 -14.54 10.80
C TYR B 117 3.76 -15.43 10.46
N ALA B 118 3.18 -15.24 9.29
CA ALA B 118 2.03 -15.99 8.85
C ALA B 118 2.26 -16.56 7.45
N ALA B 119 1.64 -17.69 7.19
CA ALA B 119 1.66 -18.28 5.87
C ALA B 119 0.63 -17.64 5.01
N PRO B 120 0.84 -17.69 3.69
CA PRO B 120 -0.10 -17.13 2.71
C PRO B 120 -1.56 -17.48 2.96
N GLY B 121 -1.89 -18.71 3.30
CA GLY B 121 -3.34 -18.98 3.43
C GLY B 121 -3.99 -18.61 4.76
N THR B 122 -3.34 -17.87 5.60
CA THR B 122 -3.87 -17.73 6.95
C THR B 122 -5.20 -16.95 6.96
N ARG B 123 -6.12 -17.43 7.76
CA ARG B 123 -7.43 -16.82 7.88
C ARG B 123 -7.64 -16.39 9.35
N PHE B 124 -7.81 -15.11 9.57
CA PHE B 124 -7.95 -14.58 10.90
C PHE B 124 -9.41 -14.31 11.17
N HIS B 125 -9.86 -14.55 12.38
CA HIS B 125 -11.31 -14.36 12.64
C HIS B 125 -11.61 -14.23 14.10
N MSE B 126 -12.43 -13.22 14.43
CA MSE B 126 -12.87 -13.00 15.84
C MSE B 126 -14.36 -12.95 15.91
O MSE B 126 -14.93 -11.90 16.04
CB MSE B 126 -12.29 -11.66 16.30
CG MSE B 126 -10.79 -11.86 16.50
SE MSE B 126 -9.87 -10.11 16.67
CE MSE B 126 -8.15 -10.45 15.77
N PRO B 127 -15.01 -14.11 15.86
CA PRO B 127 -16.43 -14.19 15.67
C PRO B 127 -17.30 -14.13 16.95
N PHE B 128 -16.76 -13.57 18.02
CA PHE B 128 -17.48 -13.42 19.29
C PHE B 128 -18.90 -12.93 19.15
N ILE B 129 -19.10 -11.83 18.43
CA ILE B 129 -20.44 -11.29 18.27
C ILE B 129 -21.42 -12.30 17.73
N ASN B 130 -20.97 -13.16 16.81
CA ASN B 130 -21.87 -14.17 16.25
C ASN B 130 -22.19 -15.30 17.19
N LEU B 131 -21.47 -15.40 18.30
CA LEU B 131 -21.81 -16.35 19.31
C LEU B 131 -22.53 -15.69 20.48
N GLY B 132 -22.93 -14.42 20.36
CA GLY B 132 -23.53 -13.72 21.50
C GLY B 132 -22.57 -13.42 22.66
N ILE B 133 -21.28 -13.33 22.37
CA ILE B 133 -20.34 -13.00 23.42
C ILE B 133 -19.42 -11.84 23.03
N VAL B 134 -18.58 -11.43 23.95
CA VAL B 134 -17.65 -10.36 23.72
C VAL B 134 -16.22 -10.85 23.54
N PRO B 135 -15.38 -9.99 22.98
CA PRO B 135 -14.01 -10.37 22.74
C PRO B 135 -13.23 -10.42 24.01
N GLU B 136 -12.20 -11.23 23.94
CA GLU B 136 -11.43 -11.64 25.06
C GLU B 136 -9.98 -11.24 24.74
N ALA B 137 -9.11 -11.61 25.68
CA ALA B 137 -7.67 -11.47 25.52
C ALA B 137 -7.21 -10.05 25.24
N GLY B 138 -8.02 -9.06 25.65
CA GLY B 138 -7.64 -7.65 25.51
C GLY B 138 -7.85 -7.12 24.10
N SER B 139 -8.53 -7.90 23.25
CA SER B 139 -8.70 -7.50 21.85
C SER B 139 -9.56 -6.24 21.71
N SER B 140 -10.50 -6.01 22.63
CA SER B 140 -11.27 -4.78 22.64
C SER B 140 -10.38 -3.54 22.76
N GLN B 141 -9.15 -3.72 23.24
CA GLN B 141 -8.18 -2.63 23.32
C GLN B 141 -7.12 -2.73 22.20
N THR B 142 -6.62 -3.92 21.96
CA THR B 142 -5.50 -4.03 21.07
C THR B 142 -5.91 -3.82 19.64
N MSE B 143 -7.08 -4.32 19.23
CA MSE B 143 -7.47 -4.17 17.82
C MSE B 143 -7.75 -2.75 17.43
O MSE B 143 -7.22 -2.31 16.44
CB MSE B 143 -8.62 -5.08 17.40
CG MSE B 143 -8.26 -6.55 17.57
SE MSE B 143 -6.49 -7.06 16.80
CE MSE B 143 -6.47 -8.64 17.99
N PRO B 144 -8.55 -2.03 18.22
CA PRO B 144 -8.73 -0.61 17.87
C PRO B 144 -7.43 0.15 17.89
N ALA B 145 -6.53 -0.15 18.84
CA ALA B 145 -5.25 0.54 18.86
C ALA B 145 -4.47 0.27 17.58
N LEU B 146 -4.48 -0.96 17.08
CA LEU B 146 -3.67 -1.29 15.91
C LEU B 146 -4.30 -0.84 14.61
N ALA B 147 -5.59 -1.07 14.48
CA ALA B 147 -6.27 -0.92 13.19
C ALA B 147 -7.09 0.35 13.07
N GLY B 148 -7.28 1.02 14.19
CA GLY B 148 -8.25 2.08 14.25
C GLY B 148 -9.63 1.51 14.47
N HIS B 149 -10.53 2.35 14.96
CA HIS B 149 -11.81 1.87 15.42
C HIS B 149 -12.68 1.24 14.29
N ARG B 150 -12.61 1.83 13.11
CA ARG B 150 -13.46 1.35 12.05
C ARG B 150 -13.04 0.03 11.49
N ARG B 151 -11.75 -0.18 11.30
CA ARG B 151 -11.32 -1.42 10.71
C ARG B 151 -11.49 -2.49 11.79
N ALA B 152 -11.28 -2.13 13.04
CA ALA B 152 -11.51 -3.06 14.15
C ALA B 152 -12.97 -3.39 14.33
N ALA B 153 -13.88 -2.47 14.00
CA ALA B 153 -15.30 -2.79 13.99
C ALA B 153 -15.65 -3.83 12.95
N GLU B 154 -15.01 -3.86 11.78
CA GLU B 154 -15.25 -4.99 10.85
C GLU B 154 -14.95 -6.34 11.55
N MSE B 155 -13.91 -6.37 12.35
CA MSE B 155 -13.50 -7.61 12.97
C MSE B 155 -14.39 -7.98 14.09
O MSE B 155 -14.77 -9.13 14.22
CB MSE B 155 -12.07 -7.47 13.50
CG MSE B 155 -11.04 -7.07 12.43
SE MSE B 155 -9.33 -6.53 13.27
CE MSE B 155 -8.31 -6.10 11.63
N LEU B 156 -14.70 -7.01 14.95
CA LEU B 156 -15.32 -7.29 16.21
C LEU B 156 -16.81 -7.08 16.22
N MSE B 157 -17.30 -6.12 15.46
CA MSE B 157 -18.71 -5.81 15.49
C MSE B 157 -19.44 -6.49 14.37
O MSE B 157 -20.50 -7.06 14.58
CB MSE B 157 -18.90 -4.32 15.51
CG MSE B 157 -18.48 -3.73 16.87
SE MSE B 157 -18.63 -1.71 16.89
CE MSE B 157 -20.53 -1.55 16.48
N LEU B 158 -18.91 -6.45 13.15
CA LEU B 158 -19.43 -7.26 12.06
C LEU B 158 -19.03 -8.73 12.21
N GLY B 159 -17.99 -8.99 12.94
CA GLY B 159 -17.50 -10.37 13.11
C GLY B 159 -16.94 -11.02 11.86
N GLU B 160 -16.32 -10.25 11.00
CA GLU B 160 -15.89 -10.74 9.71
C GLU B 160 -14.45 -11.21 9.72
N PRO B 161 -14.19 -12.34 9.08
CA PRO B 161 -12.83 -12.81 8.98
C PRO B 161 -12.00 -11.93 8.07
N PHE B 162 -10.67 -11.96 8.22
CA PHE B 162 -9.81 -11.19 7.37
C PHE B 162 -8.57 -12.00 7.11
N GLY B 163 -7.74 -11.46 6.19
CA GLY B 163 -6.61 -12.16 5.66
C GLY B 163 -5.32 -11.44 5.97
N VAL B 164 -4.25 -11.94 5.38
CA VAL B 164 -2.90 -11.47 5.61
C VAL B 164 -2.68 -10.06 5.13
N ASP B 165 -3.41 -9.66 4.12
CA ASP B 165 -3.34 -8.25 3.69
C ASP B 165 -3.64 -7.30 4.84
N THR B 166 -4.78 -7.49 5.47
CA THR B 166 -5.21 -6.61 6.56
C THR B 166 -4.30 -6.84 7.75
N ALA B 167 -3.96 -8.09 8.04
CA ALA B 167 -3.18 -8.38 9.21
C ALA B 167 -1.82 -7.71 9.17
N GLU B 168 -1.16 -7.78 8.03
CA GLU B 168 0.09 -7.05 7.91
C GLU B 168 -0.15 -5.51 7.91
N ALA B 169 -1.16 -5.02 7.23
CA ALA B 169 -1.36 -3.57 7.17
C ALA B 169 -1.61 -2.98 8.54
N VAL B 170 -2.35 -3.65 9.41
CA VAL B 170 -2.59 -3.07 10.73
C VAL B 170 -1.53 -3.45 11.77
N GLY B 171 -0.49 -4.18 11.38
CA GLY B 171 0.58 -4.49 12.33
C GLY B 171 0.34 -5.67 13.26
N LEU B 172 -0.57 -6.54 12.87
CA LEU B 172 -0.83 -7.73 13.63
C LEU B 172 0.22 -8.77 13.35
N ILE B 173 0.82 -8.75 12.16
CA ILE B 173 1.92 -9.67 11.85
C ILE B 173 3.04 -8.88 11.20
N ASN B 174 4.24 -9.42 11.22
CA ASN B 174 5.37 -8.77 10.68
C ASN B 174 5.46 -9.07 9.20
N GLY B 175 4.98 -10.21 8.76
CA GLY B 175 5.16 -10.59 7.36
C GLY B 175 4.62 -11.94 6.99
N VAL B 176 4.56 -12.18 5.70
CA VAL B 176 4.00 -13.39 5.15
C VAL B 176 5.11 -14.21 4.60
N VAL B 177 5.12 -15.49 4.89
CA VAL B 177 6.21 -16.38 4.52
C VAL B 177 5.61 -17.67 4.05
N PRO B 178 6.06 -18.17 2.88
CA PRO B 178 5.60 -19.43 2.32
C PRO B 178 5.64 -20.55 3.35
N GLY B 179 4.59 -21.32 3.44
CA GLY B 179 4.46 -22.36 4.48
C GLY B 179 5.66 -23.28 4.62
N GLU B 180 6.29 -23.66 3.52
CA GLU B 180 7.43 -24.54 3.63
C GLU B 180 8.61 -23.90 4.39
N ASP B 181 8.69 -22.58 4.45
CA ASP B 181 9.81 -21.87 5.13
C ASP B 181 9.38 -21.18 6.41
N LEU B 182 8.12 -21.34 6.78
CA LEU B 182 7.54 -20.53 7.82
C LEU B 182 8.21 -20.81 9.16
N GLU B 183 8.31 -22.09 9.52
CA GLU B 183 8.88 -22.44 10.82
C GLU B 183 10.35 -22.10 10.90
N GLU B 184 11.08 -22.32 9.80
CA GLU B 184 12.52 -22.02 9.76
C GLU B 184 12.75 -20.53 9.94
N THR B 185 11.89 -19.72 9.34
CA THR B 185 12.04 -18.29 9.40
C THR B 185 11.66 -17.75 10.77
N ALA B 186 10.57 -18.25 11.34
CA ALA B 186 10.21 -17.86 12.67
C ALA B 186 11.27 -18.29 13.67
N MSE B 187 11.85 -19.47 13.45
CA MSE B 187 12.91 -19.94 14.30
C MSE B 187 14.15 -19.08 14.17
O MSE B 187 14.80 -18.76 15.17
CB MSE B 187 13.25 -21.38 14.00
CG MSE B 187 14.45 -21.91 14.76
SE MSE B 187 14.23 -21.85 16.74
CE MSE B 187 13.47 -23.68 16.93
N ALA B 188 14.47 -18.65 12.95
CA ALA B 188 15.62 -17.75 12.75
C ALA B 188 15.44 -16.45 13.47
N ALA B 189 14.22 -15.91 13.44
CA ALA B 189 13.92 -14.69 14.21
C ALA B 189 14.03 -14.92 15.71
N ALA B 190 13.54 -16.06 16.18
CA ALA B 190 13.70 -16.40 17.61
C ALA B 190 15.17 -16.47 18.04
N ARG B 191 16.00 -17.09 17.22
CA ARG B 191 17.42 -17.20 17.53
C ARG B 191 18.08 -15.83 17.54
N LYS B 192 17.67 -14.96 16.63
CA LYS B 192 18.29 -13.68 16.54
C LYS B 192 17.93 -12.89 17.81
N LEU B 193 16.71 -13.02 18.30
CA LEU B 193 16.39 -12.47 19.61
C LEU B 193 17.19 -13.15 20.74
N ALA B 194 17.39 -14.45 20.65
CA ALA B 194 18.02 -15.17 21.74
C ALA B 194 19.47 -14.80 21.83
N ALA B 195 20.05 -14.31 20.74
CA ALA B 195 21.44 -13.89 20.76
C ALA B 195 21.63 -12.48 21.29
N LYS B 196 20.57 -11.73 21.53
CA LYS B 196 20.69 -10.44 22.23
C LYS B 196 20.92 -10.67 23.72
N PRO B 197 21.33 -9.64 24.46
CA PRO B 197 21.54 -9.81 25.91
C PRO B 197 20.23 -9.80 26.62
N ARG B 198 19.92 -10.94 27.20
CA ARG B 198 18.60 -11.15 27.75
C ARG B 198 18.14 -10.08 28.73
N SER B 199 18.99 -9.69 29.64
CA SER B 199 18.52 -8.79 30.72
C SER B 199 18.17 -7.43 30.16
N ILE B 200 18.89 -6.97 29.16
CA ILE B 200 18.51 -5.77 28.47
C ILE B 200 17.26 -5.94 27.63
N LEU B 201 17.23 -7.00 26.84
CA LEU B 201 16.10 -7.23 25.97
C LEU B 201 14.79 -7.21 26.72
N VAL B 202 14.79 -7.86 27.87
CA VAL B 202 13.65 -7.93 28.70
C VAL B 202 13.21 -6.51 29.17
N GLN B 203 14.18 -5.66 29.46
CA GLN B 203 13.87 -4.31 29.88
C GLN B 203 13.27 -3.51 28.75
N ILE B 204 13.79 -3.73 27.55
CA ILE B 204 13.24 -3.07 26.37
C ILE B 204 11.79 -3.46 26.15
N LYS B 205 11.52 -4.75 26.23
CA LYS B 205 10.16 -5.24 26.08
C LYS B 205 9.27 -4.64 27.14
N ALA B 206 9.74 -4.59 28.38
CA ALA B 206 8.89 -4.08 29.47
C ALA B 206 8.59 -2.60 29.24
N LEU B 207 9.57 -1.86 28.77
CA LEU B 207 9.32 -0.44 28.48
C LEU B 207 8.31 -0.28 27.34
N MSE B 208 8.50 -1.05 26.27
CA MSE B 208 7.60 -0.99 25.15
C MSE B 208 6.21 -1.23 25.59
O MSE B 208 5.28 -0.68 25.03
CB MSE B 208 7.94 -2.02 24.09
CG MSE B 208 9.16 -1.57 23.30
SE MSE B 208 9.72 -3.03 22.10
CE MSE B 208 8.36 -2.80 20.70
N LYS B 209 6.03 -2.13 26.57
CA LYS B 209 4.70 -2.55 26.97
C LYS B 209 4.18 -1.81 28.16
N THR B 210 4.89 -0.78 28.59
CA THR B 210 4.43 0.05 29.68
C THR B 210 3.40 0.99 29.15
N PRO B 211 2.28 1.11 29.85
CA PRO B 211 1.23 1.99 29.34
C PRO B 211 1.75 3.36 29.04
N ALA B 212 1.24 3.92 27.99
CA ALA B 212 1.66 5.24 27.52
C ALA B 212 1.38 6.29 28.59
N GLU B 213 2.25 7.29 28.66
CA GLU B 213 2.19 8.28 29.71
C GLU B 213 2.65 9.62 29.16
N PRO B 214 2.47 10.70 29.92
CA PRO B 214 3.04 11.98 29.46
C PRO B 214 4.49 11.84 29.08
N ILE B 215 4.85 12.48 27.99
CA ILE B 215 6.14 12.25 27.39
C ILE B 215 7.30 12.48 28.36
N MSE B 216 7.24 13.55 29.18
CA MSE B 216 8.36 13.84 30.12
C MSE B 216 8.51 12.72 31.12
O MSE B 216 9.62 12.32 31.43
CB MSE B 216 8.23 15.16 30.84
CG MSE B 216 8.10 16.36 29.88
SE MSE B 216 9.64 16.67 28.65
CE MSE B 216 8.85 17.79 27.24
N ASP B 217 7.40 12.13 31.57
CA ASP B 217 7.52 10.96 32.44
C ASP B 217 8.21 9.82 31.77
N ARG B 218 7.90 9.59 30.50
CA ARG B 218 8.50 8.45 29.81
C ARG B 218 9.99 8.68 29.63
N LEU B 219 10.37 9.93 29.35
CA LEU B 219 11.79 10.23 29.23
C LEU B 219 12.52 9.90 30.51
N THR B 220 11.91 10.31 31.63
CA THR B 220 12.49 10.05 32.92
C THR B 220 12.60 8.55 33.18
N ARG B 221 11.52 7.84 32.89
CA ARG B 221 11.53 6.40 33.06
C ARG B 221 12.63 5.71 32.24
N GLU B 222 12.75 6.03 30.96
CA GLU B 222 13.72 5.36 30.10
C GLU B 222 15.10 5.67 30.61
N ALA B 223 15.32 6.93 30.98
CA ALA B 223 16.63 7.37 31.43
C ALA B 223 17.10 6.65 32.69
N ALA B 224 16.20 6.44 33.63
CA ALA B 224 16.52 5.70 34.85
C ALA B 224 17.00 4.30 34.53
N VAL B 225 16.30 3.61 33.65
CA VAL B 225 16.77 2.28 33.24
C VAL B 225 18.10 2.39 32.50
N PHE B 226 18.16 3.34 31.57
CA PHE B 226 19.34 3.53 30.75
C PHE B 226 20.58 3.71 31.59
N ASP B 227 20.46 4.49 32.66
CA ASP B 227 21.60 4.75 33.55
C ASP B 227 22.20 3.47 34.08
N THR B 228 21.35 2.56 34.52
CA THR B 228 21.81 1.24 34.97
C THR B 228 22.55 0.46 33.89
N CYS B 229 22.12 0.59 32.64
CA CYS B 229 22.80 -0.11 31.54
C CYS B 229 24.22 0.35 31.28
N LEU B 230 24.49 1.63 31.49
CA LEU B 230 25.82 2.19 31.26
C LEU B 230 26.87 1.49 32.10
N LYS B 231 26.45 0.97 33.25
CA LYS B 231 27.36 0.26 34.16
C LYS B 231 27.47 -1.25 33.86
N GLY B 232 26.77 -1.77 32.86
CA GLY B 232 26.56 -3.21 32.76
C GLY B 232 27.56 -3.95 31.91
N GLU B 233 27.62 -5.26 32.10
CA GLU B 233 28.55 -6.10 31.34
C GLU B 233 28.10 -6.23 29.86
N ALA B 234 26.80 -6.12 29.60
CA ALA B 234 26.29 -6.27 28.23
C ALA B 234 26.83 -5.17 27.31
N LEU B 235 26.76 -3.94 27.76
CA LEU B 235 27.35 -2.81 27.04
C LEU B 235 28.83 -3.04 26.81
N ASN B 236 29.50 -3.50 27.85
CA ASN B 236 30.93 -3.71 27.78
C ASN B 236 31.29 -4.72 26.68
N GLU B 237 30.61 -5.86 26.72
CA GLU B 237 30.76 -6.89 25.71
C GLU B 237 30.37 -6.45 24.28
N ALA B 238 29.33 -5.62 24.16
CA ALA B 238 28.91 -5.12 22.85
C ALA B 238 29.98 -4.26 22.23
N VAL B 239 30.55 -3.36 23.02
CA VAL B 239 31.60 -2.46 22.55
C VAL B 239 32.85 -3.24 22.18
N SER B 240 33.30 -4.06 23.13
CA SER B 240 34.46 -4.87 22.93
C SER B 240 34.33 -5.67 21.61
N ALA B 241 33.21 -6.36 21.45
CA ALA B 241 32.98 -7.19 20.27
C ALA B 241 32.97 -6.37 18.97
N PHE B 242 32.43 -5.15 19.04
CA PHE B 242 32.42 -4.25 17.89
C PHE B 242 33.83 -3.85 17.49
N LYS B 243 34.63 -3.46 18.48
CA LYS B 243 36.03 -3.12 18.26
C LYS B 243 36.79 -4.27 17.61
N GLU B 244 36.69 -5.45 18.21
CA GLU B 244 37.43 -6.62 17.71
C GLU B 244 36.79 -7.27 16.48
N LYS B 245 35.86 -6.58 15.83
CA LYS B 245 35.26 -7.04 14.56
C LYS B 245 34.71 -8.49 14.67
N ARG B 246 34.00 -8.80 15.76
CA ARG B 246 33.42 -10.15 15.96
C ARG B 246 32.00 -10.07 16.50
N ALA B 247 31.30 -11.21 16.45
CA ALA B 247 29.96 -11.31 16.99
C ALA B 247 30.06 -11.33 18.52
N PRO B 248 29.17 -10.61 19.19
CA PRO B 248 29.20 -10.56 20.65
C PRO B 248 28.70 -11.87 21.18
N ASP B 249 29.15 -12.26 22.35
CA ASP B 249 28.60 -13.43 23.01
C ASP B 249 28.07 -12.92 24.33
N PHE B 250 26.75 -12.91 24.45
CA PHE B 250 26.10 -12.35 25.62
C PHE B 250 25.73 -13.33 26.73
N SER B 251 26.16 -14.59 26.68
CA SER B 251 25.79 -15.57 27.75
C SER B 251 26.30 -15.17 29.16
N MSE C 1 -12.10 29.25 -32.31
CA MSE C 1 -12.26 30.73 -32.19
C MSE C 1 -12.94 31.05 -30.90
O MSE C 1 -13.96 31.72 -30.92
CB MSE C 1 -13.03 31.28 -33.43
N SER C 2 -12.38 30.59 -29.75
CA SER C 2 -13.15 30.57 -28.48
C SER C 2 -12.37 31.03 -27.27
N GLU C 3 -13.04 31.59 -26.25
CA GLU C 3 -12.41 31.96 -24.95
C GLU C 3 -12.57 30.79 -23.96
N LEU C 4 -13.09 29.73 -24.54
CA LEU C 4 -13.25 28.48 -23.88
C LEU C 4 -11.94 27.70 -23.70
N VAL C 5 -10.88 28.10 -24.39
CA VAL C 5 -9.56 27.53 -24.21
C VAL C 5 -8.54 28.65 -24.17
N LEU C 6 -7.73 28.72 -23.14
CA LEU C 6 -6.73 29.77 -22.97
C LEU C 6 -5.38 29.16 -23.12
N SER C 7 -4.50 29.83 -23.83
CA SER C 7 -3.19 29.32 -24.02
C SER C 7 -2.19 30.45 -23.96
N HIS C 8 -1.05 30.23 -23.34
CA HIS C 8 0.01 31.21 -23.35
C HIS C 8 1.32 30.55 -22.93
N VAL C 9 2.44 31.18 -23.22
CA VAL C 9 3.75 30.60 -22.93
C VAL C 9 4.49 31.37 -21.85
N GLU C 10 5.07 30.68 -20.88
CA GLU C 10 5.89 31.28 -19.83
C GLU C 10 7.10 30.39 -19.58
N GLY C 11 8.31 30.93 -19.70
CA GLY C 11 9.51 30.21 -19.27
C GLY C 11 9.66 28.84 -19.87
N GLY C 12 9.35 28.74 -21.16
CA GLY C 12 9.47 27.49 -21.88
C GLY C 12 8.29 26.53 -21.77
N VAL C 13 7.22 26.96 -21.07
CA VAL C 13 6.08 26.13 -20.80
C VAL C 13 4.87 26.71 -21.47
N GLN C 14 4.21 25.92 -22.30
CA GLN C 14 2.94 26.35 -22.87
C GLN C 14 1.77 25.88 -22.05
N VAL C 15 1.08 26.82 -21.42
CA VAL C 15 -0.02 26.54 -20.57
C VAL C 15 -1.26 26.54 -21.41
N VAL C 16 -2.05 25.48 -21.28
CA VAL C 16 -3.25 25.28 -22.07
C VAL C 16 -4.37 24.96 -21.09
N ARG C 17 -5.31 25.87 -20.95
CA ARG C 17 -6.30 25.77 -19.91
C ARG C 17 -7.71 25.67 -20.49
N MSE C 18 -8.48 24.67 -20.06
CA MSE C 18 -9.85 24.55 -20.45
C MSE C 18 -10.63 25.48 -19.58
O MSE C 18 -10.44 25.51 -18.37
CB MSE C 18 -10.35 23.14 -20.32
CG MSE C 18 -9.57 22.25 -21.30
SE MSE C 18 -10.01 20.33 -20.98
CE MSE C 18 -8.87 20.00 -19.38
N ASN C 19 -11.54 26.21 -20.21
CA ASN C 19 -12.20 27.32 -19.57
C ASN C 19 -13.68 27.44 -19.90
N ARG C 20 -14.44 26.45 -19.50
CA ARG C 20 -15.88 26.45 -19.56
C ARG C 20 -16.37 26.03 -18.17
N PRO C 21 -16.01 26.80 -17.18
CA PRO C 21 -16.16 26.30 -15.81
C PRO C 21 -17.60 26.06 -15.42
N ASP C 22 -18.53 26.78 -16.05
CA ASP C 22 -19.94 26.61 -15.74
C ASP C 22 -20.46 25.23 -16.07
N LYS C 23 -19.85 24.53 -17.00
CA LYS C 23 -20.29 23.19 -17.31
C LYS C 23 -19.22 22.18 -17.01
N LYS C 24 -18.39 22.51 -16.03
CA LYS C 24 -17.30 21.65 -15.59
C LYS C 24 -16.43 21.22 -16.73
N ASN C 25 -16.19 22.14 -17.66
CA ASN C 25 -15.34 21.88 -18.79
C ASN C 25 -15.78 20.70 -19.64
N ALA C 26 -17.08 20.49 -19.70
CA ALA C 26 -17.61 19.52 -20.64
C ALA C 26 -17.26 19.97 -22.06
N LEU C 27 -16.66 19.11 -22.85
CA LEU C 27 -16.09 19.50 -24.11
C LEU C 27 -17.08 19.51 -25.27
N ILE C 28 -16.87 20.47 -26.17
CA ILE C 28 -17.58 20.61 -27.42
C ILE C 28 -16.54 20.77 -28.55
N GLY C 29 -17.00 20.71 -29.78
CA GLY C 29 -16.12 20.75 -30.95
C GLY C 29 -15.15 21.91 -30.97
N GLU C 30 -15.62 23.11 -30.60
CA GLU C 30 -14.74 24.28 -30.65
C GLU C 30 -13.60 24.17 -29.68
N MSE C 31 -13.79 23.43 -28.57
CA MSE C 31 -12.72 23.27 -27.58
C MSE C 31 -11.72 22.28 -28.08
O MSE C 31 -10.54 22.59 -28.11
CB MSE C 31 -13.28 22.83 -26.26
CG MSE C 31 -14.13 23.95 -25.73
SE MSE C 31 -15.02 23.43 -24.05
CE MSE C 31 -13.45 23.42 -22.86
N TYR C 32 -12.18 21.16 -28.61
CA TYR C 32 -11.28 20.22 -29.27
C TYR C 32 -10.42 20.90 -30.30
N ALA C 33 -11.01 21.78 -31.08
CA ALA C 33 -10.28 22.41 -32.19
C ALA C 33 -9.23 23.35 -31.61
N ALA C 34 -9.64 24.18 -30.66
CA ALA C 34 -8.71 25.09 -30.03
C ALA C 34 -7.57 24.34 -29.33
N LEU C 35 -7.89 23.22 -28.71
CA LEU C 35 -6.87 22.41 -28.03
C LEU C 35 -5.90 21.80 -29.01
N ALA C 36 -6.40 21.24 -30.09
CA ALA C 36 -5.54 20.68 -31.12
C ALA C 36 -4.64 21.77 -31.68
N GLU C 37 -5.20 22.95 -31.89
CA GLU C 37 -4.43 24.05 -32.45
C GLU C 37 -3.31 24.40 -31.50
N ALA C 38 -3.64 24.52 -30.22
CA ALA C 38 -2.61 24.84 -29.22
C ALA C 38 -1.44 23.83 -29.19
N PHE C 39 -1.73 22.55 -29.35
CA PHE C 39 -0.67 21.57 -29.45
C PHE C 39 0.15 21.71 -30.70
N ALA C 40 -0.49 21.98 -31.83
CA ALA C 40 0.24 22.16 -33.08
C ALA C 40 1.15 23.38 -32.98
N LYS C 41 0.65 24.46 -32.42
CA LYS C 41 1.50 25.62 -32.26
C LYS C 41 2.69 25.32 -31.34
N GLY C 42 2.41 24.73 -30.17
CA GLY C 42 3.45 24.46 -29.21
C GLY C 42 4.48 23.51 -29.77
N GLU C 43 4.03 22.52 -30.51
CA GLU C 43 4.96 21.53 -31.08
C GLU C 43 5.93 22.16 -32.05
N ALA C 44 5.48 23.19 -32.78
CA ALA C 44 6.30 23.91 -33.76
C ALA C 44 7.07 25.09 -33.18
N ASP C 45 6.67 25.57 -32.00
CA ASP C 45 7.30 26.75 -31.42
C ASP C 45 8.59 26.44 -30.67
N ASP C 46 9.66 27.02 -31.15
CA ASP C 46 10.94 26.85 -30.56
C ASP C 46 11.08 27.43 -29.14
N ASP C 47 10.22 28.32 -28.73
CA ASP C 47 10.28 28.82 -27.35
C ASP C 47 9.58 27.92 -26.35
N VAL C 48 8.94 26.88 -26.85
CA VAL C 48 8.21 25.94 -26.01
C VAL C 48 8.96 24.61 -25.82
N ASN C 49 9.20 24.25 -24.58
CA ASN C 49 9.80 22.98 -24.26
C ASN C 49 8.85 21.97 -23.69
N VAL C 50 7.78 22.43 -23.04
CA VAL C 50 6.88 21.56 -22.32
C VAL C 50 5.48 22.13 -22.39
N PHE C 51 4.47 21.26 -22.38
CA PHE C 51 3.07 21.66 -22.19
C PHE C 51 2.58 21.42 -20.79
N LEU C 52 1.70 22.30 -20.35
CA LEU C 52 1.01 22.10 -19.10
C LEU C 52 -0.50 22.28 -19.32
N ILE C 53 -1.27 21.23 -19.10
CA ILE C 53 -2.69 21.26 -19.31
C ILE C 53 -3.44 21.37 -18.03
N LEU C 54 -4.33 22.34 -17.97
CA LEU C 54 -5.07 22.68 -16.76
C LEU C 54 -6.56 22.77 -17.03
N GLY C 55 -7.35 22.69 -15.97
CA GLY C 55 -8.77 22.95 -16.07
C GLY C 55 -9.18 24.20 -15.33
N SER C 56 -10.40 24.17 -14.81
CA SER C 56 -10.95 25.29 -14.07
C SER C 56 -10.40 25.22 -12.66
N GLN C 57 -10.89 26.09 -11.80
CA GLN C 57 -10.48 26.04 -10.41
C GLN C 57 -11.19 24.94 -9.68
N THR C 58 -12.18 24.32 -10.30
CA THR C 58 -12.88 23.21 -9.62
C THR C 58 -12.92 21.90 -10.37
N ASP C 59 -12.61 21.88 -11.66
CA ASP C 59 -12.75 20.68 -12.45
C ASP C 59 -11.76 20.62 -13.59
N PHE C 60 -11.41 19.41 -13.97
CA PHE C 60 -10.55 19.22 -15.09
C PHE C 60 -11.41 19.14 -16.34
N SER C 61 -12.21 18.08 -16.46
CA SER C 61 -13.20 17.99 -17.51
C SER C 61 -14.17 16.93 -17.21
N ALA C 62 -15.44 17.29 -17.36
CA ALA C 62 -16.50 16.35 -17.24
C ALA C 62 -16.73 15.52 -18.51
N GLY C 63 -15.81 15.55 -19.46
CA GLY C 63 -15.90 14.73 -20.64
C GLY C 63 -16.72 15.44 -21.66
N ASN C 64 -17.19 14.70 -22.65
CA ASN C 64 -17.94 15.33 -23.69
C ASN C 64 -19.25 15.86 -23.21
N ASP C 65 -19.62 17.01 -23.75
CA ASP C 65 -20.95 17.54 -23.54
C ASP C 65 -21.90 16.49 -24.11
N LEU C 66 -22.84 16.02 -23.31
CA LEU C 66 -23.61 14.86 -23.71
C LEU C 66 -24.61 15.11 -24.88
N PRO C 67 -25.40 16.20 -24.79
CA PRO C 67 -26.25 16.57 -25.93
C PRO C 67 -25.47 16.68 -27.22
N ASP C 68 -24.34 17.36 -27.17
CA ASP C 68 -23.51 17.50 -28.35
C ASP C 68 -23.04 16.14 -28.88
N PHE C 69 -22.63 15.30 -27.96
CA PHE C 69 -22.04 14.01 -28.29
C PHE C 69 -23.01 13.09 -29.02
N LEU C 70 -24.28 13.16 -28.64
CA LEU C 70 -25.32 12.35 -29.26
C LEU C 70 -25.58 12.71 -30.70
N THR C 71 -25.00 13.81 -31.15
CA THR C 71 -25.13 14.24 -32.56
C THR C 71 -23.92 13.93 -33.42
N TRP C 72 -22.93 13.25 -32.89
CA TRP C 72 -21.80 12.88 -33.70
C TRP C 72 -22.13 11.84 -34.72
N GLU C 73 -21.67 12.06 -35.94
CA GLU C 73 -21.83 11.06 -36.98
C GLU C 73 -20.76 9.97 -36.83
N ALA C 74 -19.58 10.35 -36.37
CA ALA C 74 -18.46 9.43 -36.23
C ALA C 74 -17.42 9.93 -35.24
N LEU C 75 -16.62 9.03 -34.69
CA LEU C 75 -15.42 9.40 -33.99
C LEU C 75 -14.25 9.47 -34.98
N SER C 76 -14.14 8.50 -35.89
CA SER C 76 -13.07 8.50 -36.90
C SER C 76 -13.05 9.77 -37.69
N GLY C 77 -11.91 10.41 -37.75
CA GLY C 77 -11.80 11.65 -38.51
C GLY C 77 -12.42 12.89 -37.85
N SER C 78 -13.05 12.76 -36.68
CA SER C 78 -13.60 13.92 -35.99
C SER C 78 -12.53 14.82 -35.34
N VAL C 79 -12.99 15.97 -34.93
CA VAL C 79 -12.15 16.93 -34.27
C VAL C 79 -11.66 16.34 -32.91
N ALA C 80 -12.48 15.54 -32.25
CA ALA C 80 -12.03 14.91 -31.02
C ALA C 80 -10.89 13.96 -31.31
N ASP C 81 -11.02 13.18 -32.37
CA ASP C 81 -9.96 12.30 -32.81
C ASP C 81 -8.68 13.10 -33.11
N ARG C 82 -8.81 14.25 -33.75
CA ARG C 82 -7.64 15.08 -34.05
C ARG C 82 -6.92 15.46 -32.74
N PHE C 83 -7.68 15.92 -31.76
CA PHE C 83 -7.08 16.33 -30.51
C PHE C 83 -6.31 15.20 -29.84
N ILE C 84 -6.96 14.06 -29.75
CA ILE C 84 -6.40 12.90 -29.11
C ILE C 84 -5.11 12.52 -29.81
N ARG C 85 -5.14 12.49 -31.13
CA ARG C 85 -3.89 12.17 -31.88
C ARG C 85 -2.83 13.21 -31.64
N ALA C 86 -3.22 14.47 -31.55
CA ALA C 86 -2.24 15.52 -31.28
C ALA C 86 -1.50 15.29 -29.96
N VAL C 87 -2.21 14.87 -28.93
CA VAL C 87 -1.57 14.64 -27.64
C VAL C 87 -0.81 13.33 -27.62
N ALA C 88 -1.43 12.28 -28.12
CA ALA C 88 -0.77 10.99 -28.18
C ALA C 88 0.52 11.07 -28.96
N GLY C 89 0.56 11.86 -30.03
CA GLY C 89 1.76 12.00 -30.85
C GLY C 89 2.68 13.16 -30.47
N ALA C 90 2.37 13.91 -29.42
CA ALA C 90 3.22 15.06 -29.07
C ALA C 90 4.62 14.63 -28.71
N ARG C 91 5.60 15.24 -29.35
CA ARG C 91 7.00 14.92 -29.11
C ARG C 91 7.51 15.54 -27.82
N LYS C 92 6.98 16.70 -27.49
CA LYS C 92 7.38 17.38 -26.27
C LYS C 92 6.58 16.86 -25.07
N PRO C 93 7.13 17.03 -23.88
CA PRO C 93 6.48 16.54 -22.69
C PRO C 93 5.23 17.28 -22.35
N VAL C 94 4.34 16.57 -21.65
CA VAL C 94 3.02 17.06 -21.33
C VAL C 94 2.73 16.76 -19.86
N VAL C 95 2.43 17.79 -19.10
CA VAL C 95 2.12 17.66 -17.70
C VAL C 95 0.68 18.08 -17.51
N ALA C 96 -0.06 17.37 -16.71
CA ALA C 96 -1.44 17.74 -16.44
C ALA C 96 -1.71 17.88 -14.96
N ALA C 97 -2.63 18.78 -14.62
CA ALA C 97 -3.05 18.94 -13.26
C ALA C 97 -4.53 18.79 -13.26
N VAL C 98 -5.04 17.76 -12.58
CA VAL C 98 -6.45 17.47 -12.58
C VAL C 98 -7.07 17.65 -11.24
N ARG C 99 -8.38 17.85 -11.23
CA ARG C 99 -9.17 17.97 -10.00
C ARG C 99 -10.61 17.83 -10.32
N GLY C 100 -11.44 17.66 -9.29
CA GLY C 100 -12.88 17.49 -9.47
C GLY C 100 -13.19 16.42 -10.49
N ALA C 101 -14.01 16.75 -11.47
CA ALA C 101 -14.37 15.80 -12.51
C ALA C 101 -13.23 15.54 -13.50
N ALA C 102 -12.94 14.27 -13.73
CA ALA C 102 -12.08 13.82 -14.81
C ALA C 102 -12.76 12.66 -15.48
N ILE C 103 -13.68 13.00 -16.38
CA ILE C 103 -14.62 12.03 -16.90
C ILE C 103 -14.46 11.86 -18.38
N GLY C 104 -14.59 10.60 -18.82
CA GLY C 104 -14.43 10.25 -20.19
C GLY C 104 -13.05 10.57 -20.67
N ILE C 105 -12.99 11.48 -21.62
CA ILE C 105 -11.73 11.98 -22.16
C ILE C 105 -10.90 12.67 -21.06
N GLY C 106 -11.56 13.24 -20.06
CA GLY C 106 -10.85 13.77 -18.92
C GLY C 106 -9.99 12.74 -18.23
N SER C 107 -10.38 11.48 -18.25
CA SER C 107 -9.54 10.41 -17.75
C SER C 107 -8.67 9.76 -18.82
N THR C 108 -9.21 9.52 -20.01
CA THR C 108 -8.55 8.62 -20.99
C THR C 108 -7.44 9.33 -21.70
N LEU C 109 -7.40 10.63 -21.54
CA LEU C 109 -6.26 11.42 -21.97
C LEU C 109 -4.99 11.25 -21.12
N LEU C 110 -5.17 10.94 -19.86
CA LEU C 110 -4.07 11.04 -18.92
C LEU C 110 -2.95 10.05 -19.22
N PRO C 111 -3.28 8.89 -19.79
CA PRO C 111 -2.17 7.96 -20.09
C PRO C 111 -1.21 8.47 -21.17
N HIS C 112 -1.60 9.48 -21.92
CA HIS C 112 -0.71 10.12 -22.86
C HIS C 112 0.08 11.27 -22.24
N CYS C 113 -0.18 11.63 -20.99
CA CYS C 113 0.63 12.61 -20.34
C CYS C 113 1.90 11.98 -19.75
N ASP C 114 2.94 12.80 -19.56
CA ASP C 114 4.18 12.34 -19.03
C ASP C 114 4.17 12.46 -17.54
N LEU C 115 3.53 13.49 -17.02
CA LEU C 115 3.30 13.62 -15.58
C LEU C 115 1.93 14.15 -15.32
N VAL C 116 1.32 13.70 -14.25
CA VAL C 116 -0.01 14.10 -13.87
C VAL C 116 -0.16 14.19 -12.37
N TYR C 117 -0.69 15.30 -11.89
CA TYR C 117 -0.92 15.51 -10.44
C TYR C 117 -2.39 15.76 -10.32
N ALA C 118 -2.97 15.28 -9.23
CA ALA C 118 -4.38 15.38 -8.98
C ALA C 118 -4.70 15.90 -7.61
N ALA C 119 -5.80 16.63 -7.49
CA ALA C 119 -6.24 17.14 -6.20
C ALA C 119 -6.97 16.07 -5.47
N PRO C 120 -7.02 16.15 -4.14
CA PRO C 120 -7.69 15.18 -3.26
C PRO C 120 -9.10 14.81 -3.69
N GLY C 121 -9.92 15.76 -4.09
CA GLY C 121 -11.28 15.29 -4.48
C GLY C 121 -11.49 14.76 -5.91
N THR C 122 -10.42 14.45 -6.63
CA THR C 122 -10.63 14.09 -8.04
C THR C 122 -11.41 12.79 -8.22
N ARG C 123 -12.35 12.82 -9.15
CA ARG C 123 -13.20 11.67 -9.44
C ARG C 123 -12.98 11.24 -10.90
N PHE C 124 -12.44 10.04 -11.09
CA PHE C 124 -12.11 9.55 -12.42
C PHE C 124 -13.24 8.64 -12.87
N HIS C 125 -13.60 8.69 -14.16
CA HIS C 125 -14.72 7.86 -14.62
C HIS C 125 -14.66 7.65 -16.10
N MSE C 126 -14.84 6.40 -16.51
CA MSE C 126 -14.94 6.03 -17.92
C MSE C 126 -16.25 5.30 -18.17
O MSE C 126 -16.25 4.10 -18.37
CB MSE C 126 -13.76 5.15 -18.25
CG MSE C 126 -12.52 6.03 -18.25
SE MSE C 126 -10.88 4.91 -18.22
CE MSE C 126 -9.66 5.99 -17.12
N PRO C 127 -17.37 6.03 -18.25
CA PRO C 127 -18.69 5.43 -18.31
C PRO C 127 -19.23 5.02 -19.71
N PHE C 128 -18.35 4.79 -20.68
CA PHE C 128 -18.71 4.37 -22.01
C PHE C 128 -19.74 3.27 -22.06
N ILE C 129 -19.52 2.19 -21.34
CA ILE C 129 -20.44 1.09 -21.34
C ILE C 129 -21.86 1.53 -20.96
N ASN C 130 -21.99 2.46 -20.03
CA ASN C 130 -23.34 2.91 -19.63
C ASN C 130 -23.99 3.81 -20.66
N LEU C 131 -23.25 4.26 -21.66
CA LEU C 131 -23.83 4.96 -22.76
C LEU C 131 -23.97 4.09 -23.99
N GLY C 132 -23.75 2.78 -23.88
CA GLY C 132 -23.77 1.92 -25.05
C GLY C 132 -22.64 2.12 -26.05
N ILE C 133 -21.53 2.62 -25.60
CA ILE C 133 -20.39 2.80 -26.49
C ILE C 133 -19.12 2.17 -25.94
N VAL C 134 -18.06 2.23 -26.71
CA VAL C 134 -16.78 1.73 -26.30
C VAL C 134 -15.80 2.84 -25.92
N PRO C 135 -14.76 2.48 -25.18
CA PRO C 135 -13.75 3.42 -24.82
C PRO C 135 -12.93 3.88 -26.01
N GLU C 136 -12.42 5.07 -25.82
CA GLU C 136 -11.74 5.82 -26.82
C GLU C 136 -10.34 6.17 -26.27
N ALA C 137 -9.62 6.92 -27.09
CA ALA C 137 -8.33 7.44 -26.75
C ALA C 137 -7.28 6.40 -26.36
N GLY C 138 -7.47 5.16 -26.81
CA GLY C 138 -6.52 4.07 -26.54
C GLY C 138 -6.68 3.41 -25.19
N SER C 139 -7.74 3.77 -24.45
CA SER C 139 -7.89 3.29 -23.09
C SER C 139 -8.06 1.79 -23.03
N SER C 140 -8.65 1.18 -24.09
CA SER C 140 -8.76 -0.28 -24.16
C SER C 140 -7.39 -0.95 -24.11
N GLN C 141 -6.34 -0.22 -24.41
CA GLN C 141 -4.99 -0.73 -24.28
C GLN C 141 -4.26 -0.17 -23.04
N THR C 142 -4.37 1.13 -22.82
CA THR C 142 -3.58 1.72 -21.75
C THR C 142 -4.09 1.29 -20.36
N MSE C 143 -5.41 1.20 -20.13
CA MSE C 143 -5.89 0.83 -18.80
C MSE C 143 -5.48 -0.56 -18.42
O MSE C 143 -5.00 -0.77 -17.31
CB MSE C 143 -7.38 1.06 -18.57
CG MSE C 143 -7.71 2.51 -18.78
SE MSE C 143 -6.51 3.80 -17.76
CE MSE C 143 -7.05 5.24 -19.00
N PRO C 144 -5.69 -1.54 -19.30
CA PRO C 144 -5.30 -2.89 -18.89
C PRO C 144 -3.81 -2.98 -18.67
N ALA C 145 -3.03 -2.29 -19.50
CA ALA C 145 -1.57 -2.30 -19.33
C ALA C 145 -1.19 -1.72 -17.96
N LEU C 146 -1.86 -0.67 -17.51
CA LEU C 146 -1.50 -0.05 -16.25
C LEU C 146 -2.02 -0.77 -15.04
N ALA C 147 -3.27 -1.20 -15.11
CA ALA C 147 -3.99 -1.66 -13.93
C ALA C 147 -4.14 -3.17 -13.87
N GLY C 148 -3.81 -3.83 -14.95
CA GLY C 148 -4.16 -5.23 -15.10
C GLY C 148 -5.61 -5.35 -15.54
N HIS C 149 -5.95 -6.49 -16.15
CA HIS C 149 -7.21 -6.61 -16.82
C HIS C 149 -8.40 -6.49 -15.85
N ARG C 150 -8.27 -7.04 -14.66
CA ARG C 150 -9.39 -7.08 -13.75
C ARG C 150 -9.72 -5.74 -13.13
N ARG C 151 -8.71 -4.98 -12.75
CA ARG C 151 -8.99 -3.68 -12.18
C ARG C 151 -9.47 -2.76 -13.33
N ALA C 152 -8.94 -2.94 -14.54
CA ALA C 152 -9.42 -2.18 -15.69
C ALA C 152 -10.83 -2.56 -16.05
N ALA C 153 -11.24 -3.79 -15.82
CA ALA C 153 -12.63 -4.16 -16.05
C ALA C 153 -13.60 -3.46 -15.11
N GLU C 154 -13.22 -3.16 -13.85
CA GLU C 154 -14.06 -2.31 -13.02
C GLU C 154 -14.32 -0.96 -13.69
N MSE C 155 -13.31 -0.44 -14.35
CA MSE C 155 -13.42 0.88 -14.95
C MSE C 155 -14.19 0.86 -16.22
O MSE C 155 -15.07 1.68 -16.42
CB MSE C 155 -12.04 1.45 -15.27
CG MSE C 155 -11.10 1.52 -14.05
SE MSE C 155 -9.23 1.86 -14.57
CE MSE C 155 -9.44 3.09 -16.04
N LEU C 156 -13.88 -0.10 -17.08
CA LEU C 156 -14.40 -0.11 -18.43
C LEU C 156 -15.63 -1.00 -18.64
N MSE C 157 -15.73 -2.11 -17.93
CA MSE C 157 -16.82 -3.04 -18.13
C MSE C 157 -17.93 -2.78 -17.14
O MSE C 157 -19.08 -2.79 -17.51
CB MSE C 157 -16.29 -4.47 -18.13
CG MSE C 157 -15.47 -4.72 -19.40
SE MSE C 157 -14.63 -6.52 -19.41
CE MSE C 157 -16.22 -7.62 -19.19
N LEU C 158 -17.60 -2.61 -15.85
CA LEU C 158 -18.61 -2.21 -14.86
C LEU C 158 -18.90 -0.74 -14.99
N GLY C 159 -17.98 0.02 -15.59
CA GLY C 159 -18.19 1.45 -15.76
C GLY C 159 -18.23 2.22 -14.45
N GLU C 160 -17.43 1.81 -13.51
CA GLU C 160 -17.43 2.41 -12.19
C GLU C 160 -16.39 3.50 -12.01
N PRO C 161 -16.77 4.59 -11.33
CA PRO C 161 -15.84 5.67 -11.09
C PRO C 161 -14.84 5.25 -10.05
N PHE C 162 -13.68 5.90 -10.03
CA PHE C 162 -12.68 5.58 -9.04
C PHE C 162 -11.96 6.85 -8.67
N GLY C 163 -11.12 6.73 -7.63
CA GLY C 163 -10.54 7.85 -6.93
C GLY C 163 -9.05 7.83 -7.02
N VAL C 164 -8.45 8.78 -6.30
CA VAL C 164 -7.02 8.98 -6.33
C VAL C 164 -6.24 7.80 -5.76
N ASP C 165 -6.85 7.03 -4.86
CA ASP C 165 -6.21 5.83 -4.39
C ASP C 165 -5.86 4.87 -5.52
N THR C 166 -6.84 4.55 -6.32
CA THR C 166 -6.64 3.65 -7.41
C THR C 166 -5.76 4.31 -8.46
N ALA C 167 -6.01 5.59 -8.74
CA ALA C 167 -5.31 6.23 -9.83
C ALA C 167 -3.83 6.26 -9.57
N GLU C 168 -3.43 6.57 -8.34
CA GLU C 168 -2.04 6.50 -8.04
C GLU C 168 -1.55 5.06 -8.01
N ALA C 169 -2.30 4.14 -7.44
CA ALA C 169 -1.80 2.77 -7.38
C ALA C 169 -1.54 2.17 -8.77
N VAL C 170 -2.36 2.47 -9.76
CA VAL C 170 -2.11 1.89 -11.05
C VAL C 170 -1.24 2.76 -11.95
N GLY C 171 -0.71 3.87 -11.45
CA GLY C 171 0.23 4.66 -12.22
C GLY C 171 -0.41 5.60 -13.25
N LEU C 172 -1.66 5.92 -13.01
CA LEU C 172 -2.32 6.91 -13.85
C LEU C 172 -1.88 8.30 -13.48
N ILE C 173 -1.54 8.52 -12.23
CA ILE C 173 -1.08 9.85 -11.78
C ILE C 173 0.18 9.66 -10.97
N ASN C 174 0.97 10.71 -10.84
CA ASN C 174 2.15 10.63 -10.07
C ASN C 174 1.85 10.87 -8.61
N GLY C 175 0.83 11.64 -8.28
CA GLY C 175 0.65 12.01 -6.90
C GLY C 175 -0.51 12.94 -6.65
N VAL C 176 -0.86 13.06 -5.39
CA VAL C 176 -1.96 13.85 -4.99
C VAL C 176 -1.45 15.10 -4.32
N VAL C 177 -2.00 16.25 -4.66
CA VAL C 177 -1.55 17.53 -4.16
C VAL C 177 -2.75 18.38 -3.83
N PRO C 178 -2.78 18.97 -2.63
CA PRO C 178 -3.87 19.87 -2.18
C PRO C 178 -4.20 20.93 -3.23
N GLY C 179 -5.48 21.12 -3.50
CA GLY C 179 -5.92 22.01 -4.58
C GLY C 179 -5.27 23.37 -4.58
N GLU C 180 -5.07 23.97 -3.41
CA GLU C 180 -4.47 25.30 -3.38
C GLU C 180 -3.03 25.30 -3.89
N ASP C 181 -2.32 24.17 -3.92
CA ASP C 181 -0.94 24.09 -4.42
C ASP C 181 -0.80 23.30 -5.71
N LEU C 182 -1.93 22.88 -6.27
CA LEU C 182 -1.89 21.96 -7.37
C LEU C 182 -1.23 22.56 -8.60
N GLU C 183 -1.69 23.73 -9.01
CA GLU C 183 -1.18 24.36 -10.22
C GLU C 183 0.28 24.76 -10.09
N GLU C 184 0.64 25.25 -8.90
CA GLU C 184 2.02 25.62 -8.65
C GLU C 184 2.94 24.43 -8.76
N THR C 185 2.49 23.31 -8.21
CA THR C 185 3.31 22.11 -8.18
C THR C 185 3.45 21.54 -9.58
N ALA C 186 2.35 21.51 -10.33
CA ALA C 186 2.41 21.02 -11.67
C ALA C 186 3.29 21.92 -12.50
N MSE C 187 3.23 23.22 -12.25
CA MSE C 187 4.05 24.16 -12.99
C MSE C 187 5.49 23.93 -12.65
O MSE C 187 6.36 24.05 -13.50
CB MSE C 187 3.60 25.59 -12.67
CG MSE C 187 4.51 26.63 -13.26
SE MSE C 187 4.63 26.57 -15.26
CE MSE C 187 3.15 27.83 -15.61
N ALA C 188 5.78 23.65 -11.39
CA ALA C 188 7.17 23.42 -10.98
C ALA C 188 7.71 22.21 -11.66
N ALA C 189 6.88 21.19 -11.81
CA ALA C 189 7.32 20.01 -12.54
C ALA C 189 7.55 20.30 -14.02
N ALA C 190 6.67 21.10 -14.62
CA ALA C 190 6.86 21.54 -15.98
C ALA C 190 8.17 22.29 -16.17
N ARG C 191 8.46 23.20 -15.25
CA ARG C 191 9.71 23.99 -15.35
C ARG C 191 10.94 23.10 -15.17
N LYS C 192 10.86 22.12 -14.31
CA LYS C 192 11.96 21.26 -14.13
C LYS C 192 12.22 20.48 -15.43
N LEU C 193 11.17 20.03 -16.10
CA LEU C 193 11.34 19.41 -17.40
C LEU C 193 11.88 20.42 -18.43
N ALA C 194 11.41 21.66 -18.35
CA ALA C 194 11.80 22.63 -19.34
C ALA C 194 13.26 23.00 -19.18
N ALA C 195 13.82 22.80 -18.00
CA ALA C 195 15.25 23.10 -17.78
C ALA C 195 16.14 21.97 -18.23
N LYS C 196 15.60 20.81 -18.59
CA LYS C 196 16.43 19.78 -19.18
C LYS C 196 16.78 20.17 -20.61
N PRO C 197 17.80 19.53 -21.20
CA PRO C 197 18.10 19.74 -22.63
C PRO C 197 17.03 19.15 -23.55
N ARG C 198 16.30 20.03 -24.24
CA ARG C 198 15.14 19.63 -24.99
C ARG C 198 15.40 18.49 -25.96
N SER C 199 16.48 18.55 -26.70
CA SER C 199 16.64 17.60 -27.80
C SER C 199 16.84 16.21 -27.23
N ILE C 200 17.52 16.11 -26.11
CA ILE C 200 17.68 14.83 -25.44
C ILE C 200 16.40 14.34 -24.81
N LEU C 201 15.72 15.23 -24.12
CA LEU C 201 14.49 14.88 -23.45
C LEU C 201 13.48 14.30 -24.39
N VAL C 202 13.37 14.91 -25.55
CA VAL C 202 12.48 14.45 -26.58
C VAL C 202 12.83 13.03 -27.04
N GLN C 203 14.11 12.72 -27.14
CA GLN C 203 14.54 11.40 -27.56
C GLN C 203 14.20 10.38 -26.50
N ILE C 204 14.34 10.77 -25.24
CA ILE C 204 14.00 9.89 -24.15
C ILE C 204 12.54 9.56 -24.19
N LYS C 205 11.71 10.59 -24.38
CA LYS C 205 10.27 10.36 -24.41
C LYS C 205 9.92 9.46 -25.57
N ALA C 206 10.54 9.68 -26.73
CA ALA C 206 10.23 8.86 -27.91
C ALA C 206 10.62 7.41 -27.70
N LEU C 207 11.77 7.18 -27.09
CA LEU C 207 12.14 5.79 -26.75
C LEU C 207 11.16 5.15 -25.76
N MSE C 208 10.80 5.91 -24.73
CA MSE C 208 9.86 5.38 -23.75
C MSE C 208 8.58 4.97 -24.39
O MSE C 208 7.97 4.02 -23.95
CB MSE C 208 9.54 6.41 -22.67
CG MSE C 208 10.72 6.51 -21.71
SE MSE C 208 10.37 7.96 -20.45
CE MSE C 208 9.07 7.08 -19.26
N LYS C 209 8.17 5.70 -25.41
CA LYS C 209 6.87 5.47 -26.03
C LYS C 209 6.95 4.64 -27.27
N THR C 210 8.13 4.09 -27.55
CA THR C 210 8.28 3.18 -28.66
C THR C 210 7.70 1.84 -28.25
N PRO C 211 6.91 1.21 -29.14
CA PRO C 211 6.32 -0.06 -28.76
C PRO C 211 7.36 -1.05 -28.34
N ALA C 212 7.01 -1.85 -27.35
CA ALA C 212 7.90 -2.82 -26.77
C ALA C 212 8.31 -3.85 -27.81
N GLU C 213 9.54 -4.31 -27.71
CA GLU C 213 10.11 -5.15 -28.74
C GLU C 213 11.06 -6.13 -28.10
N PRO C 214 11.54 -7.10 -28.86
CA PRO C 214 12.52 -8.00 -28.27
C PRO C 214 13.66 -7.21 -27.67
N ILE C 215 14.11 -7.66 -26.52
CA ILE C 215 15.06 -6.90 -25.74
C ILE C 215 16.34 -6.55 -26.49
N MSE C 216 16.90 -7.48 -27.27
CA MSE C 216 18.11 -7.17 -28.01
C MSE C 216 17.87 -6.07 -29.01
O MSE C 216 18.74 -5.20 -29.18
CB MSE C 216 18.70 -8.38 -28.70
CG MSE C 216 19.01 -9.54 -27.75
SE MSE C 216 20.35 -9.12 -26.34
CE MSE C 216 19.96 -10.52 -24.97
N ASP C 217 16.73 -6.05 -29.67
CA ASP C 217 16.39 -4.92 -30.56
C ASP C 217 16.35 -3.61 -29.84
N ARG C 218 15.80 -3.61 -28.62
CA ARG C 218 15.72 -2.37 -27.86
C ARG C 218 17.11 -1.89 -27.44
N LEU C 219 17.98 -2.82 -27.06
CA LEU C 219 19.35 -2.45 -26.72
C LEU C 219 20.05 -1.79 -27.88
N THR C 220 19.87 -2.37 -29.06
CA THR C 220 20.44 -1.80 -30.27
C THR C 220 19.89 -0.41 -30.53
N ARG C 221 18.57 -0.29 -30.41
CA ARG C 221 17.94 1.00 -30.66
C ARG C 221 18.47 2.08 -29.73
N GLU C 222 18.54 1.78 -28.45
CA GLU C 222 18.95 2.78 -27.47
C GLU C 222 20.36 3.18 -27.76
N ALA C 223 21.19 2.18 -28.04
CA ALA C 223 22.61 2.40 -28.26
C ALA C 223 22.89 3.29 -29.47
N ALA C 224 22.15 3.10 -30.54
CA ALA C 224 22.26 3.96 -31.69
C ALA C 224 22.00 5.43 -31.33
N VAL C 225 20.91 5.67 -30.58
CA VAL C 225 20.62 7.04 -30.17
C VAL C 225 21.71 7.55 -29.23
N PHE C 226 22.06 6.70 -28.27
CA PHE C 226 23.08 7.03 -27.29
C PHE C 226 24.39 7.48 -27.94
N ASP C 227 24.84 6.76 -28.97
CA ASP C 227 26.06 7.12 -29.70
C ASP C 227 26.05 8.58 -30.18
N THR C 228 24.93 9.00 -30.75
CA THR C 228 24.75 10.41 -31.14
C THR C 228 24.87 11.39 -29.99
N CYS C 229 24.38 11.02 -28.82
CA CYS C 229 24.50 11.90 -27.64
C CYS C 229 25.93 12.13 -27.14
N LEU C 230 26.79 11.15 -27.30
CA LEU C 230 28.20 11.28 -26.90
C LEU C 230 28.90 12.42 -27.62
N LYS C 231 28.45 12.73 -28.83
CA LYS C 231 28.97 13.84 -29.62
C LYS C 231 28.25 15.20 -29.36
N GLY C 232 27.28 15.27 -28.45
CA GLY C 232 26.39 16.43 -28.39
C GLY C 232 26.83 17.53 -27.43
N GLU C 233 26.27 18.72 -27.63
CA GLU C 233 26.59 19.87 -26.78
C GLU C 233 26.01 19.70 -25.34
N ALA C 234 24.90 18.99 -25.22
CA ALA C 234 24.27 18.80 -23.91
C ALA C 234 25.17 18.03 -22.92
N LEU C 235 25.72 16.90 -23.38
CA LEU C 235 26.72 16.20 -22.58
C LEU C 235 27.90 17.11 -22.23
N ASN C 236 28.34 17.87 -23.21
CA ASN C 236 29.49 18.70 -23.02
C ASN C 236 29.25 19.71 -21.91
N GLU C 237 28.10 20.39 -21.98
CA GLU C 237 27.66 21.35 -20.97
C GLU C 237 27.46 20.74 -19.60
N ALA C 238 26.96 19.53 -19.55
CA ALA C 238 26.78 18.84 -18.26
C ALA C 238 28.11 18.59 -17.56
N VAL C 239 29.07 18.08 -18.32
CA VAL C 239 30.38 17.78 -17.78
C VAL C 239 31.09 19.06 -17.37
N SER C 240 31.17 20.00 -18.29
CA SER C 240 31.77 21.28 -18.03
C SER C 240 31.20 21.89 -16.73
N ALA C 241 29.88 21.95 -16.63
CA ALA C 241 29.22 22.53 -15.46
C ALA C 241 29.58 21.79 -14.19
N PHE C 242 29.71 20.48 -14.29
CA PHE C 242 30.09 19.68 -13.12
C PHE C 242 31.51 20.04 -12.66
N LYS C 243 32.43 20.11 -13.60
CA LYS C 243 33.82 20.46 -13.33
C LYS C 243 33.93 21.82 -12.67
N GLU C 244 33.28 22.82 -13.26
CA GLU C 244 33.28 24.18 -12.73
C GLU C 244 32.35 24.41 -11.52
N LYS C 245 31.85 23.33 -10.92
CA LYS C 245 31.03 23.41 -9.70
C LYS C 245 29.84 24.40 -9.79
N ARG C 246 29.12 24.34 -10.90
CA ARG C 246 27.97 25.21 -11.12
C ARG C 246 26.79 24.44 -11.71
N ALA C 247 25.63 25.06 -11.69
CA ALA C 247 24.45 24.48 -12.30
C ALA C 247 24.60 24.60 -13.82
N PRO C 248 24.23 23.53 -14.56
CA PRO C 248 24.28 23.59 -16.02
C PRO C 248 23.21 24.51 -16.54
N ASP C 249 23.46 25.13 -17.68
CA ASP C 249 22.43 25.86 -18.36
C ASP C 249 22.28 25.17 -19.70
N PHE C 250 21.15 24.51 -19.89
CA PHE C 250 20.91 23.78 -21.12
C PHE C 250 20.14 24.55 -22.18
N SER C 251 19.93 25.85 -21.99
CA SER C 251 19.27 26.70 -23.02
C SER C 251 19.82 26.66 -24.46
N LYS C 252 21.05 26.24 -24.70
CA LYS C 252 21.61 26.33 -26.05
C LYS C 252 22.24 25.00 -26.50
N SER D 2 43.29 -7.22 -11.97
CA SER D 2 41.84 -7.56 -11.84
C SER D 2 41.53 -8.45 -10.66
N GLU D 3 41.56 -7.83 -9.50
CA GLU D 3 40.83 -8.29 -8.34
C GLU D 3 39.60 -7.40 -8.14
N LEU D 4 39.31 -6.60 -9.15
CA LEU D 4 38.15 -5.75 -9.16
C LEU D 4 36.86 -6.51 -9.32
N VAL D 5 36.92 -7.76 -9.76
CA VAL D 5 35.76 -8.60 -9.85
C VAL D 5 36.13 -9.95 -9.33
N LEU D 6 35.41 -10.45 -8.34
CA LEU D 6 35.68 -11.75 -7.73
C LEU D 6 34.60 -12.70 -8.14
N SER D 7 34.98 -13.92 -8.46
CA SER D 7 34.01 -14.89 -8.90
C SER D 7 34.37 -16.24 -8.34
N HIS D 8 33.41 -17.00 -7.87
CA HIS D 8 33.69 -18.37 -7.45
C HIS D 8 32.37 -19.14 -7.41
N VAL D 9 32.44 -20.46 -7.38
CA VAL D 9 31.24 -21.29 -7.38
C VAL D 9 31.07 -22.05 -6.07
N GLU D 10 29.88 -22.06 -5.47
CA GLU D 10 29.57 -22.90 -4.29
C GLU D 10 28.15 -23.44 -4.37
N GLY D 11 28.03 -24.73 -4.20
CA GLY D 11 26.74 -25.40 -4.19
C GLY D 11 25.84 -25.04 -5.37
N GLY D 12 26.40 -25.01 -6.57
CA GLY D 12 25.64 -24.72 -7.78
C GLY D 12 25.42 -23.25 -8.09
N VAL D 13 26.00 -22.39 -7.27
CA VAL D 13 25.79 -20.96 -7.39
C VAL D 13 27.09 -20.28 -7.76
N GLN D 14 27.08 -19.50 -8.83
CA GLN D 14 28.24 -18.73 -9.13
C GLN D 14 28.09 -17.34 -8.59
N VAL D 15 28.93 -17.03 -7.62
CA VAL D 15 28.96 -15.74 -7.00
C VAL D 15 29.88 -14.82 -7.80
N VAL D 16 29.38 -13.65 -8.16
CA VAL D 16 30.12 -12.70 -8.94
C VAL D 16 30.01 -11.41 -8.18
N ARG D 17 31.13 -10.94 -7.66
CA ARG D 17 31.13 -9.77 -6.79
C ARG D 17 31.92 -8.62 -7.40
N MSE D 18 31.33 -7.44 -7.46
CA MSE D 18 32.06 -6.26 -7.85
C MSE D 18 32.82 -5.76 -6.65
O MSE D 18 32.30 -5.69 -5.54
CB MSE D 18 31.13 -5.15 -8.34
CG MSE D 18 30.44 -5.64 -9.61
SE MSE D 18 29.01 -4.35 -10.15
CE MSE D 18 27.60 -4.87 -8.84
N ASN D 19 34.08 -5.40 -6.87
CA ASN D 19 35.04 -5.18 -5.81
C ASN D 19 35.97 -4.03 -6.07
N ARG D 20 35.39 -2.84 -6.14
CA ARG D 20 36.12 -1.60 -6.18
C ARG D 20 35.47 -0.71 -5.13
N PRO D 21 35.49 -1.16 -3.89
CA PRO D 21 34.68 -0.49 -2.88
C PRO D 21 35.03 0.96 -2.67
N ASP D 22 36.29 1.30 -2.93
CA ASP D 22 36.79 2.62 -2.73
C ASP D 22 36.06 3.66 -3.61
N LYS D 23 35.57 3.23 -4.76
CA LYS D 23 34.86 4.14 -5.61
C LYS D 23 33.41 3.71 -5.78
N LYS D 24 32.89 3.08 -4.73
CA LYS D 24 31.52 2.59 -4.70
C LYS D 24 31.19 1.76 -5.93
N ASN D 25 32.15 0.95 -6.38
CA ASN D 25 31.97 0.08 -7.51
C ASN D 25 31.59 0.81 -8.77
N ALA D 26 32.05 2.05 -8.92
CA ALA D 26 31.94 2.73 -10.19
C ALA D 26 32.71 1.92 -11.27
N LEU D 27 32.04 1.61 -12.37
CA LEU D 27 32.58 0.65 -13.34
C LEU D 27 33.51 1.25 -14.39
N ILE D 28 34.52 0.45 -14.76
CA ILE D 28 35.48 0.78 -15.80
C ILE D 28 35.54 -0.43 -16.74
N GLY D 29 36.16 -0.23 -17.88
CA GLY D 29 36.21 -1.26 -18.93
C GLY D 29 36.71 -2.61 -18.48
N GLU D 30 37.73 -2.65 -17.62
CA GLU D 30 38.25 -3.96 -17.15
C GLU D 30 37.22 -4.71 -16.33
N MSE D 31 36.34 -4.00 -15.62
CA MSE D 31 35.33 -4.67 -14.82
C MSE D 31 34.28 -5.25 -15.72
O MSE D 31 33.89 -6.39 -15.56
CB MSE D 31 34.72 -3.73 -13.81
CG MSE D 31 35.81 -3.36 -12.81
SE MSE D 31 35.17 -1.98 -11.56
CE MSE D 31 33.93 -3.12 -10.47
N TYR D 32 33.81 -4.45 -16.68
CA TYR D 32 32.85 -4.95 -17.63
C TYR D 32 33.34 -6.21 -18.30
N ALA D 33 34.63 -6.22 -18.68
CA ALA D 33 35.20 -7.37 -19.36
C ALA D 33 35.26 -8.57 -18.43
N ALA D 34 35.73 -8.38 -17.22
CA ALA D 34 35.71 -9.47 -16.25
C ALA D 34 34.32 -9.98 -15.96
N LEU D 35 33.34 -9.08 -15.91
CA LEU D 35 31.97 -9.48 -15.61
C LEU D 35 31.41 -10.30 -16.74
N ALA D 36 31.62 -9.84 -17.97
CA ALA D 36 31.13 -10.56 -19.12
C ALA D 36 31.78 -11.94 -19.17
N GLU D 37 33.06 -12.02 -18.86
CA GLU D 37 33.77 -13.29 -18.83
C GLU D 37 33.15 -14.22 -17.80
N ALA D 38 32.90 -13.73 -16.59
CA ALA D 38 32.23 -14.55 -15.57
C ALA D 38 30.87 -15.11 -15.98
N PHE D 39 30.08 -14.33 -16.69
CA PHE D 39 28.83 -14.84 -17.18
C PHE D 39 29.02 -15.90 -18.24
N ALA D 40 29.98 -15.70 -19.14
CA ALA D 40 30.24 -16.69 -20.20
C ALA D 40 30.73 -18.00 -19.56
N LYS D 41 31.62 -17.92 -18.57
CA LYS D 41 32.03 -19.14 -17.91
C LYS D 41 30.84 -19.82 -17.25
N GLY D 42 30.07 -19.07 -16.46
CA GLY D 42 28.99 -19.67 -15.71
C GLY D 42 27.98 -20.28 -16.65
N GLU D 43 27.68 -19.60 -17.75
CA GLU D 43 26.66 -20.09 -18.67
C GLU D 43 27.05 -21.40 -19.25
N ALA D 44 28.34 -21.62 -19.44
CA ALA D 44 28.85 -22.86 -20.03
C ALA D 44 29.19 -23.93 -18.97
N ASP D 45 29.34 -23.54 -17.72
CA ASP D 45 29.73 -24.48 -16.68
C ASP D 45 28.57 -25.33 -16.16
N ASP D 46 28.69 -26.63 -16.34
CA ASP D 46 27.73 -27.59 -15.87
C ASP D 46 27.58 -27.64 -14.34
N ASP D 47 28.56 -27.19 -13.58
CA ASP D 47 28.39 -27.15 -12.12
C ASP D 47 27.60 -25.95 -11.62
N VAL D 48 27.28 -25.05 -12.53
CA VAL D 48 26.58 -23.82 -12.18
C VAL D 48 25.14 -23.86 -12.61
N ASN D 49 24.27 -23.66 -11.64
CA ASN D 49 22.82 -23.56 -11.89
C ASN D 49 22.28 -22.15 -11.86
N VAL D 50 22.93 -21.27 -11.10
CA VAL D 50 22.40 -19.96 -10.77
C VAL D 50 23.53 -19.01 -10.56
N PHE D 51 23.32 -17.75 -10.94
CA PHE D 51 24.26 -16.65 -10.62
C PHE D 51 23.78 -15.81 -9.47
N LEU D 52 24.71 -15.33 -8.67
CA LEU D 52 24.41 -14.38 -7.64
C LEU D 52 25.33 -13.19 -7.74
N ILE D 53 24.79 -12.03 -8.03
CA ILE D 53 25.58 -10.88 -8.24
C ILE D 53 25.53 -9.94 -7.03
N LEU D 54 26.73 -9.55 -6.56
CA LEU D 54 26.90 -8.79 -5.30
C LEU D 54 27.78 -7.60 -5.53
N GLY D 55 27.70 -6.65 -4.62
CA GLY D 55 28.60 -5.51 -4.59
C GLY D 55 29.51 -5.54 -3.38
N SER D 56 29.88 -4.35 -2.94
CA SER D 56 30.71 -4.20 -1.78
C SER D 56 29.81 -4.31 -0.54
N GLN D 57 30.40 -4.11 0.63
CA GLN D 57 29.62 -4.18 1.87
C GLN D 57 28.81 -2.91 2.01
N THR D 58 29.05 -1.93 1.15
CA THR D 58 28.37 -0.68 1.27
C THR D 58 27.60 -0.20 0.04
N ASP D 59 27.92 -0.75 -1.11
CA ASP D 59 27.34 -0.27 -2.35
C ASP D 59 27.22 -1.36 -3.37
N PHE D 60 26.24 -1.23 -4.25
CA PHE D 60 26.12 -2.13 -5.34
C PHE D 60 26.97 -1.63 -6.50
N SER D 61 26.55 -0.50 -7.08
CA SER D 61 27.37 0.17 -8.05
C SER D 61 26.91 1.57 -8.25
N ALA D 62 27.87 2.48 -8.27
CA ALA D 62 27.59 3.87 -8.55
C ALA D 62 27.52 4.16 -10.01
N GLY D 63 27.46 3.15 -10.85
CA GLY D 63 27.35 3.35 -12.28
C GLY D 63 28.70 3.50 -12.93
N ASN D 64 28.75 4.02 -14.15
CA ASN D 64 30.06 4.19 -14.81
C ASN D 64 30.94 5.19 -14.16
N ASP D 65 32.22 4.85 -14.09
CA ASP D 65 33.23 5.80 -13.67
C ASP D 65 33.25 6.90 -14.71
N LEU D 66 33.19 8.11 -14.24
CA LEU D 66 33.05 9.23 -15.13
C LEU D 66 34.28 9.48 -16.06
N PRO D 67 35.50 9.53 -15.49
CA PRO D 67 36.69 9.62 -16.34
C PRO D 67 36.72 8.57 -17.44
N ASP D 68 36.49 7.31 -17.09
CA ASP D 68 36.47 6.24 -18.08
C ASP D 68 35.42 6.50 -19.15
N PHE D 69 34.27 6.94 -18.70
CA PHE D 69 33.12 7.13 -19.56
C PHE D 69 33.37 8.20 -20.65
N LEU D 70 34.10 9.25 -20.29
CA LEU D 70 34.41 10.34 -21.21
C LEU D 70 35.34 9.94 -22.33
N THR D 71 35.89 8.75 -22.24
CA THR D 71 36.73 8.21 -23.28
C THR D 71 36.00 7.27 -24.23
N TRP D 72 34.70 7.05 -24.06
CA TRP D 72 33.98 6.14 -24.95
C TRP D 72 33.79 6.74 -26.31
N GLU D 73 34.09 5.97 -27.36
CA GLU D 73 33.78 6.38 -28.72
C GLU D 73 32.27 6.10 -28.99
N ALA D 74 31.75 5.01 -28.42
CA ALA D 74 30.40 4.56 -28.69
C ALA D 74 29.92 3.61 -27.57
N LEU D 75 28.61 3.46 -27.41
CA LEU D 75 28.08 2.40 -26.58
C LEU D 75 27.97 1.15 -27.42
N SER D 76 27.49 1.28 -28.66
CA SER D 76 27.35 0.12 -29.57
C SER D 76 28.68 -0.60 -29.71
N GLY D 77 28.65 -1.91 -29.48
CA GLY D 77 29.84 -2.70 -29.63
C GLY D 77 30.84 -2.58 -28.51
N SER D 78 30.61 -1.71 -27.53
CA SER D 78 31.55 -1.58 -26.43
C SER D 78 31.54 -2.79 -25.48
N VAL D 79 32.51 -2.81 -24.61
CA VAL D 79 32.56 -3.78 -23.57
C VAL D 79 31.35 -3.66 -22.58
N ALA D 80 30.87 -2.44 -22.33
CA ALA D 80 29.68 -2.28 -21.49
C ALA D 80 28.49 -2.93 -22.15
N ASP D 81 28.35 -2.71 -23.44
CA ASP D 81 27.29 -3.35 -24.23
C ASP D 81 27.41 -4.89 -24.12
N ARG D 82 28.62 -5.40 -24.20
CA ARG D 82 28.81 -6.86 -24.11
C ARG D 82 28.29 -7.39 -22.77
N PHE D 83 28.63 -6.71 -21.70
CA PHE D 83 28.21 -7.15 -20.38
C PHE D 83 26.70 -7.18 -20.24
N ILE D 84 26.07 -6.09 -20.66
CA ILE D 84 24.63 -5.95 -20.61
C ILE D 84 23.97 -7.08 -21.40
N ARG D 85 24.45 -7.32 -22.61
CA ARG D 85 23.88 -8.40 -23.40
C ARG D 85 24.08 -9.73 -22.75
N ALA D 86 25.23 -9.94 -22.12
CA ALA D 86 25.48 -11.21 -21.43
C ALA D 86 24.44 -11.48 -20.34
N VAL D 87 24.06 -10.46 -19.59
CA VAL D 87 23.07 -10.64 -18.53
C VAL D 87 21.66 -10.72 -19.08
N ALA D 88 21.31 -9.80 -19.97
CA ALA D 88 19.99 -9.84 -20.59
C ALA D 88 19.75 -11.19 -21.26
N GLY D 89 20.77 -11.78 -21.87
CA GLY D 89 20.64 -13.07 -22.56
C GLY D 89 20.93 -14.32 -21.74
N ALA D 90 21.23 -14.14 -20.46
CA ALA D 90 21.60 -15.32 -19.67
C ALA D 90 20.45 -16.28 -19.53
N ARG D 91 20.70 -17.54 -19.85
CA ARG D 91 19.69 -18.59 -19.76
C ARG D 91 19.47 -19.02 -18.31
N LYS D 92 20.52 -19.00 -17.50
CA LYS D 92 20.38 -19.43 -16.11
C LYS D 92 19.92 -18.27 -15.26
N PRO D 93 19.32 -18.59 -14.12
CA PRO D 93 18.78 -17.55 -13.24
C PRO D 93 19.84 -16.68 -12.64
N VAL D 94 19.46 -15.43 -12.38
CA VAL D 94 20.34 -14.43 -11.86
C VAL D 94 19.64 -13.77 -10.63
N VAL D 95 20.29 -13.82 -9.49
CA VAL D 95 19.83 -13.17 -8.29
C VAL D 95 20.79 -12.03 -7.97
N ALA D 96 20.27 -10.89 -7.55
CA ALA D 96 21.13 -9.77 -7.15
C ALA D 96 20.79 -9.31 -5.74
N ALA D 97 21.80 -8.81 -5.02
CA ALA D 97 21.61 -8.21 -3.74
C ALA D 97 22.20 -6.82 -3.82
N VAL D 98 21.38 -5.80 -3.62
CA VAL D 98 21.82 -4.44 -3.79
C VAL D 98 21.71 -3.67 -2.51
N ARG D 99 22.49 -2.61 -2.43
CA ARG D 99 22.55 -1.72 -1.24
C ARG D 99 23.25 -0.44 -1.62
N GLY D 100 23.13 0.57 -0.77
CA GLY D 100 23.71 1.87 -1.03
C GLY D 100 23.42 2.34 -2.44
N ALA D 101 24.44 2.74 -3.15
CA ALA D 101 24.26 3.26 -4.48
C ALA D 101 23.88 2.15 -5.48
N ALA D 102 22.83 2.41 -6.25
CA ALA D 102 22.51 1.60 -7.42
C ALA D 102 22.18 2.57 -8.55
N ILE D 103 23.23 3.02 -9.23
CA ILE D 103 23.11 4.15 -10.11
C ILE D 103 23.47 3.77 -11.49
N GLY D 104 22.74 4.34 -12.44
CA GLY D 104 22.95 4.09 -13.84
C GLY D 104 22.73 2.62 -14.08
N ILE D 105 23.76 1.98 -14.55
CA ILE D 105 23.77 0.56 -14.80
C ILE D 105 23.50 -0.25 -13.52
N GLY D 106 23.86 0.30 -12.37
CA GLY D 106 23.49 -0.33 -11.12
C GLY D 106 21.99 -0.51 -10.97
N SER D 107 21.18 0.37 -11.55
CA SER D 107 19.75 0.22 -11.55
C SER D 107 19.23 -0.48 -12.79
N THR D 108 19.74 -0.14 -13.95
CA THR D 108 19.12 -0.54 -15.20
C THR D 108 19.39 -1.98 -15.54
N LEU D 109 20.33 -2.56 -14.84
CA LEU D 109 20.57 -3.97 -14.89
C LEU D 109 19.52 -4.80 -14.18
N LEU D 110 18.88 -4.23 -13.19
CA LEU D 110 18.03 -5.05 -12.31
C LEU D 110 16.80 -5.69 -12.96
N PRO D 111 16.23 -5.03 -13.98
CA PRO D 111 15.13 -5.67 -14.67
C PRO D 111 15.51 -6.98 -15.39
N HIS D 112 16.80 -7.22 -15.66
CA HIS D 112 17.21 -8.46 -16.22
C HIS D 112 17.43 -9.51 -15.20
N CYS D 113 17.32 -9.17 -13.92
CA CYS D 113 17.52 -10.19 -12.88
C CYS D 113 16.25 -10.88 -12.60
N ASP D 114 16.35 -12.11 -12.12
CA ASP D 114 15.18 -12.90 -11.81
C ASP D 114 14.68 -12.64 -10.39
N LEU D 115 15.60 -12.44 -9.44
CA LEU D 115 15.29 -12.02 -8.10
C LEU D 115 16.27 -10.98 -7.64
N VAL D 116 15.79 -9.98 -6.89
CA VAL D 116 16.57 -8.89 -6.40
C VAL D 116 16.15 -8.55 -4.98
N TYR D 117 17.09 -8.49 -4.05
CA TYR D 117 16.84 -8.02 -2.71
C TYR D 117 17.69 -6.81 -2.48
N ALA D 118 17.18 -5.87 -1.70
CA ALA D 118 17.82 -4.59 -1.46
C ALA D 118 17.84 -4.26 0.02
N ALA D 119 18.89 -3.57 0.45
CA ALA D 119 18.99 -3.13 1.82
C ALA D 119 18.20 -1.86 2.01
N PRO D 120 17.79 -1.57 3.23
CA PRO D 120 17.03 -0.40 3.60
C PRO D 120 17.57 0.94 3.06
N GLY D 121 18.85 1.20 3.09
CA GLY D 121 19.27 2.49 2.53
C GLY D 121 19.45 2.62 1.02
N THR D 122 19.01 1.66 0.22
CA THR D 122 19.39 1.67 -1.18
C THR D 122 18.81 2.88 -1.93
N ARG D 123 19.62 3.45 -2.80
CA ARG D 123 19.24 4.61 -3.56
C ARG D 123 19.39 4.30 -5.05
N PHE D 124 18.26 4.35 -5.77
CA PHE D 124 18.24 3.98 -7.15
C PHE D 124 18.22 5.26 -7.95
N HIS D 125 18.90 5.27 -9.09
CA HIS D 125 18.97 6.52 -9.85
C HIS D 125 19.37 6.28 -11.26
N MSE D 126 18.65 6.90 -12.18
CA MSE D 126 18.97 6.85 -13.63
C MSE D 126 19.10 8.23 -14.21
O MSE D 126 18.20 8.71 -14.86
CB MSE D 126 17.83 6.12 -14.32
CG MSE D 126 17.93 4.63 -13.93
SE MSE D 126 16.30 3.67 -14.38
CE MSE D 126 15.11 4.71 -13.24
N PRO D 127 20.23 8.88 -13.95
CA PRO D 127 20.38 10.30 -14.22
C PRO D 127 20.86 10.66 -15.64
N PHE D 128 20.64 9.78 -16.61
CA PHE D 128 21.01 9.99 -18.00
C PHE D 128 20.64 11.37 -18.52
N ILE D 129 19.39 11.79 -18.33
CA ILE D 129 18.97 13.10 -18.80
C ILE D 129 19.83 14.24 -18.28
N ASN D 130 20.28 14.14 -17.04
CA ASN D 130 21.12 15.19 -16.48
C ASN D 130 22.53 15.17 -17.01
N LEU D 131 22.92 14.12 -17.70
CA LEU D 131 24.20 14.10 -18.37
C LEU D 131 24.09 14.36 -19.86
N GLY D 132 22.92 14.75 -20.35
CA GLY D 132 22.73 14.91 -21.79
C GLY D 132 22.77 13.61 -22.57
N ILE D 133 22.44 12.50 -21.95
CA ILE D 133 22.38 11.25 -22.67
C ILE D 133 21.05 10.51 -22.45
N VAL D 134 20.89 9.37 -23.13
CA VAL D 134 19.69 8.57 -23.01
C VAL D 134 19.93 7.29 -22.22
N PRO D 135 18.83 6.68 -21.74
CA PRO D 135 18.96 5.46 -20.96
C PRO D 135 19.36 4.29 -21.81
N GLU D 136 19.98 3.35 -21.13
CA GLU D 136 20.65 2.24 -21.70
C GLU D 136 20.02 1.00 -21.08
N ALA D 137 20.56 -0.13 -21.47
CA ALA D 137 20.24 -1.45 -20.90
C ALA D 137 18.76 -1.82 -20.99
N GLY D 138 18.06 -1.20 -21.94
CA GLY D 138 16.66 -1.48 -22.19
C GLY D 138 15.68 -0.79 -21.21
N SER D 139 16.19 0.12 -20.39
CA SER D 139 15.38 0.75 -19.40
C SER D 139 14.27 1.60 -19.99
N SER D 140 14.46 2.15 -21.17
CA SER D 140 13.38 2.84 -21.88
C SER D 140 12.16 1.97 -22.08
N GLN D 141 12.35 0.66 -22.06
CA GLN D 141 11.26 -0.26 -22.22
C GLN D 141 10.87 -0.88 -20.86
N THR D 142 11.85 -1.30 -20.07
CA THR D 142 11.55 -2.04 -18.87
C THR D 142 10.93 -1.15 -17.81
N MSE D 143 11.39 0.08 -17.68
CA MSE D 143 10.82 0.95 -16.61
C MSE D 143 9.39 1.33 -16.87
O MSE D 143 8.57 1.17 -15.98
CB MSE D 143 11.65 2.19 -16.31
CG MSE D 143 13.04 1.82 -15.83
SE MSE D 143 13.06 0.48 -14.32
CE MSE D 143 14.93 0.04 -14.88
N PRO D 144 9.05 1.80 -18.08
CA PRO D 144 7.65 2.05 -18.31
C PRO D 144 6.79 0.81 -18.16
N ALA D 145 7.30 -0.35 -18.59
CA ALA D 145 6.52 -1.58 -18.46
C ALA D 145 6.25 -1.88 -16.96
N LEU D 146 7.23 -1.65 -16.10
CA LEU D 146 7.07 -2.00 -14.71
C LEU D 146 6.27 -0.97 -13.92
N ALA D 147 6.56 0.30 -14.16
CA ALA D 147 6.06 1.35 -13.31
C ALA D 147 4.93 2.13 -13.93
N GLY D 148 4.70 1.91 -15.22
CA GLY D 148 3.83 2.79 -15.97
C GLY D 148 4.58 4.04 -16.41
N HIS D 149 4.07 4.70 -17.43
CA HIS D 149 4.82 5.73 -18.08
C HIS D 149 5.09 6.90 -17.17
N ARG D 150 4.14 7.24 -16.31
CA ARG D 150 4.29 8.45 -15.50
C ARG D 150 5.26 8.33 -14.38
N ARG D 151 5.26 7.18 -13.72
CA ARG D 151 6.20 6.99 -12.66
C ARG D 151 7.58 6.76 -13.27
N ALA D 152 7.66 6.11 -14.42
CA ALA D 152 8.94 6.00 -15.15
C ALA D 152 9.45 7.33 -15.66
N ALA D 153 8.57 8.26 -16.02
CA ALA D 153 9.02 9.62 -16.40
C ALA D 153 9.67 10.34 -15.24
N GLU D 154 9.26 10.11 -13.99
CA GLU D 154 10.02 10.69 -12.85
C GLU D 154 11.47 10.19 -12.85
N MSE D 155 11.65 8.93 -13.18
CA MSE D 155 12.97 8.34 -13.17
C MSE D 155 13.83 8.79 -14.34
O MSE D 155 14.98 9.14 -14.16
CB MSE D 155 12.89 6.81 -13.24
CG MSE D 155 12.04 6.20 -12.14
SE MSE D 155 11.67 4.27 -12.50
CE MSE D 155 10.57 3.92 -10.86
N LEU D 156 13.26 8.76 -15.54
CA LEU D 156 14.01 8.95 -16.75
C LEU D 156 13.96 10.35 -17.35
N MSE D 157 12.87 11.06 -17.19
CA MSE D 157 12.74 12.37 -17.79
C MSE D 157 13.05 13.45 -16.79
O MSE D 157 13.77 14.37 -17.12
CB MSE D 157 11.34 12.51 -18.38
CG MSE D 157 11.19 11.61 -19.64
SE MSE D 157 9.36 11.66 -20.40
CE MSE D 157 9.22 13.61 -20.68
N LEU D 158 12.54 13.36 -15.55
CA LEU D 158 12.97 14.24 -14.49
C LEU D 158 14.32 13.82 -13.93
N GLY D 159 14.70 12.57 -14.13
CA GLY D 159 16.02 12.10 -13.67
C GLY D 159 16.14 12.09 -12.18
N GLU D 160 15.06 11.78 -11.50
CA GLU D 160 15.04 11.78 -10.04
C GLU D 160 15.35 10.42 -9.43
N PRO D 161 16.12 10.40 -8.37
CA PRO D 161 16.41 9.17 -7.67
C PRO D 161 15.21 8.71 -6.91
N PHE D 162 15.14 7.42 -6.61
CA PHE D 162 14.05 6.90 -5.87
C PHE D 162 14.57 5.79 -4.95
N GLY D 163 13.69 5.35 -4.05
CA GLY D 163 14.03 4.50 -2.96
C GLY D 163 13.33 3.18 -3.01
N VAL D 164 13.48 2.43 -1.94
CA VAL D 164 12.99 1.07 -1.85
C VAL D 164 11.46 0.98 -1.86
N ASP D 165 10.81 2.01 -1.38
CA ASP D 165 9.35 2.06 -1.47
C ASP D 165 8.90 1.94 -2.93
N THR D 166 9.42 2.80 -3.78
CA THR D 166 9.03 2.77 -5.16
C THR D 166 9.54 1.50 -5.83
N ALA D 167 10.76 1.12 -5.53
CA ALA D 167 11.34 -0.03 -6.20
C ALA D 167 10.55 -1.28 -5.96
N GLU D 168 10.12 -1.49 -4.71
CA GLU D 168 9.28 -2.63 -4.46
C GLU D 168 7.90 -2.45 -5.06
N ALA D 169 7.32 -1.26 -4.99
CA ALA D 169 5.97 -1.08 -5.52
C ALA D 169 5.91 -1.33 -7.04
N VAL D 170 6.91 -0.94 -7.80
CA VAL D 170 6.84 -1.21 -9.21
C VAL D 170 7.45 -2.53 -9.64
N GLY D 171 7.92 -3.34 -8.71
CA GLY D 171 8.39 -4.69 -9.07
C GLY D 171 9.82 -4.76 -9.58
N LEU D 172 10.60 -3.72 -9.24
CA LEU D 172 11.99 -3.73 -9.53
C LEU D 172 12.75 -4.65 -8.58
N ILE D 173 12.26 -4.83 -7.36
CA ILE D 173 12.91 -5.70 -6.40
C ILE D 173 11.87 -6.53 -5.74
N ASN D 174 12.29 -7.64 -5.15
CA ASN D 174 11.36 -8.52 -4.49
C ASN D 174 11.10 -8.01 -3.08
N GLY D 175 12.06 -7.38 -2.44
CA GLY D 175 11.92 -7.10 -1.02
C GLY D 175 13.10 -6.42 -0.42
N VAL D 176 12.88 -5.92 0.81
CA VAL D 176 13.89 -5.17 1.51
C VAL D 176 14.38 -6.00 2.66
N VAL D 177 15.67 -6.10 2.82
CA VAL D 177 16.28 -6.98 3.81
C VAL D 177 17.40 -6.21 4.50
N PRO D 178 17.41 -6.19 5.83
CA PRO D 178 18.46 -5.52 6.62
C PRO D 178 19.87 -5.93 6.11
N GLY D 179 20.76 -4.96 5.97
CA GLY D 179 22.08 -5.19 5.40
C GLY D 179 22.85 -6.37 5.98
N GLU D 180 22.77 -6.58 7.28
CA GLU D 180 23.51 -7.68 7.88
C GLU D 180 23.01 -9.05 7.42
N ASP D 181 21.77 -9.16 6.94
CA ASP D 181 21.22 -10.43 6.44
C ASP D 181 21.04 -10.48 4.91
N LEU D 182 21.45 -9.43 4.22
CA LEU D 182 21.13 -9.27 2.83
C LEU D 182 21.77 -10.38 1.97
N GLU D 183 23.06 -10.58 2.12
CA GLU D 183 23.78 -11.53 1.33
C GLU D 183 23.32 -12.93 1.64
N GLU D 184 23.06 -13.19 2.91
CA GLU D 184 22.63 -14.52 3.33
C GLU D 184 21.30 -14.86 2.71
N THR D 185 20.42 -13.87 2.71
CA THR D 185 19.07 -14.06 2.19
C THR D 185 19.10 -14.22 0.69
N ALA D 186 19.89 -13.40 0.01
CA ALA D 186 20.01 -13.54 -1.42
C ALA D 186 20.63 -14.90 -1.78
N MSE D 187 21.59 -15.34 -0.98
CA MSE D 187 22.21 -16.62 -1.20
C MSE D 187 21.22 -17.73 -0.97
O MSE D 187 21.22 -18.73 -1.71
CB MSE D 187 23.42 -16.79 -0.30
CG MSE D 187 24.05 -18.19 -0.39
SE MSE D 187 24.69 -18.66 -2.23
CE MSE D 187 26.54 -17.98 -1.99
N ALA D 188 20.37 -17.59 0.03
CA ALA D 188 19.38 -18.64 0.29
C ALA D 188 18.43 -18.77 -0.87
N ALA D 189 18.05 -17.63 -1.44
CA ALA D 189 17.21 -17.65 -2.60
C ALA D 189 17.93 -18.31 -3.79
N ALA D 190 19.19 -17.98 -4.00
CA ALA D 190 19.99 -18.62 -5.05
C ALA D 190 20.06 -20.15 -4.89
N ARG D 191 20.27 -20.62 -3.69
CA ARG D 191 20.29 -22.06 -3.40
C ARG D 191 18.97 -22.72 -3.65
N LYS D 192 17.91 -22.03 -3.33
CA LYS D 192 16.63 -22.60 -3.52
C LYS D 192 16.41 -22.79 -5.01
N LEU D 193 16.83 -21.82 -5.81
CA LEU D 193 16.71 -21.95 -7.24
C LEU D 193 17.63 -23.06 -7.76
N ALA D 194 18.80 -23.16 -7.17
CA ALA D 194 19.77 -24.15 -7.61
C ALA D 194 19.29 -25.57 -7.32
N ALA D 195 18.40 -25.75 -6.34
CA ALA D 195 17.88 -27.07 -6.02
C ALA D 195 16.72 -27.47 -6.92
N LYS D 196 16.22 -26.57 -7.75
CA LYS D 196 15.18 -26.96 -8.70
C LYS D 196 15.84 -27.75 -9.83
N PRO D 197 15.05 -28.49 -10.61
CA PRO D 197 15.60 -29.17 -11.78
C PRO D 197 16.02 -28.16 -12.87
N ARG D 198 17.31 -28.04 -13.12
CA ARG D 198 17.85 -26.99 -13.99
C ARG D 198 17.19 -26.90 -15.33
N SER D 199 17.01 -28.03 -15.97
CA SER D 199 16.61 -28.01 -17.37
C SER D 199 15.19 -27.45 -17.44
N ILE D 200 14.35 -27.78 -16.45
CA ILE D 200 13.01 -27.21 -16.41
C ILE D 200 13.04 -25.72 -16.07
N LEU D 201 13.81 -25.39 -15.06
CA LEU D 201 13.87 -24.02 -14.61
C LEU D 201 14.25 -23.08 -15.73
N VAL D 202 15.23 -23.48 -16.50
CA VAL D 202 15.70 -22.69 -17.60
C VAL D 202 14.56 -22.47 -18.62
N GLN D 203 13.73 -23.49 -18.81
CA GLN D 203 12.64 -23.39 -19.78
C GLN D 203 11.64 -22.39 -19.27
N ILE D 204 11.38 -22.46 -17.99
CA ILE D 204 10.44 -21.57 -17.38
C ILE D 204 10.92 -20.15 -17.56
N LYS D 205 12.18 -19.90 -17.27
CA LYS D 205 12.73 -18.55 -17.44
C LYS D 205 12.62 -18.09 -18.89
N ALA D 206 12.91 -18.98 -19.83
CA ALA D 206 12.87 -18.62 -21.24
C ALA D 206 11.44 -18.29 -21.66
N LEU D 207 10.46 -19.07 -21.17
CA LEU D 207 9.08 -18.76 -21.47
C LEU D 207 8.68 -17.40 -20.89
N MSE D 208 9.03 -17.18 -19.63
CA MSE D 208 8.68 -15.95 -18.98
C MSE D 208 9.23 -14.78 -19.74
O MSE D 208 8.61 -13.73 -19.77
CB MSE D 208 9.26 -15.86 -17.58
CG MSE D 208 8.41 -16.70 -16.66
SE MSE D 208 9.30 -16.76 -14.90
CE MSE D 208 8.76 -14.98 -14.25
N LYS D 209 10.40 -14.95 -20.35
CA LYS D 209 11.06 -13.86 -21.03
C LYS D 209 10.81 -13.81 -22.54
N THR D 210 9.92 -14.66 -23.02
CA THR D 210 9.52 -14.60 -24.40
C THR D 210 8.56 -13.47 -24.60
N PRO D 211 8.78 -12.69 -25.66
CA PRO D 211 7.90 -11.55 -25.87
C PRO D 211 6.47 -11.95 -25.91
N ALA D 212 5.63 -11.11 -25.33
CA ALA D 212 4.21 -11.38 -25.25
C ALA D 212 3.61 -11.53 -26.65
N GLU D 213 2.64 -12.41 -26.77
CA GLU D 213 2.09 -12.76 -28.07
C GLU D 213 0.60 -13.04 -27.91
N PRO D 214 -0.13 -13.20 -29.04
CA PRO D 214 -1.54 -13.55 -28.90
C PRO D 214 -1.70 -14.77 -28.03
N ILE D 215 -2.69 -14.72 -27.16
CA ILE D 215 -2.81 -15.68 -26.10
C ILE D 215 -2.84 -17.12 -26.61
N MSE D 216 -3.53 -17.39 -27.71
CA MSE D 216 -3.62 -18.75 -28.23
C MSE D 216 -2.26 -19.23 -28.66
O MSE D 216 -1.91 -20.38 -28.41
CB MSE D 216 -4.59 -18.91 -29.39
CG MSE D 216 -6.02 -18.50 -29.03
SE MSE D 216 -6.87 -19.52 -27.54
CE MSE D 216 -8.28 -18.32 -26.90
N ASP D 217 -1.44 -18.36 -29.26
CA ASP D 217 -0.06 -18.74 -29.56
C ASP D 217 0.71 -19.11 -28.31
N ARG D 218 0.53 -18.36 -27.23
CA ARG D 218 1.28 -18.66 -26.02
C ARG D 218 0.85 -19.99 -25.43
N LEU D 219 -0.44 -20.27 -25.49
CA LEU D 219 -0.95 -21.57 -24.98
C LEU D 219 -0.31 -22.70 -25.74
N THR D 220 -0.20 -22.52 -27.06
CA THR D 220 0.40 -23.53 -27.92
C THR D 220 1.85 -23.70 -27.56
N ARG D 221 2.54 -22.58 -27.40
CA ARG D 221 3.95 -22.61 -27.07
C ARG D 221 4.22 -23.34 -25.76
N GLU D 222 3.47 -23.00 -24.71
CA GLU D 222 3.69 -23.60 -23.40
C GLU D 222 3.41 -25.07 -23.50
N ALA D 223 2.33 -25.41 -24.17
CA ALA D 223 1.88 -26.79 -24.25
C ALA D 223 2.91 -27.68 -24.95
N ALA D 224 3.49 -27.20 -26.03
CA ALA D 224 4.52 -27.93 -26.70
C ALA D 224 5.64 -28.27 -25.72
N VAL D 225 6.09 -27.29 -24.95
CA VAL D 225 7.16 -27.56 -23.98
C VAL D 225 6.65 -28.56 -22.98
N PHE D 226 5.45 -28.28 -22.48
CA PHE D 226 4.85 -29.08 -21.41
C PHE D 226 4.79 -30.55 -21.79
N ASP D 227 4.43 -30.82 -23.04
CA ASP D 227 4.35 -32.19 -23.56
C ASP D 227 5.69 -32.94 -23.39
N THR D 228 6.79 -32.30 -23.73
CA THR D 228 8.10 -32.86 -23.48
C THR D 228 8.37 -33.17 -22.02
N CYS D 229 7.88 -32.32 -21.12
CA CYS D 229 8.09 -32.54 -19.68
C CYS D 229 7.39 -33.76 -19.12
N LEU D 230 6.25 -34.12 -19.69
CA LEU D 230 5.53 -35.32 -19.27
C LEU D 230 6.36 -36.57 -19.42
N LYS D 231 7.29 -36.57 -20.38
CA LYS D 231 8.17 -37.70 -20.61
C LYS D 231 9.48 -37.63 -19.80
N GLY D 232 9.67 -36.61 -18.96
CA GLY D 232 11.02 -36.32 -18.38
C GLY D 232 11.33 -36.94 -17.04
N GLU D 233 12.62 -36.96 -16.69
CA GLU D 233 13.01 -37.57 -15.41
C GLU D 233 12.57 -36.69 -14.23
N ALA D 234 12.47 -35.37 -14.42
CA ALA D 234 12.18 -34.46 -13.30
C ALA D 234 10.79 -34.74 -12.76
N LEU D 235 9.82 -34.86 -13.66
CA LEU D 235 8.49 -35.29 -13.26
C LEU D 235 8.53 -36.62 -12.56
N ASN D 236 9.32 -37.53 -13.11
CA ASN D 236 9.36 -38.87 -12.59
C ASN D 236 9.85 -38.89 -11.15
N GLU D 237 10.94 -38.16 -10.92
CA GLU D 237 11.48 -37.98 -9.58
C GLU D 237 10.51 -37.31 -8.63
N ALA D 238 9.78 -36.32 -9.13
CA ALA D 238 8.82 -35.60 -8.27
C ALA D 238 7.72 -36.55 -7.75
N VAL D 239 7.20 -37.36 -8.65
CA VAL D 239 6.14 -38.29 -8.35
C VAL D 239 6.67 -39.39 -7.41
N SER D 240 7.77 -40.01 -7.80
CA SER D 240 8.43 -41.03 -6.96
C SER D 240 8.61 -40.51 -5.55
N ALA D 241 9.21 -39.34 -5.42
CA ALA D 241 9.44 -38.74 -4.11
C ALA D 241 8.14 -38.51 -3.33
N PHE D 242 7.07 -38.11 -4.01
CA PHE D 242 5.80 -37.88 -3.37
C PHE D 242 5.21 -39.17 -2.83
N LYS D 243 5.24 -40.22 -3.65
CA LYS D 243 4.81 -41.57 -3.25
C LYS D 243 5.58 -42.05 -2.02
N GLU D 244 6.90 -42.00 -2.06
CA GLU D 244 7.75 -42.46 -0.95
C GLU D 244 7.84 -41.48 0.24
N LYS D 245 6.98 -40.46 0.27
CA LYS D 245 6.90 -39.51 1.39
C LYS D 245 8.25 -38.88 1.78
N ARG D 246 9.00 -38.43 0.77
CA ARG D 246 10.30 -37.79 0.99
C ARG D 246 10.46 -36.54 0.10
N ALA D 247 11.47 -35.75 0.41
CA ALA D 247 11.81 -34.60 -0.40
C ALA D 247 12.48 -35.11 -1.69
N PRO D 248 12.14 -34.48 -2.83
CA PRO D 248 12.76 -34.86 -4.09
C PRO D 248 14.20 -34.40 -4.16
N ASP D 249 15.04 -35.11 -4.89
CA ASP D 249 16.38 -34.68 -5.13
C ASP D 249 16.50 -34.57 -6.64
N PHE D 250 16.61 -33.34 -7.12
CA PHE D 250 16.68 -33.08 -8.55
C PHE D 250 18.10 -32.98 -9.10
N SER D 251 19.11 -33.36 -8.32
CA SER D 251 20.49 -33.57 -8.83
C SER D 251 20.60 -34.63 -9.94
N LYS D 252 19.69 -35.60 -9.99
CA LYS D 252 19.78 -36.74 -10.92
C LYS D 252 19.88 -36.37 -12.43
N SER E 2 -25.38 -34.08 -7.26
CA SER E 2 -24.49 -35.28 -7.21
C SER E 2 -23.37 -35.26 -8.30
N GLU E 3 -23.65 -34.59 -9.43
CA GLU E 3 -22.66 -34.51 -10.51
C GLU E 3 -21.53 -33.52 -10.17
N LEU E 4 -20.39 -33.73 -10.82
CA LEU E 4 -19.18 -33.06 -10.50
C LEU E 4 -19.08 -31.61 -10.98
N VAL E 5 -19.95 -31.21 -11.91
CA VAL E 5 -20.01 -29.84 -12.36
C VAL E 5 -21.46 -29.46 -12.47
N LEU E 6 -21.88 -28.39 -11.78
CA LEU E 6 -23.28 -27.95 -11.78
C LEU E 6 -23.35 -26.69 -12.55
N SER E 7 -24.37 -26.56 -13.36
CA SER E 7 -24.52 -25.37 -14.16
C SER E 7 -25.96 -24.98 -14.22
N HIS E 8 -26.28 -23.71 -14.11
CA HIS E 8 -27.64 -23.26 -14.30
C HIS E 8 -27.63 -21.75 -14.55
N VAL E 9 -28.71 -21.21 -15.10
CA VAL E 9 -28.78 -19.83 -15.49
C VAL E 9 -29.76 -19.10 -14.65
N GLU E 10 -29.42 -17.91 -14.14
CA GLU E 10 -30.37 -17.02 -13.43
C GLU E 10 -30.06 -15.57 -13.71
N GLY E 11 -31.08 -14.85 -14.12
CA GLY E 11 -30.98 -13.43 -14.39
C GLY E 11 -29.86 -13.05 -15.31
N GLY E 12 -29.65 -13.83 -16.37
CA GLY E 12 -28.62 -13.54 -17.36
C GLY E 12 -27.23 -14.05 -17.03
N VAL E 13 -27.11 -14.76 -15.93
CA VAL E 13 -25.85 -15.23 -15.44
C VAL E 13 -25.81 -16.72 -15.46
N GLN E 14 -24.81 -17.28 -16.11
CA GLN E 14 -24.63 -18.71 -16.07
C GLN E 14 -23.67 -19.10 -15.01
N VAL E 15 -24.18 -19.77 -14.00
CA VAL E 15 -23.40 -20.18 -12.87
C VAL E 15 -22.84 -21.55 -13.21
N VAL E 16 -21.55 -21.72 -12.99
CA VAL E 16 -20.86 -22.94 -13.28
C VAL E 16 -20.06 -23.27 -12.05
N ARG E 17 -20.40 -24.37 -11.37
CA ARG E 17 -19.82 -24.66 -10.08
C ARG E 17 -19.11 -25.97 -10.11
N MSE E 18 -17.86 -25.98 -9.66
CA MSE E 18 -17.12 -27.24 -9.52
C MSE E 18 -17.55 -27.85 -8.23
O MSE E 18 -17.65 -27.19 -7.21
CB MSE E 18 -15.63 -27.00 -9.52
CG MSE E 18 -15.19 -26.44 -10.88
SE MSE E 18 -13.28 -25.83 -10.85
CE MSE E 18 -13.51 -24.10 -9.89
N ASN E 19 -17.79 -29.16 -8.30
CA ASN E 19 -18.47 -29.87 -7.24
C ASN E 19 -17.90 -31.25 -6.99
N ARG E 20 -16.67 -31.28 -6.56
CA ARG E 20 -16.01 -32.46 -6.06
C ARG E 20 -15.38 -32.09 -4.72
N PRO E 21 -16.20 -31.67 -3.77
CA PRO E 21 -15.67 -31.01 -2.59
C PRO E 21 -14.76 -31.90 -1.77
N ASP E 22 -14.97 -33.20 -1.82
CA ASP E 22 -14.16 -34.11 -1.02
C ASP E 22 -12.73 -34.12 -1.45
N LYS E 23 -12.44 -33.77 -2.70
CA LYS E 23 -11.04 -33.73 -3.11
C LYS E 23 -10.62 -32.32 -3.44
N LYS E 24 -11.26 -31.37 -2.76
CA LYS E 24 -11.00 -29.93 -2.96
C LYS E 24 -11.05 -29.55 -4.44
N ASN E 25 -11.98 -30.13 -5.17
CA ASN E 25 -12.17 -29.81 -6.57
C ASN E 25 -10.94 -30.06 -7.42
N ALA E 26 -10.15 -31.06 -7.04
CA ALA E 26 -9.07 -31.51 -7.91
C ALA E 26 -9.67 -32.04 -9.17
N LEU E 27 -9.21 -31.54 -10.31
CA LEU E 27 -9.90 -31.81 -11.58
C LEU E 27 -9.50 -33.11 -12.25
N ILE E 28 -10.47 -33.72 -12.92
CA ILE E 28 -10.32 -34.89 -13.78
C ILE E 28 -10.93 -34.60 -15.17
N GLY E 29 -10.67 -35.48 -16.13
CA GLY E 29 -11.08 -35.29 -17.52
C GLY E 29 -12.54 -35.05 -17.72
N GLU E 30 -13.35 -35.75 -16.96
CA GLU E 30 -14.79 -35.53 -17.08
C GLU E 30 -15.21 -34.13 -16.65
N MSE E 31 -14.50 -33.52 -15.70
CA MSE E 31 -14.88 -32.18 -15.23
C MSE E 31 -14.50 -31.21 -16.29
O MSE E 31 -15.26 -30.34 -16.59
CB MSE E 31 -14.21 -31.86 -13.90
CG MSE E 31 -14.81 -32.77 -12.84
SE MSE E 31 -13.91 -32.58 -11.11
CE MSE E 31 -14.57 -30.76 -10.60
N TYR E 32 -13.29 -31.35 -16.84
CA TYR E 32 -12.85 -30.47 -17.89
C TYR E 32 -13.80 -30.50 -19.03
N ALA E 33 -14.32 -31.69 -19.34
CA ALA E 33 -15.27 -31.82 -20.45
C ALA E 33 -16.62 -31.15 -20.12
N ALA E 34 -17.13 -31.42 -18.94
CA ALA E 34 -18.34 -30.73 -18.49
C ALA E 34 -18.17 -29.21 -18.46
N LEU E 35 -17.01 -28.74 -18.03
CA LEU E 35 -16.76 -27.31 -17.95
C LEU E 35 -16.69 -26.71 -19.33
N ALA E 36 -15.98 -27.35 -20.23
CA ALA E 36 -15.94 -26.86 -21.60
C ALA E 36 -17.34 -26.82 -22.23
N GLU E 37 -18.14 -27.85 -21.96
CA GLU E 37 -19.54 -27.94 -22.42
C GLU E 37 -20.35 -26.74 -21.93
N ALA E 38 -20.27 -26.50 -20.64
CA ALA E 38 -20.94 -25.34 -20.05
C ALA E 38 -20.53 -24.00 -20.68
N PHE E 39 -19.28 -23.83 -21.02
CA PHE E 39 -18.88 -22.62 -21.71
C PHE E 39 -19.43 -22.53 -23.13
N ALA E 40 -19.44 -23.65 -23.85
CA ALA E 40 -19.95 -23.65 -25.19
C ALA E 40 -21.42 -23.30 -25.18
N LYS E 41 -22.14 -23.88 -24.27
CA LYS E 41 -23.53 -23.58 -24.17
C LYS E 41 -23.76 -22.11 -23.84
N GLY E 42 -23.10 -21.62 -22.79
CA GLY E 42 -23.30 -20.26 -22.36
C GLY E 42 -22.90 -19.27 -23.44
N GLU E 43 -21.83 -19.54 -24.15
CA GLU E 43 -21.40 -18.65 -25.21
C GLU E 43 -22.44 -18.50 -26.28
N ALA E 44 -23.18 -19.56 -26.57
CA ALA E 44 -24.18 -19.53 -27.63
C ALA E 44 -25.52 -19.03 -27.15
N ASP E 45 -25.78 -19.16 -25.85
CA ASP E 45 -27.10 -18.99 -25.32
C ASP E 45 -27.45 -17.53 -25.18
N ASP E 46 -28.48 -17.12 -25.88
CA ASP E 46 -28.96 -15.78 -25.89
C ASP E 46 -29.47 -15.29 -24.55
N ASP E 47 -29.85 -16.18 -23.65
CA ASP E 47 -30.30 -15.75 -22.33
C ASP E 47 -29.16 -15.51 -21.35
N VAL E 48 -27.93 -15.80 -21.78
CA VAL E 48 -26.78 -15.65 -20.97
C VAL E 48 -25.95 -14.45 -21.39
N ASN E 49 -25.68 -13.59 -20.42
CA ASN E 49 -24.81 -12.44 -20.63
C ASN E 49 -23.45 -12.57 -19.98
N VAL E 50 -23.36 -13.34 -18.90
CA VAL E 50 -22.15 -13.39 -18.07
C VAL E 50 -22.02 -14.73 -17.44
N PHE E 51 -20.78 -15.18 -17.25
CA PHE E 51 -20.49 -16.42 -16.53
C PHE E 51 -20.02 -16.14 -15.13
N LEU E 52 -20.38 -17.02 -14.21
CA LEU E 52 -19.89 -16.94 -12.86
C LEU E 52 -19.38 -18.31 -12.44
N ILE E 53 -18.10 -18.39 -12.17
CA ILE E 53 -17.48 -19.66 -11.82
C ILE E 53 -17.19 -19.76 -10.38
N LEU E 54 -17.62 -20.87 -9.80
CA LEU E 54 -17.57 -21.08 -8.37
C LEU E 54 -16.98 -22.40 -8.04
N GLY E 55 -16.53 -22.55 -6.80
CA GLY E 55 -16.09 -23.83 -6.31
C GLY E 55 -16.99 -24.36 -5.22
N SER E 56 -16.39 -25.11 -4.31
CA SER E 56 -17.11 -25.67 -3.18
C SER E 56 -17.25 -24.56 -2.12
N GLN E 57 -17.80 -24.93 -0.97
CA GLN E 57 -17.95 -23.98 0.13
C GLN E 57 -16.62 -23.79 0.83
N THR E 58 -15.62 -24.61 0.51
CA THR E 58 -14.30 -24.41 1.12
C THR E 58 -13.13 -24.25 0.17
N ASP E 59 -13.29 -24.55 -1.13
CA ASP E 59 -12.16 -24.53 -2.06
C ASP E 59 -12.58 -24.17 -3.43
N PHE E 60 -11.67 -23.54 -4.16
CA PHE E 60 -11.92 -23.26 -5.56
C PHE E 60 -11.47 -24.44 -6.41
N SER E 61 -10.18 -24.71 -6.45
CA SER E 61 -9.67 -25.93 -7.05
C SER E 61 -8.25 -26.20 -6.65
N ALA E 62 -8.00 -27.41 -6.21
CA ALA E 62 -6.66 -27.84 -5.86
C ALA E 62 -5.87 -28.27 -7.10
N GLY E 63 -6.35 -27.96 -8.30
CA GLY E 63 -5.57 -28.20 -9.51
C GLY E 63 -5.87 -29.60 -10.02
N ASN E 64 -5.02 -30.15 -10.87
CA ASN E 64 -5.30 -31.48 -11.40
C ASN E 64 -5.20 -32.58 -10.40
N ASP E 65 -6.11 -33.53 -10.48
CA ASP E 65 -6.00 -34.76 -9.73
C ASP E 65 -4.77 -35.49 -10.26
N LEU E 66 -3.94 -35.91 -9.34
CA LEU E 66 -2.67 -36.46 -9.71
C LEU E 66 -2.78 -37.82 -10.46
N PRO E 67 -3.56 -38.76 -9.92
CA PRO E 67 -3.77 -40.03 -10.66
C PRO E 67 -4.23 -39.79 -12.11
N ASP E 68 -5.24 -38.93 -12.28
CA ASP E 68 -5.73 -38.63 -13.61
C ASP E 68 -4.65 -38.03 -14.50
N PHE E 69 -3.88 -37.13 -13.91
CA PHE E 69 -2.83 -36.42 -14.60
C PHE E 69 -1.74 -37.35 -15.18
N LEU E 70 -1.41 -38.40 -14.44
CA LEU E 70 -0.40 -39.38 -14.87
C LEU E 70 -0.86 -40.24 -16.04
N THR E 71 -2.11 -40.09 -16.41
CA THR E 71 -2.73 -40.67 -17.58
C THR E 71 -2.60 -39.85 -18.84
N TRP E 72 -2.16 -38.61 -18.74
CA TRP E 72 -2.14 -37.77 -19.92
C TRP E 72 -1.05 -38.16 -20.89
N GLU E 73 -1.40 -38.26 -22.15
CA GLU E 73 -0.38 -38.47 -23.15
C GLU E 73 0.28 -37.12 -23.49
N ALA E 74 -0.49 -36.04 -23.43
CA ALA E 74 -0.05 -34.73 -23.85
C ALA E 74 -0.96 -33.66 -23.20
N LEU E 75 -0.49 -32.43 -23.09
CA LEU E 75 -1.38 -31.34 -22.82
C LEU E 75 -1.99 -30.84 -24.12
N SER E 76 -1.19 -30.70 -25.16
CA SER E 76 -1.71 -30.25 -26.48
C SER E 76 -2.89 -31.11 -26.93
N GLY E 77 -4.00 -30.46 -27.26
CA GLY E 77 -5.18 -31.16 -27.74
C GLY E 77 -6.02 -31.82 -26.68
N SER E 78 -5.55 -31.86 -25.44
CA SER E 78 -6.29 -32.56 -24.40
C SER E 78 -7.58 -31.83 -24.01
N VAL E 79 -8.39 -32.52 -23.23
CA VAL E 79 -9.59 -31.88 -22.71
C VAL E 79 -9.26 -30.71 -21.79
N ALA E 80 -8.14 -30.78 -21.05
CA ALA E 80 -7.75 -29.66 -20.22
C ALA E 80 -7.44 -28.47 -21.11
N ASP E 81 -6.72 -28.71 -22.18
CA ASP E 81 -6.43 -27.66 -23.14
C ASP E 81 -7.74 -27.06 -23.67
N ARG E 82 -8.72 -27.90 -23.94
CA ARG E 82 -9.98 -27.43 -24.54
C ARG E 82 -10.67 -26.50 -23.56
N PHE E 83 -10.69 -26.88 -22.30
CA PHE E 83 -11.31 -26.04 -21.31
C PHE E 83 -10.64 -24.67 -21.19
N ILE E 84 -9.33 -24.69 -21.09
CA ILE E 84 -8.54 -23.47 -21.01
C ILE E 84 -8.80 -22.57 -22.21
N ARG E 85 -8.78 -23.13 -23.39
CA ARG E 85 -9.06 -22.33 -24.58
C ARG E 85 -10.47 -21.79 -24.56
N ALA E 86 -11.40 -22.57 -24.05
CA ALA E 86 -12.78 -22.09 -23.97
C ALA E 86 -12.88 -20.87 -23.11
N VAL E 87 -12.16 -20.83 -22.00
CA VAL E 87 -12.23 -19.67 -21.13
C VAL E 87 -11.43 -18.50 -21.65
N ALA E 88 -10.23 -18.78 -22.11
CA ALA E 88 -9.37 -17.74 -22.70
C ALA E 88 -10.03 -17.08 -23.87
N GLY E 89 -10.75 -17.86 -24.69
CA GLY E 89 -11.47 -17.31 -25.85
C GLY E 89 -12.92 -16.89 -25.61
N ALA E 90 -13.42 -16.98 -24.38
CA ALA E 90 -14.82 -16.63 -24.14
C ALA E 90 -15.08 -15.17 -24.42
N ARG E 91 -16.08 -14.90 -25.24
CA ARG E 91 -16.42 -13.56 -25.66
C ARG E 91 -17.20 -12.86 -24.57
N LYS E 92 -17.96 -13.60 -23.81
CA LYS E 92 -18.72 -13.01 -22.72
C LYS E 92 -17.90 -12.91 -21.45
N PRO E 93 -18.31 -12.03 -20.53
CA PRO E 93 -17.54 -11.79 -19.32
C PRO E 93 -17.61 -12.96 -18.39
N VAL E 94 -16.58 -13.10 -17.60
CA VAL E 94 -16.40 -14.21 -16.69
C VAL E 94 -15.99 -13.67 -15.33
N VAL E 95 -16.75 -14.01 -14.30
CA VAL E 95 -16.47 -13.60 -12.97
C VAL E 95 -16.15 -14.86 -12.20
N ALA E 96 -15.20 -14.80 -11.30
CA ALA E 96 -14.87 -15.98 -10.47
C ALA E 96 -14.85 -15.61 -9.00
N ALA E 97 -15.23 -16.54 -8.15
CA ALA E 97 -15.16 -16.34 -6.71
C ALA E 97 -14.33 -17.46 -6.18
N VAL E 98 -13.21 -17.13 -5.55
CA VAL E 98 -12.27 -18.18 -5.13
C VAL E 98 -12.12 -18.16 -3.63
N ARG E 99 -11.73 -19.31 -3.09
CA ARG E 99 -11.45 -19.46 -1.66
C ARG E 99 -10.63 -20.71 -1.45
N GLY E 100 -10.07 -20.86 -0.25
CA GLY E 100 -9.23 -22.03 0.07
C GLY E 100 -8.19 -22.26 -1.01
N ALA E 101 -8.12 -23.47 -1.53
CA ALA E 101 -7.09 -23.82 -2.50
C ALA E 101 -7.42 -23.23 -3.86
N ALA E 102 -6.42 -22.58 -4.44
CA ALA E 102 -6.45 -22.15 -5.84
C ALA E 102 -5.12 -22.52 -6.45
N ILE E 103 -5.01 -23.76 -6.86
CA ILE E 103 -3.71 -24.33 -7.17
C ILE E 103 -3.66 -24.76 -8.60
N GLY E 104 -2.52 -24.56 -9.18
CA GLY E 104 -2.30 -24.90 -10.55
C GLY E 104 -3.26 -24.12 -11.41
N ILE E 105 -4.08 -24.87 -12.13
CA ILE E 105 -5.10 -24.30 -12.97
C ILE E 105 -6.05 -23.45 -12.15
N GLY E 106 -6.22 -23.78 -10.87
CA GLY E 106 -7.05 -22.94 -10.01
C GLY E 106 -6.55 -21.52 -9.96
N SER E 107 -5.25 -21.33 -10.11
CA SER E 107 -4.68 -19.98 -10.17
C SER E 107 -4.50 -19.47 -11.59
N THR E 108 -4.03 -20.32 -12.48
CA THR E 108 -3.59 -19.83 -13.80
C THR E 108 -4.75 -19.53 -14.73
N LEU E 109 -5.92 -19.94 -14.31
CA LEU E 109 -7.14 -19.59 -14.96
C LEU E 109 -7.57 -18.15 -14.71
N LEU E 110 -7.19 -17.60 -13.58
CA LEU E 110 -7.76 -16.34 -13.13
C LEU E 110 -7.43 -15.16 -14.01
N PRO E 111 -6.27 -15.18 -14.65
CA PRO E 111 -5.98 -14.03 -15.55
C PRO E 111 -6.89 -13.94 -16.76
N HIS E 112 -7.58 -15.04 -17.10
CA HIS E 112 -8.55 -15.00 -18.13
C HIS E 112 -9.92 -14.56 -17.64
N CYS E 113 -10.10 -14.41 -16.35
CA CYS E 113 -11.34 -13.87 -15.83
C CYS E 113 -11.36 -12.33 -15.88
N ASP E 114 -12.54 -11.79 -15.97
CA ASP E 114 -12.70 -10.35 -16.04
C ASP E 114 -12.82 -9.71 -14.64
N LEU E 115 -13.48 -10.40 -13.71
CA LEU E 115 -13.45 -10.04 -12.33
C LEU E 115 -13.27 -11.26 -11.48
N VAL E 116 -12.57 -11.11 -10.36
CA VAL E 116 -12.29 -12.16 -9.43
C VAL E 116 -12.33 -11.65 -8.01
N TYR E 117 -13.08 -12.33 -7.14
CA TYR E 117 -13.10 -12.00 -5.72
C TYR E 117 -12.61 -13.23 -5.00
N ALA E 118 -11.89 -13.00 -3.91
CA ALA E 118 -11.33 -14.09 -3.12
C ALA E 118 -11.70 -13.96 -1.65
N ALA E 119 -11.82 -15.08 -0.99
CA ALA E 119 -11.99 -15.08 0.44
C ALA E 119 -10.66 -14.87 1.14
N PRO E 120 -10.71 -14.33 2.36
CA PRO E 120 -9.54 -14.18 3.21
C PRO E 120 -8.57 -15.33 3.23
N GLY E 121 -9.00 -16.56 3.38
CA GLY E 121 -7.91 -17.60 3.49
C GLY E 121 -7.30 -18.12 2.18
N THR E 122 -7.54 -17.48 1.06
CA THR E 122 -7.23 -18.14 -0.19
C THR E 122 -5.74 -18.31 -0.33
N ARG E 123 -5.34 -19.46 -0.81
CA ARG E 123 -3.95 -19.79 -1.03
C ARG E 123 -3.69 -20.08 -2.51
N PHE E 124 -2.87 -19.26 -3.14
CA PHE E 124 -2.63 -19.36 -4.57
C PHE E 124 -1.32 -20.07 -4.75
N HIS E 125 -1.22 -20.90 -5.76
CA HIS E 125 0.02 -21.64 -5.93
C HIS E 125 0.17 -22.14 -7.34
N MSE E 126 1.35 -21.94 -7.91
CA MSE E 126 1.70 -22.51 -9.23
C MSE E 126 2.94 -23.34 -9.13
O MSE E 126 4.02 -22.90 -9.52
CB MSE E 126 1.94 -21.34 -10.15
CG MSE E 126 0.58 -20.72 -10.43
SE MSE E 126 0.81 -18.94 -11.24
CE MSE E 126 -0.69 -17.92 -10.46
N PRO E 127 2.83 -24.54 -8.56
CA PRO E 127 4.01 -25.36 -8.20
C PRO E 127 4.63 -26.21 -9.34
N PHE E 128 4.40 -25.84 -10.59
CA PHE E 128 4.89 -26.55 -11.75
C PHE E 128 6.31 -26.95 -11.63
N ILE E 129 7.17 -26.00 -11.29
CA ILE E 129 8.61 -26.29 -11.17
C ILE E 129 8.91 -27.44 -10.22
N ASN E 130 8.14 -27.54 -9.13
CA ASN E 130 8.37 -28.60 -8.18
C ASN E 130 7.89 -29.93 -8.65
N LEU E 131 7.12 -29.97 -9.71
CA LEU E 131 6.73 -31.21 -10.30
C LEU E 131 7.51 -31.52 -11.54
N GLY E 132 8.55 -30.76 -11.84
CA GLY E 132 9.31 -31.00 -13.06
C GLY E 132 8.55 -30.68 -14.31
N ILE E 133 7.61 -29.76 -14.22
CA ILE E 133 6.90 -29.32 -15.43
C ILE E 133 6.85 -27.80 -15.55
N VAL E 134 6.28 -27.32 -16.63
CA VAL E 134 6.20 -25.90 -16.86
C VAL E 134 4.80 -25.38 -16.67
N PRO E 135 4.67 -24.07 -16.48
CA PRO E 135 3.37 -23.46 -16.37
C PRO E 135 2.56 -23.46 -17.65
N GLU E 136 1.27 -23.46 -17.43
CA GLU E 136 0.28 -23.72 -18.42
C GLU E 136 -0.65 -22.50 -18.42
N ALA E 137 -1.66 -22.59 -19.27
CA ALA E 137 -2.76 -21.63 -19.33
C ALA E 137 -2.30 -20.20 -19.57
N GLY E 138 -1.13 -20.03 -20.18
CA GLY E 138 -0.60 -18.71 -20.51
C GLY E 138 0.04 -17.95 -19.36
N SER E 139 0.25 -18.63 -18.24
CA SER E 139 0.79 -17.97 -17.07
C SER E 139 2.21 -17.46 -17.24
N SER E 140 3.00 -18.12 -18.09
CA SER E 140 4.34 -17.61 -18.46
C SER E 140 4.29 -16.22 -19.09
N GLN E 141 3.14 -15.82 -19.60
CA GLN E 141 2.95 -14.48 -20.11
C GLN E 141 2.13 -13.59 -19.16
N THR E 142 1.07 -14.13 -18.61
CA THR E 142 0.18 -13.28 -17.82
C THR E 142 0.81 -12.88 -16.47
N MSE E 143 1.54 -13.78 -15.81
CA MSE E 143 2.09 -13.43 -14.51
C MSE E 143 3.14 -12.37 -14.59
O MSE E 143 3.08 -11.41 -13.85
CB MSE E 143 2.58 -14.63 -13.69
CG MSE E 143 1.42 -15.60 -13.42
SE MSE E 143 -0.25 -14.73 -12.71
CE MSE E 143 -1.27 -16.32 -13.30
N PRO E 144 4.14 -12.53 -15.47
CA PRO E 144 5.08 -11.46 -15.60
C PRO E 144 4.46 -10.13 -16.01
N ALA E 145 3.47 -10.16 -16.89
CA ALA E 145 2.82 -8.92 -17.28
C ALA E 145 2.17 -8.26 -16.06
N LEU E 146 1.52 -9.04 -15.20
CA LEU E 146 0.80 -8.46 -14.08
C LEU E 146 1.73 -8.02 -12.94
N ALA E 147 2.69 -8.88 -12.59
CA ALA E 147 3.43 -8.74 -11.38
C ALA E 147 4.83 -8.19 -11.61
N GLY E 148 5.25 -8.17 -12.86
CA GLY E 148 6.63 -7.93 -13.18
C GLY E 148 7.41 -9.22 -13.07
N HIS E 149 8.54 -9.25 -13.73
CA HIS E 149 9.26 -10.49 -13.85
C HIS E 149 9.75 -11.05 -12.49
N ARG E 150 10.18 -10.17 -11.60
CA ARG E 150 10.73 -10.67 -10.34
C ARG E 150 9.72 -11.22 -9.36
N ARG E 151 8.57 -10.58 -9.24
CA ARG E 151 7.59 -11.11 -8.33
C ARG E 151 6.98 -12.38 -8.97
N ALA E 152 6.85 -12.42 -10.31
CA ALA E 152 6.40 -13.63 -11.00
C ALA E 152 7.40 -14.76 -10.84
N ALA E 153 8.69 -14.45 -10.73
CA ALA E 153 9.67 -15.51 -10.50
C ALA E 153 9.51 -16.16 -9.17
N GLU E 154 9.08 -15.43 -8.14
CA GLU E 154 8.72 -16.11 -6.86
C GLU E 154 7.62 -17.17 -7.05
N MSE E 155 6.65 -16.87 -7.90
CA MSE E 155 5.56 -17.80 -8.15
C MSE E 155 5.97 -18.96 -9.02
O MSE E 155 5.65 -20.11 -8.71
CB MSE E 155 4.44 -17.09 -8.87
CG MSE E 155 3.97 -15.86 -8.11
SE MSE E 155 2.76 -14.75 -9.25
CE MSE E 155 2.38 -13.29 -8.00
N LEU E 156 6.66 -18.70 -10.11
CA LEU E 156 6.91 -19.70 -11.13
C LEU E 156 8.25 -20.38 -11.08
N MSE E 157 9.29 -19.68 -10.63
CA MSE E 157 10.64 -20.24 -10.60
C MSE E 157 10.96 -20.78 -9.23
O MSE E 157 11.47 -21.88 -9.13
CB MSE E 157 11.62 -19.17 -11.11
CG MSE E 157 11.47 -18.90 -12.61
SE MSE E 157 12.74 -17.45 -13.26
CE MSE E 157 14.40 -18.33 -12.70
N LEU E 158 10.66 -20.03 -8.17
CA LEU E 158 10.74 -20.57 -6.82
C LEU E 158 9.56 -21.47 -6.47
N GLY E 159 8.44 -21.32 -7.19
CA GLY E 159 7.30 -22.19 -6.99
C GLY E 159 6.68 -22.00 -5.63
N GLU E 160 6.67 -20.77 -5.18
CA GLU E 160 6.13 -20.48 -3.89
C GLU E 160 4.66 -20.05 -3.90
N PRO E 161 3.91 -20.48 -2.90
CA PRO E 161 2.53 -20.07 -2.79
C PRO E 161 2.43 -18.66 -2.31
N PHE E 162 1.33 -18.02 -2.59
CA PHE E 162 1.17 -16.65 -2.18
C PHE E 162 -0.27 -16.45 -1.84
N GLY E 163 -0.53 -15.30 -1.22
CA GLY E 163 -1.79 -15.04 -0.57
C GLY E 163 -2.47 -13.84 -1.21
N VAL E 164 -3.54 -13.43 -0.57
CA VAL E 164 -4.39 -12.37 -1.08
C VAL E 164 -3.75 -11.00 -1.12
N ASP E 165 -2.80 -10.75 -0.23
CA ASP E 165 -2.02 -9.53 -0.30
C ASP E 165 -1.34 -9.35 -1.70
N THR E 166 -0.57 -10.34 -2.11
CA THR E 166 0.09 -10.30 -3.35
C THR E 166 -0.89 -10.34 -4.49
N ALA E 167 -1.88 -11.23 -4.38
CA ALA E 167 -2.84 -11.39 -5.50
C ALA E 167 -3.55 -10.07 -5.81
N GLU E 168 -3.97 -9.33 -4.78
CA GLU E 168 -4.61 -8.05 -5.04
C GLU E 168 -3.55 -7.06 -5.54
N ALA E 169 -2.37 -7.05 -4.97
CA ALA E 169 -1.40 -6.06 -5.34
C ALA E 169 -1.02 -6.19 -6.81
N VAL E 170 -0.90 -7.37 -7.33
CA VAL E 170 -0.52 -7.48 -8.74
C VAL E 170 -1.70 -7.51 -9.70
N GLY E 171 -2.93 -7.39 -9.20
CA GLY E 171 -4.12 -7.35 -10.08
C GLY E 171 -4.70 -8.66 -10.53
N LEU E 172 -4.35 -9.71 -9.79
CA LEU E 172 -4.87 -11.04 -10.07
C LEU E 172 -6.30 -11.15 -9.58
N ILE E 173 -6.66 -10.38 -8.56
CA ILE E 173 -8.00 -10.34 -8.08
C ILE E 173 -8.42 -8.91 -7.87
N ASN E 174 -9.72 -8.67 -7.80
CA ASN E 174 -10.24 -7.34 -7.56
C ASN E 174 -10.37 -7.03 -6.08
N GLY E 175 -10.54 -8.03 -5.24
CA GLY E 175 -10.68 -7.74 -3.84
C GLY E 175 -10.90 -8.96 -2.98
N VAL E 176 -10.86 -8.73 -1.69
CA VAL E 176 -11.03 -9.78 -0.74
C VAL E 176 -12.39 -9.59 -0.09
N VAL E 177 -13.14 -10.65 0.04
CA VAL E 177 -14.46 -10.59 0.60
C VAL E 177 -14.64 -11.76 1.56
N PRO E 178 -15.20 -11.49 2.75
CA PRO E 178 -15.47 -12.53 3.77
C PRO E 178 -16.25 -13.71 3.17
N GLY E 179 -15.82 -14.93 3.46
CA GLY E 179 -16.42 -16.08 2.85
C GLY E 179 -17.93 -16.12 2.88
N GLU E 180 -18.54 -15.71 3.97
CA GLU E 180 -20.00 -15.76 4.04
C GLU E 180 -20.68 -14.85 3.04
N ASP E 181 -19.99 -13.83 2.52
CA ASP E 181 -20.56 -12.91 1.54
C ASP E 181 -19.94 -13.04 0.16
N LEU E 182 -19.06 -14.01 -0.01
CA LEU E 182 -18.27 -14.08 -1.20
C LEU E 182 -19.13 -14.32 -2.42
N GLU E 183 -19.97 -15.35 -2.37
CA GLU E 183 -20.76 -15.75 -3.54
C GLU E 183 -21.78 -14.70 -3.88
N GLU E 184 -22.37 -14.11 -2.85
CA GLU E 184 -23.34 -13.06 -3.04
C GLU E 184 -22.70 -11.86 -3.74
N THR E 185 -21.48 -11.53 -3.34
CA THR E 185 -20.80 -10.39 -3.88
C THR E 185 -20.34 -10.62 -5.31
N ALA E 186 -19.79 -11.80 -5.56
CA ALA E 186 -19.45 -12.15 -6.91
C ALA E 186 -20.69 -12.18 -7.82
N MSE E 187 -21.80 -12.64 -7.26
CA MSE E 187 -23.03 -12.67 -8.01
C MSE E 187 -23.51 -11.27 -8.31
O MSE E 187 -24.03 -11.03 -9.39
CB MSE E 187 -24.10 -13.49 -7.25
CG MSE E 187 -25.49 -13.48 -7.92
SE MSE E 187 -25.45 -14.26 -9.78
CE MSE E 187 -25.90 -16.07 -9.24
N ALA E 188 -23.40 -10.37 -7.34
CA ALA E 188 -23.86 -9.00 -7.53
C ALA E 188 -23.06 -8.36 -8.63
N ALA E 189 -21.77 -8.68 -8.69
CA ALA E 189 -20.93 -8.15 -9.75
C ALA E 189 -21.31 -8.74 -11.11
N ALA E 190 -21.60 -10.02 -11.13
CA ALA E 190 -22.09 -10.67 -12.37
C ALA E 190 -23.40 -10.06 -12.89
N ARG E 191 -24.32 -9.78 -11.97
CA ARG E 191 -25.56 -9.12 -12.34
C ARG E 191 -25.34 -7.72 -12.85
N LYS E 192 -24.38 -7.04 -12.27
CA LYS E 192 -24.16 -5.68 -12.70
C LYS E 192 -23.60 -5.71 -14.12
N LEU E 193 -22.72 -6.65 -14.42
CA LEU E 193 -22.28 -6.81 -15.79
C LEU E 193 -23.40 -7.25 -16.70
N ALA E 194 -24.28 -8.09 -16.18
CA ALA E 194 -25.36 -8.63 -17.03
C ALA E 194 -26.35 -7.54 -17.37
N ALA E 195 -26.45 -6.48 -16.56
CA ALA E 195 -27.37 -5.42 -16.86
C ALA E 195 -26.80 -4.43 -17.88
N LYS E 196 -25.55 -4.56 -18.28
CA LYS E 196 -25.00 -3.73 -19.35
C LYS E 196 -25.48 -4.28 -20.68
N PRO E 197 -25.35 -3.50 -21.75
CA PRO E 197 -25.70 -3.99 -23.05
C PRO E 197 -24.68 -4.98 -23.58
N ARG E 198 -25.12 -6.21 -23.73
CA ARG E 198 -24.23 -7.29 -24.07
C ARG E 198 -23.38 -7.11 -25.33
N SER E 199 -23.96 -6.62 -26.40
CA SER E 199 -23.21 -6.55 -27.63
C SER E 199 -22.10 -5.54 -27.50
N ILE E 200 -22.31 -4.47 -26.75
CA ILE E 200 -21.24 -3.50 -26.50
C ILE E 200 -20.19 -4.07 -25.54
N LEU E 201 -20.66 -4.66 -24.46
CA LEU E 201 -19.79 -5.16 -23.44
C LEU E 201 -18.80 -6.14 -24.02
N VAL E 202 -19.28 -6.98 -24.92
CA VAL E 202 -18.46 -7.98 -25.58
C VAL E 202 -17.38 -7.31 -26.42
N GLN E 203 -17.72 -6.21 -27.08
CA GLN E 203 -16.77 -5.50 -27.90
C GLN E 203 -15.69 -4.86 -27.02
N ILE E 204 -16.11 -4.35 -25.86
CA ILE E 204 -15.17 -3.76 -24.93
C ILE E 204 -14.17 -4.80 -24.47
N LYS E 205 -14.68 -5.96 -24.12
CA LYS E 205 -13.80 -7.02 -23.65
C LYS E 205 -12.85 -7.41 -24.74
N ALA E 206 -13.33 -7.50 -25.97
CA ALA E 206 -12.45 -7.94 -27.09
C ALA E 206 -11.37 -6.92 -27.35
N LEU E 207 -11.71 -5.65 -27.28
CA LEU E 207 -10.67 -4.61 -27.43
C LEU E 207 -9.62 -4.71 -26.31
N MSE E 208 -10.08 -4.87 -25.08
CA MSE E 208 -9.19 -4.92 -23.95
C MSE E 208 -8.24 -6.03 -24.13
O MSE E 208 -7.12 -5.96 -23.69
CB MSE E 208 -9.95 -5.15 -22.65
CG MSE E 208 -10.61 -3.84 -22.21
SE MSE E 208 -11.74 -4.21 -20.66
CE MSE E 208 -10.36 -4.38 -19.26
N LYS E 209 -8.70 -7.12 -24.74
CA LYS E 209 -7.92 -8.33 -24.85
C LYS E 209 -7.20 -8.44 -26.18
N THR E 210 -7.25 -7.39 -26.99
CA THR E 210 -6.50 -7.35 -28.21
C THR E 210 -5.05 -7.02 -27.90
N PRO E 211 -4.12 -7.76 -28.53
CA PRO E 211 -2.72 -7.49 -28.28
C PRO E 211 -2.36 -6.04 -28.53
N ALA E 212 -1.46 -5.54 -27.70
CA ALA E 212 -1.05 -4.14 -27.72
C ALA E 212 -0.38 -3.86 -29.05
N GLU E 213 -0.57 -2.66 -29.55
CA GLU E 213 -0.13 -2.30 -30.88
C GLU E 213 0.29 -0.85 -30.87
N PRO E 214 0.94 -0.38 -31.92
CA PRO E 214 1.21 1.05 -31.97
C PRO E 214 -0.03 1.89 -31.71
N ILE E 215 0.14 2.93 -30.93
CA ILE E 215 -0.96 3.66 -30.38
C ILE E 215 -1.91 4.21 -31.45
N MSE E 216 -1.37 4.70 -32.55
CA MSE E 216 -2.25 5.23 -33.62
C MSE E 216 -3.12 4.13 -34.20
O MSE E 216 -4.27 4.37 -34.49
CB MSE E 216 -1.46 5.93 -34.73
CG MSE E 216 -0.58 7.08 -34.24
SE MSE E 216 -1.54 8.60 -33.34
CE MSE E 216 -0.12 9.45 -32.28
N ASP E 217 -2.59 2.92 -34.36
CA ASP E 217 -3.40 1.81 -34.79
C ASP E 217 -4.53 1.52 -33.84
N ARG E 218 -4.24 1.57 -32.54
CA ARG E 218 -5.28 1.27 -31.56
C ARG E 218 -6.36 2.34 -31.62
N LEU E 219 -5.97 3.58 -31.79
CA LEU E 219 -6.95 4.66 -31.91
C LEU E 219 -7.89 4.42 -33.08
N THR E 220 -7.30 4.05 -34.21
CA THR E 220 -8.05 3.73 -35.40
C THR E 220 -8.97 2.56 -35.14
N ARG E 221 -8.44 1.51 -34.55
CA ARG E 221 -9.25 0.35 -34.23
C ARG E 221 -10.47 0.69 -33.35
N GLU E 222 -10.25 1.41 -32.26
CA GLU E 222 -11.31 1.70 -31.34
C GLU E 222 -12.33 2.51 -32.06
N ALA E 223 -11.87 3.48 -32.84
CA ALA E 223 -12.77 4.42 -33.49
C ALA E 223 -13.70 3.70 -34.47
N ALA E 224 -13.16 2.72 -35.20
CA ALA E 224 -13.97 1.95 -36.16
C ALA E 224 -15.10 1.27 -35.42
N VAL E 225 -14.79 0.62 -34.31
CA VAL E 225 -15.85 -0.02 -33.53
C VAL E 225 -16.83 1.04 -32.99
N PHE E 226 -16.26 2.10 -32.44
CA PHE E 226 -17.04 3.20 -31.84
C PHE E 226 -18.05 3.76 -32.83
N ASP E 227 -17.64 3.95 -34.08
CA ASP E 227 -18.54 4.46 -35.13
C ASP E 227 -19.81 3.60 -35.27
N THR E 228 -19.62 2.29 -35.30
CA THR E 228 -20.77 1.36 -35.27
C THR E 228 -21.70 1.52 -34.06
N CYS E 229 -21.15 1.82 -32.90
CA CYS E 229 -21.98 2.05 -31.73
C CYS E 229 -22.90 3.23 -31.78
N LEU E 230 -22.46 4.27 -32.46
CA LEU E 230 -23.24 5.50 -32.55
C LEU E 230 -24.59 5.22 -33.21
N LYS E 231 -24.63 4.21 -34.06
CA LYS E 231 -25.87 3.86 -34.77
C LYS E 231 -26.71 2.80 -34.03
N GLY E 232 -26.29 2.39 -32.84
CA GLY E 232 -26.88 1.18 -32.24
C GLY E 232 -28.06 1.40 -31.30
N GLU E 233 -28.77 0.33 -31.04
CA GLU E 233 -29.92 0.39 -30.19
C GLU E 233 -29.53 0.66 -28.74
N ALA E 234 -28.35 0.19 -28.34
CA ALA E 234 -27.94 0.32 -26.93
C ALA E 234 -27.79 1.76 -26.53
N LEU E 235 -27.09 2.52 -27.37
CA LEU E 235 -26.98 3.95 -27.16
C LEU E 235 -28.38 4.58 -27.09
N ASN E 236 -29.24 4.16 -28.00
CA ASN E 236 -30.55 4.72 -28.07
C ASN E 236 -31.32 4.51 -26.76
N GLU E 237 -31.28 3.29 -26.28
CA GLU E 237 -31.93 2.90 -25.03
C GLU E 237 -31.33 3.61 -23.81
N ALA E 238 -30.02 3.82 -23.83
CA ALA E 238 -29.35 4.50 -22.72
C ALA E 238 -29.83 5.93 -22.61
N VAL E 239 -29.89 6.60 -23.75
CA VAL E 239 -30.33 7.98 -23.80
C VAL E 239 -31.81 8.09 -23.38
N SER E 240 -32.63 7.29 -24.04
CA SER E 240 -34.04 7.26 -23.73
C SER E 240 -34.27 7.06 -22.22
N ALA E 241 -33.64 6.05 -21.66
CA ALA E 241 -33.79 5.75 -20.24
C ALA E 241 -33.34 6.91 -19.35
N PHE E 242 -32.29 7.61 -19.77
CA PHE E 242 -31.81 8.75 -19.03
C PHE E 242 -32.87 9.87 -19.03
N LYS E 243 -33.41 10.19 -20.21
CA LYS E 243 -34.46 11.20 -20.37
C LYS E 243 -35.64 10.87 -19.46
N GLU E 244 -36.15 9.65 -19.55
CA GLU E 244 -37.31 9.22 -18.75
C GLU E 244 -37.00 8.89 -17.30
N LYS E 245 -35.81 9.25 -16.82
CA LYS E 245 -35.42 9.08 -15.42
C LYS E 245 -35.62 7.66 -14.88
N ARG E 246 -35.22 6.66 -15.65
CA ARG E 246 -35.39 5.25 -15.26
C ARG E 246 -34.12 4.45 -15.56
N ALA E 247 -34.07 3.25 -15.01
CA ALA E 247 -32.99 2.32 -15.29
C ALA E 247 -33.17 1.77 -16.72
N PRO E 248 -32.06 1.67 -17.46
CA PRO E 248 -32.16 1.14 -18.82
C PRO E 248 -32.41 -0.34 -18.77
N ASP E 249 -33.08 -0.88 -19.77
CA ASP E 249 -33.19 -2.31 -19.91
C ASP E 249 -32.54 -2.65 -21.24
N PHE E 250 -31.40 -3.29 -21.16
CA PHE E 250 -30.64 -3.58 -22.36
C PHE E 250 -30.92 -4.94 -22.97
N SER E 251 -31.96 -5.63 -22.50
CA SER E 251 -32.46 -6.85 -23.16
C SER E 251 -32.88 -6.65 -24.63
N LYS E 252 -33.21 -5.42 -25.04
CA LYS E 252 -33.54 -5.13 -26.47
C LYS E 252 -32.47 -5.57 -27.50
N MSE F 1 31.45 30.07 9.48
CA MSE F 1 32.27 29.19 8.60
C MSE F 1 31.92 27.73 8.92
O MSE F 1 30.96 27.20 8.33
CB MSE F 1 33.76 29.61 8.69
N SER F 2 32.66 27.07 9.82
CA SER F 2 32.39 25.65 10.19
C SER F 2 32.29 25.42 11.72
N GLU F 3 31.43 26.20 12.38
CA GLU F 3 30.88 25.72 13.66
C GLU F 3 29.98 24.49 13.41
N LEU F 4 29.86 23.65 14.42
CA LEU F 4 29.24 22.36 14.29
C LEU F 4 27.74 22.41 14.22
N VAL F 5 27.15 23.52 14.65
CA VAL F 5 25.74 23.73 14.53
C VAL F 5 25.50 25.13 13.99
N LEU F 6 24.80 25.27 12.88
CA LEU F 6 24.53 26.55 12.25
C LEU F 6 23.09 26.90 12.45
N SER F 7 22.82 28.15 12.71
CA SER F 7 21.48 28.55 12.97
C SER F 7 21.26 29.93 12.40
N HIS F 8 20.13 30.17 11.74
CA HIS F 8 19.77 31.50 11.33
C HIS F 8 18.27 31.56 11.05
N VAL F 9 17.70 32.76 10.96
CA VAL F 9 16.27 32.93 10.80
C VAL F 9 15.99 33.54 9.44
N GLU F 10 15.03 33.00 8.70
CA GLU F 10 14.49 33.66 7.50
C GLU F 10 12.99 33.51 7.45
N GLY F 11 12.30 34.61 7.21
CA GLY F 11 10.88 34.59 6.94
C GLY F 11 10.12 33.80 7.97
N GLY F 12 10.45 34.00 9.24
CA GLY F 12 9.73 33.36 10.34
C GLY F 12 10.17 31.95 10.67
N VAL F 13 11.20 31.48 9.97
CA VAL F 13 11.67 30.14 10.12
C VAL F 13 13.06 30.11 10.70
N GLN F 14 13.25 29.41 11.80
CA GLN F 14 14.59 29.24 12.29
C GLN F 14 15.18 27.97 11.80
N VAL F 15 16.19 28.09 10.95
CA VAL F 15 16.89 26.99 10.43
C VAL F 15 17.98 26.58 11.39
N VAL F 16 18.03 25.32 11.73
CA VAL F 16 19.05 24.77 12.62
C VAL F 16 19.68 23.61 11.88
N ARG F 17 20.94 23.73 11.56
CA ARG F 17 21.61 22.75 10.73
C ARG F 17 22.78 22.08 11.47
N MSE F 18 22.79 20.77 11.52
CA MSE F 18 23.94 20.05 12.08
C MSE F 18 25.01 20.00 11.01
O MSE F 18 24.72 19.72 9.84
CB MSE F 18 23.56 18.62 12.48
CG MSE F 18 22.53 18.71 13.61
SE MSE F 18 21.81 16.91 14.01
CE MSE F 18 20.50 16.73 12.49
N ASN F 19 26.24 20.26 11.44
CA ASN F 19 27.30 20.53 10.53
C ASN F 19 28.64 19.92 10.93
N ARG F 20 28.67 18.60 10.99
CA ARG F 20 29.83 17.84 11.21
C ARG F 20 29.82 16.79 10.11
N PRO F 21 29.82 17.23 8.86
CA PRO F 21 29.59 16.31 7.77
C PRO F 21 30.57 15.19 7.66
N ASP F 22 31.80 15.40 8.09
CA ASP F 22 32.80 14.33 7.93
C ASP F 22 32.49 13.14 8.78
N LYS F 23 31.72 13.32 9.84
CA LYS F 23 31.42 12.19 10.65
C LYS F 23 29.94 11.88 10.61
N LYS F 24 29.34 12.24 9.48
CA LYS F 24 27.93 12.04 9.23
C LYS F 24 27.09 12.61 10.37
N ASN F 25 27.51 13.74 10.91
CA ASN F 25 26.79 14.37 11.98
C ASN F 25 26.58 13.51 13.21
N ALA F 26 27.55 12.65 13.49
CA ALA F 26 27.58 11.96 14.75
C ALA F 26 27.70 13.00 15.87
N LEU F 27 26.84 12.92 16.87
CA LEU F 27 26.74 13.97 17.88
C LEU F 27 27.70 13.83 19.04
N ILE F 28 28.18 14.99 19.51
CA ILE F 28 28.97 15.12 20.72
C ILE F 28 28.30 16.18 21.65
N GLY F 29 28.76 16.25 22.88
CA GLY F 29 28.18 17.13 23.89
C GLY F 29 28.04 18.56 23.46
N GLU F 30 29.03 19.06 22.76
CA GLU F 30 28.97 20.44 22.35
C GLU F 30 27.84 20.70 21.35
N MSE F 31 27.49 19.71 20.55
CA MSE F 31 26.44 19.88 19.56
C MSE F 31 25.16 19.88 20.27
O MSE F 31 24.30 20.72 19.98
CB MSE F 31 26.49 18.82 18.49
CG MSE F 31 27.76 19.02 17.67
SE MSE F 31 28.02 17.57 16.36
CE MSE F 31 26.60 18.04 15.07
N TYR F 32 24.98 18.94 21.20
CA TYR F 32 23.74 18.89 21.99
C TYR F 32 23.49 20.20 22.70
N ALA F 33 24.55 20.81 23.20
CA ALA F 33 24.43 22.08 23.87
C ALA F 33 24.08 23.17 22.90
N ALA F 34 24.78 23.23 21.77
CA ALA F 34 24.42 24.24 20.79
C ALA F 34 22.99 24.07 20.28
N LEU F 35 22.54 22.82 20.13
CA LEU F 35 21.21 22.56 19.61
C LEU F 35 20.18 22.99 20.63
N ALA F 36 20.39 22.63 21.88
CA ALA F 36 19.46 23.06 22.92
C ALA F 36 19.40 24.61 22.95
N GLU F 37 20.55 25.26 22.76
CA GLU F 37 20.65 26.74 22.73
C GLU F 37 19.76 27.27 21.65
N ALA F 38 19.93 26.72 20.47
CA ALA F 38 19.11 27.15 19.33
C ALA F 38 17.61 26.99 19.50
N PHE F 39 17.19 25.93 20.20
CA PHE F 39 15.79 25.80 20.52
C PHE F 39 15.32 26.81 21.53
N ALA F 40 16.14 27.07 22.53
CA ALA F 40 15.73 28.00 23.56
C ALA F 40 15.59 29.38 22.93
N LYS F 41 16.51 29.72 22.04
CA LYS F 41 16.43 30.99 21.42
C LYS F 41 15.18 31.09 20.55
N GLY F 42 14.97 30.10 19.71
CA GLY F 42 13.85 30.14 18.78
C GLY F 42 12.52 30.13 19.51
N GLU F 43 12.43 29.36 20.59
CA GLU F 43 11.21 29.35 21.35
C GLU F 43 10.87 30.73 21.89
N ALA F 44 11.87 31.52 22.30
CA ALA F 44 11.62 32.78 22.93
C ALA F 44 11.51 33.90 21.89
N ASP F 45 12.02 33.68 20.69
CA ASP F 45 12.15 34.74 19.72
C ASP F 45 10.84 34.99 18.98
N ASP F 46 10.32 36.19 19.14
CA ASP F 46 9.12 36.63 18.54
C ASP F 46 9.20 36.69 17.00
N ASP F 47 10.36 36.76 16.39
CA ASP F 47 10.44 36.69 14.92
C ASP F 47 10.37 35.27 14.37
N VAL F 48 10.34 34.29 15.24
CA VAL F 48 10.35 32.90 14.85
C VAL F 48 9.01 32.26 15.07
N ASN F 49 8.47 31.69 13.99
CA ASN F 49 7.23 30.93 14.06
C ASN F 49 7.42 29.43 14.00
N VAL F 50 8.50 28.96 13.36
CA VAL F 50 8.67 27.57 13.05
C VAL F 50 10.13 27.23 13.01
N PHE F 51 10.47 26.01 13.40
CA PHE F 51 11.84 25.51 13.26
C PHE F 51 11.98 24.61 12.09
N LEU F 52 13.12 24.64 11.47
CA LEU F 52 13.47 23.68 10.43
C LEU F 52 14.85 23.05 10.72
N ILE F 53 14.88 21.76 10.97
CA ILE F 53 16.11 21.06 11.31
C ILE F 53 16.63 20.33 10.14
N LEU F 54 17.90 20.53 9.85
CA LEU F 54 18.57 19.97 8.70
C LEU F 54 19.88 19.33 9.09
N GLY F 55 20.40 18.48 8.22
CA GLY F 55 21.70 17.90 8.39
C GLY F 55 22.64 18.37 7.32
N SER F 56 23.56 17.50 6.97
CA SER F 56 24.51 17.83 5.96
C SER F 56 23.86 17.62 4.59
N GLN F 57 24.66 17.72 3.54
CA GLN F 57 24.16 17.42 2.20
C GLN F 57 24.08 15.93 1.98
N THR F 58 24.62 15.11 2.87
CA THR F 58 24.51 13.68 2.69
C THR F 58 23.89 12.91 3.84
N ASP F 59 23.73 13.50 5.02
CA ASP F 59 23.29 12.77 6.18
C ASP F 59 22.55 13.63 7.12
N PHE F 60 21.67 13.03 7.87
CA PHE F 60 20.98 13.73 8.93
C PHE F 60 21.79 13.62 10.22
N SER F 61 21.86 12.41 10.78
CA SER F 61 22.74 12.18 11.90
C SER F 61 22.96 10.72 12.11
N ALA F 62 24.22 10.36 12.30
CA ALA F 62 24.58 9.00 12.59
C ALA F 62 24.50 8.69 14.05
N GLY F 63 23.86 9.56 14.82
CA GLY F 63 23.60 9.27 16.22
C GLY F 63 24.73 9.75 17.07
N ASN F 64 24.83 9.26 18.30
CA ASN F 64 25.94 9.64 19.14
C ASN F 64 27.28 9.16 18.67
N ASP F 65 28.26 10.03 18.77
CA ASP F 65 29.62 9.66 18.53
C ASP F 65 29.95 8.67 19.64
N LEU F 66 30.53 7.56 19.24
CA LEU F 66 30.78 6.50 20.18
C LEU F 66 31.83 6.83 21.28
N PRO F 67 33.01 7.37 20.89
CA PRO F 67 33.97 7.81 21.91
C PRO F 67 33.33 8.74 22.93
N ASP F 68 32.60 9.75 22.47
CA ASP F 68 31.96 10.69 23.37
C ASP F 68 30.97 9.99 24.27
N PHE F 69 30.23 9.06 23.69
CA PHE F 69 29.21 8.34 24.40
C PHE F 69 29.75 7.48 25.58
N LEU F 70 30.92 6.88 25.39
CA LEU F 70 31.56 6.08 26.44
C LEU F 70 32.03 6.91 27.66
N THR F 71 31.96 8.21 27.52
CA THR F 71 32.24 9.16 28.56
C THR F 71 31.08 9.47 29.47
N TRP F 72 29.89 9.05 29.11
CA TRP F 72 28.72 9.49 29.86
C TRP F 72 28.65 8.82 31.20
N GLU F 73 28.38 9.60 32.24
CA GLU F 73 28.11 9.05 33.57
C GLU F 73 26.65 8.57 33.60
N ALA F 74 25.77 9.30 32.93
CA ALA F 74 24.34 9.05 33.00
C ALA F 74 23.67 9.69 31.78
N LEU F 75 22.49 9.21 31.42
CA LEU F 75 21.65 9.93 30.47
C LEU F 75 20.84 10.98 31.26
N SER F 76 20.29 10.61 32.42
CA SER F 76 19.49 11.55 33.24
C SER F 76 20.30 12.80 33.51
N GLY F 77 19.73 13.94 33.20
CA GLY F 77 20.40 15.21 33.47
C GLY F 77 21.49 15.61 32.49
N SER F 78 21.84 14.75 31.55
CA SER F 78 22.88 15.05 30.62
C SER F 78 22.45 16.10 29.59
N VAL F 79 23.42 16.56 28.85
CA VAL F 79 23.17 17.55 27.82
C VAL F 79 22.32 16.92 26.68
N ALA F 80 22.48 15.64 26.41
CA ALA F 80 21.62 14.96 25.43
C ALA F 80 20.18 14.94 25.90
N ASP F 81 19.97 14.64 27.17
CA ASP F 81 18.65 14.72 27.77
C ASP F 81 18.06 16.14 27.63
N ARG F 82 18.87 17.15 27.86
CA ARG F 82 18.39 18.53 27.75
C ARG F 82 17.90 18.82 26.32
N PHE F 83 18.67 18.41 25.33
CA PHE F 83 18.27 18.64 23.95
C PHE F 83 16.95 17.98 23.61
N ILE F 84 16.84 16.74 24.01
CA ILE F 84 15.66 15.95 23.74
C ILE F 84 14.45 16.63 24.37
N ARG F 85 14.58 17.03 25.63
CA ARG F 85 13.46 17.68 26.31
C ARG F 85 13.13 18.98 25.66
N ALA F 86 14.13 19.69 25.17
CA ALA F 86 13.86 20.93 24.46
C ALA F 86 12.99 20.71 23.23
N VAL F 87 13.25 19.66 22.49
CA VAL F 87 12.45 19.41 21.29
C VAL F 87 11.09 18.84 21.64
N ALA F 88 11.08 17.86 22.52
CA ALA F 88 9.82 17.23 22.94
C ALA F 88 8.88 18.26 23.51
N GLY F 89 9.39 19.26 24.22
CA GLY F 89 8.56 20.32 24.78
C GLY F 89 8.38 21.58 23.94
N ALA F 90 8.94 21.63 22.73
CA ALA F 90 8.86 22.87 21.96
C ALA F 90 7.41 23.21 21.60
N ARG F 91 7.01 24.41 21.90
CA ARG F 91 5.66 24.88 21.63
C ARG F 91 5.49 25.21 20.17
N LYS F 92 6.53 25.67 19.50
CA LYS F 92 6.42 26.00 18.10
C LYS F 92 6.66 24.77 17.22
N PRO F 93 6.13 24.78 16.00
CA PRO F 93 6.26 23.65 15.11
C PRO F 93 7.68 23.40 14.67
N VAL F 94 7.96 22.16 14.35
CA VAL F 94 9.28 21.70 14.01
C VAL F 94 9.18 20.83 12.78
N VAL F 95 9.88 21.21 11.74
CA VAL F 95 9.95 20.46 10.53
C VAL F 95 11.36 19.91 10.38
N ALA F 96 11.49 18.67 9.96
CA ALA F 96 12.81 18.09 9.71
C ALA F 96 12.95 17.58 8.28
N ALA F 97 14.14 17.65 7.73
CA ALA F 97 14.45 17.06 6.44
C ALA F 97 15.62 16.11 6.62
N VAL F 98 15.39 14.84 6.39
CA VAL F 98 16.41 13.80 6.70
C VAL F 98 16.87 13.13 5.41
N ARG F 99 18.06 12.59 5.46
CA ARG F 99 18.63 11.84 4.37
C ARG F 99 19.76 11.01 4.90
N GLY F 100 20.25 10.08 4.09
CA GLY F 100 21.36 9.18 4.46
C GLY F 100 21.14 8.57 5.82
N ALA F 101 22.10 8.74 6.72
CA ALA F 101 21.98 8.18 8.05
C ALA F 101 21.00 8.95 8.94
N ALA F 102 20.10 8.21 9.57
CA ALA F 102 19.27 8.72 10.66
C ALA F 102 19.29 7.65 11.75
N ILE F 103 20.32 7.71 12.59
CA ILE F 103 20.61 6.63 13.49
C ILE F 103 20.55 7.10 14.91
N GLY F 104 20.06 6.22 15.76
CA GLY F 104 19.86 6.52 17.12
C GLY F 104 18.95 7.71 17.26
N ILE F 105 19.48 8.74 17.86
CA ILE F 105 18.76 9.97 18.07
C ILE F 105 18.36 10.58 16.75
N GLY F 106 19.10 10.30 15.70
CA GLY F 106 18.68 10.74 14.39
C GLY F 106 17.30 10.21 14.01
N SER F 107 16.95 9.02 14.51
CA SER F 107 15.61 8.49 14.28
C SER F 107 14.64 8.81 15.40
N THR F 108 15.08 8.69 16.64
CA THR F 108 14.16 8.75 17.78
C THR F 108 13.68 10.14 18.09
N LEU F 109 14.33 11.11 17.46
CA LEU F 109 13.90 12.47 17.49
C LEU F 109 12.69 12.76 16.64
N LEU F 110 12.52 11.99 15.59
CA LEU F 110 11.53 12.33 14.58
C LEU F 110 10.10 12.30 15.02
N PRO F 111 9.76 11.42 15.94
CA PRO F 111 8.40 11.45 16.48
C PRO F 111 8.03 12.76 17.20
N HIS F 112 8.99 13.55 17.61
CA HIS F 112 8.71 14.84 18.21
C HIS F 112 8.61 15.94 17.18
N CYS F 113 8.87 15.65 15.92
CA CYS F 113 8.69 16.65 14.89
C CYS F 113 7.25 16.70 14.43
N ASP F 114 6.83 17.82 13.88
CA ASP F 114 5.48 17.98 13.38
C ASP F 114 5.36 17.56 11.90
N LEU F 115 6.38 17.85 11.09
CA LEU F 115 6.48 17.33 9.77
C LEU F 115 7.90 16.86 9.50
N VAL F 116 8.05 15.82 8.71
CA VAL F 116 9.34 15.24 8.36
C VAL F 116 9.32 14.77 6.94
N TYR F 117 10.30 15.18 6.15
CA TYR F 117 10.51 14.68 4.79
C TYR F 117 11.85 14.00 4.74
N ALA F 118 11.95 12.97 3.91
CA ALA F 118 13.14 12.17 3.79
C ALA F 118 13.53 11.96 2.37
N ALA F 119 14.81 11.83 2.14
CA ALA F 119 15.32 11.51 0.82
C ALA F 119 15.24 10.03 0.58
N PRO F 120 15.21 9.64 -0.70
CA PRO F 120 15.17 8.25 -1.11
C PRO F 120 16.18 7.29 -0.44
N GLY F 121 17.42 7.67 -0.28
CA GLY F 121 18.30 6.66 0.38
C GLY F 121 18.29 6.58 1.92
N THR F 122 17.34 7.20 2.59
CA THR F 122 17.51 7.36 4.03
C THR F 122 17.47 6.00 4.71
N ARG F 123 18.32 5.84 5.70
CA ARG F 123 18.42 4.60 6.46
C ARG F 123 18.18 4.89 7.96
N PHE F 124 17.10 4.34 8.50
CA PHE F 124 16.70 4.61 9.85
C PHE F 124 17.18 3.45 10.71
N HIS F 125 17.64 3.71 11.92
CA HIS F 125 18.15 2.62 12.73
C HIS F 125 18.12 2.98 14.17
N MSE F 126 17.63 2.07 15.00
CA MSE F 126 17.68 2.22 16.48
C MSE F 126 18.38 1.04 17.12
O MSE F 126 17.74 0.18 17.69
CB MSE F 126 16.25 2.33 16.96
CG MSE F 126 15.70 3.68 16.52
SE MSE F 126 13.76 3.74 16.70
CE MSE F 126 13.20 4.83 15.17
N PRO F 127 19.70 1.00 17.06
CA PRO F 127 20.48 -0.19 17.45
C PRO F 127 20.83 -0.33 18.94
N PHE F 128 20.08 0.32 19.82
CA PHE F 128 20.30 0.26 21.24
C PHE F 128 20.56 -1.13 21.76
N ILE F 129 19.69 -2.06 21.43
CA ILE F 129 19.86 -3.43 21.91
C ILE F 129 21.23 -4.02 21.56
N ASN F 130 21.75 -3.70 20.40
CA ASN F 130 23.06 -4.22 20.02
C ASN F 130 24.21 -3.54 20.72
N LEU F 131 23.94 -2.44 21.41
CA LEU F 131 24.93 -1.84 22.27
C LEU F 131 24.70 -2.14 23.74
N GLY F 132 23.81 -3.07 24.07
CA GLY F 132 23.51 -3.36 25.48
C GLY F 132 22.81 -2.25 26.22
N ILE F 133 22.08 -1.42 25.51
CA ILE F 133 21.36 -0.35 26.17
C ILE F 133 19.91 -0.29 25.71
N VAL F 134 19.15 0.62 26.30
CA VAL F 134 17.77 0.77 25.97
C VAL F 134 17.51 2.01 25.17
N PRO F 135 16.37 2.03 24.51
CA PRO F 135 16.02 3.20 23.73
C PRO F 135 15.73 4.39 24.58
N GLU F 136 15.93 5.52 23.95
CA GLU F 136 15.87 6.80 24.54
C GLU F 136 14.80 7.63 23.78
N ALA F 137 14.69 8.88 24.21
CA ALA F 137 13.90 9.90 23.56
C ALA F 137 12.44 9.55 23.43
N GLY F 138 11.97 8.65 24.30
CA GLY F 138 10.57 8.25 24.33
C GLY F 138 10.20 7.22 23.26
N SER F 139 11.20 6.69 22.55
CA SER F 139 10.93 5.76 21.47
C SER F 139 10.29 4.45 21.94
N SER F 140 10.54 4.03 23.18
CA SER F 140 9.79 2.90 23.76
C SER F 140 8.28 3.12 23.78
N GLN F 141 7.82 4.37 23.71
CA GLN F 141 6.41 4.68 23.63
C GLN F 141 5.99 5.10 22.22
N THR F 142 6.78 5.94 21.56
CA THR F 142 6.34 6.47 20.31
C THR F 142 6.38 5.42 19.22
N MSE F 143 7.38 4.55 19.19
CA MSE F 143 7.44 3.55 18.12
C MSE F 143 6.31 2.56 18.18
O MSE F 143 5.65 2.33 17.16
CB MSE F 143 8.77 2.85 17.96
CG MSE F 143 9.87 3.84 17.68
SE MSE F 143 9.47 5.11 16.17
CE MSE F 143 10.83 6.33 16.91
N PRO F 144 6.06 1.96 19.34
CA PRO F 144 4.93 1.05 19.38
C PRO F 144 3.60 1.76 19.07
N ALA F 145 3.43 2.99 19.53
CA ALA F 145 2.19 3.73 19.20
C ALA F 145 2.05 3.93 17.70
N LEU F 146 3.13 4.26 17.00
CA LEU F 146 3.04 4.49 15.57
C LEU F 146 2.93 3.21 14.74
N ALA F 147 3.75 2.21 15.06
CA ALA F 147 3.94 1.08 14.18
C ALA F 147 3.22 -0.16 14.66
N GLY F 148 2.72 -0.10 15.88
CA GLY F 148 2.26 -1.31 16.54
C GLY F 148 3.45 -2.04 17.15
N HIS F 149 3.16 -2.88 18.11
CA HIS F 149 4.20 -3.51 18.86
C HIS F 149 5.14 -4.39 18.01
N ARG F 150 4.59 -5.12 17.06
CA ARG F 150 5.40 -6.08 16.34
C ARG F 150 6.36 -5.46 15.37
N ARG F 151 5.94 -4.42 14.68
CA ARG F 151 6.88 -3.80 13.75
C ARG F 151 7.89 -3.07 14.58
N ALA F 152 7.46 -2.45 15.69
CA ALA F 152 8.38 -1.71 16.58
C ALA F 152 9.36 -2.69 17.18
N ALA F 153 8.98 -3.94 17.38
CA ALA F 153 9.95 -4.92 17.86
C ALA F 153 11.04 -5.22 16.86
N GLU F 154 10.76 -5.18 15.58
CA GLU F 154 11.84 -5.33 14.61
C GLU F 154 12.85 -4.22 14.80
N MSE F 155 12.36 -3.02 15.11
CA MSE F 155 13.26 -1.87 15.25
C MSE F 155 14.05 -1.93 16.53
O MSE F 155 15.23 -1.67 16.55
CB MSE F 155 12.46 -0.56 15.22
CG MSE F 155 11.63 -0.39 13.95
SE MSE F 155 10.28 1.09 14.12
CE MSE F 155 11.31 2.38 15.12
N LEU F 156 13.36 -2.23 17.62
CA LEU F 156 13.93 -2.07 18.95
C LEU F 156 14.47 -3.33 19.58
N MSE F 157 13.87 -4.47 19.29
CA MSE F 157 14.26 -5.71 19.93
C MSE F 157 15.17 -6.48 19.04
O MSE F 157 16.19 -6.95 19.50
CB MSE F 157 13.02 -6.49 20.30
CG MSE F 157 12.30 -5.80 21.48
SE MSE F 157 10.63 -6.75 21.98
CE MSE F 157 11.40 -8.51 22.39
N LEU F 158 14.87 -6.58 17.75
CA LEU F 158 15.83 -7.10 16.79
C LEU F 158 16.89 -6.09 16.44
N GLY F 159 16.61 -4.82 16.65
CA GLY F 159 17.60 -3.79 16.36
C GLY F 159 17.91 -3.67 14.89
N GLU F 160 16.93 -3.86 14.05
CA GLU F 160 17.15 -3.85 12.61
C GLU F 160 16.89 -2.47 11.98
N PRO F 161 17.72 -2.09 11.01
CA PRO F 161 17.49 -0.86 10.30
C PRO F 161 16.34 -0.97 9.37
N PHE F 162 15.74 0.13 9.01
CA PHE F 162 14.62 0.09 8.10
C PHE F 162 14.69 1.31 7.24
N GLY F 163 13.84 1.33 6.23
CA GLY F 163 13.90 2.30 5.14
C GLY F 163 12.65 3.12 5.05
N VAL F 164 12.59 3.89 3.99
CA VAL F 164 11.53 4.89 3.79
C VAL F 164 10.17 4.25 3.57
N ASP F 165 10.16 3.04 3.03
CA ASP F 165 8.93 2.35 2.93
C ASP F 165 8.26 2.24 4.32
N THR F 166 8.96 1.69 5.29
CA THR F 166 8.40 1.45 6.57
C THR F 166 8.14 2.77 7.22
N ALA F 167 9.07 3.70 7.05
CA ALA F 167 8.98 4.96 7.80
C ALA F 167 7.74 5.72 7.39
N GLU F 168 7.42 5.72 6.11
CA GLU F 168 6.20 6.34 5.69
C GLU F 168 5.00 5.52 6.12
N ALA F 169 5.08 4.20 6.01
CA ALA F 169 3.92 3.40 6.33
C ALA F 169 3.52 3.57 7.80
N VAL F 170 4.45 3.67 8.72
CA VAL F 170 4.05 3.81 10.10
C VAL F 170 3.88 5.27 10.54
N GLY F 171 4.01 6.23 9.64
CA GLY F 171 3.78 7.62 10.00
C GLY F 171 4.94 8.34 10.69
N LEU F 172 6.14 7.80 10.52
CA LEU F 172 7.31 8.44 11.03
C LEU F 172 7.71 9.63 10.14
N ILE F 173 7.41 9.57 8.84
CA ILE F 173 7.67 10.66 7.95
C ILE F 173 6.46 10.93 7.11
N ASN F 174 6.39 12.12 6.54
CA ASN F 174 5.26 12.50 5.73
C ASN F 174 5.46 12.01 4.31
N GLY F 175 6.69 11.88 3.87
CA GLY F 175 6.91 11.59 2.47
C GLY F 175 8.33 11.58 2.06
N VAL F 176 8.56 11.09 0.84
CA VAL F 176 9.89 10.92 0.30
C VAL F 176 10.11 11.92 -0.80
N VAL F 177 11.21 12.64 -0.77
CA VAL F 177 11.47 13.70 -1.71
C VAL F 177 12.88 13.56 -2.19
N PRO F 178 13.10 13.66 -3.51
CA PRO F 178 14.43 13.56 -4.11
C PRO F 178 15.39 14.52 -3.42
N GLY F 179 16.59 14.04 -3.08
CA GLY F 179 17.56 14.85 -2.37
C GLY F 179 17.74 16.28 -2.91
N GLU F 180 17.80 16.47 -4.22
CA GLU F 180 18.06 17.80 -4.73
C GLU F 180 16.93 18.75 -4.38
N ASP F 181 15.74 18.27 -4.06
CA ASP F 181 14.60 19.15 -3.71
C ASP F 181 14.19 19.07 -2.26
N LEU F 182 14.91 18.29 -1.49
CA LEU F 182 14.49 17.95 -0.16
C LEU F 182 14.41 19.19 0.73
N GLU F 183 15.47 19.99 0.74
CA GLU F 183 15.53 21.18 1.59
C GLU F 183 14.54 22.24 1.16
N GLU F 184 14.36 22.39 -0.14
CA GLU F 184 13.42 23.34 -0.64
C GLU F 184 12.01 22.99 -0.23
N THR F 185 11.72 21.71 -0.29
CA THR F 185 10.39 21.23 0.01
C THR F 185 10.10 21.31 1.49
N ALA F 186 11.08 20.93 2.30
CA ALA F 186 10.91 21.08 3.72
C ALA F 186 10.76 22.55 4.09
N MSE F 187 11.49 23.41 3.40
CA MSE F 187 11.41 24.85 3.68
C MSE F 187 10.07 25.38 3.29
O MSE F 187 9.51 26.22 3.97
CB MSE F 187 12.53 25.60 2.95
CG MSE F 187 12.44 27.13 3.07
SE MSE F 187 12.54 27.77 4.96
CE MSE F 187 14.48 28.01 4.99
N ALA F 188 9.53 24.89 2.18
CA ALA F 188 8.20 25.36 1.73
C ALA F 188 7.15 24.97 2.73
N ALA F 189 7.27 23.77 3.28
CA ALA F 189 6.37 23.37 4.32
C ALA F 189 6.53 24.27 5.58
N ALA F 190 7.77 24.59 5.95
CA ALA F 190 7.99 25.46 7.09
C ALA F 190 7.35 26.85 6.88
N ARG F 191 7.52 27.42 5.70
CA ARG F 191 6.93 28.70 5.38
C ARG F 191 5.43 28.65 5.41
N LYS F 192 4.87 27.55 4.95
CA LYS F 192 3.44 27.45 4.96
C LYS F 192 2.92 27.42 6.40
N LEU F 193 3.61 26.70 7.28
CA LEU F 193 3.25 26.77 8.68
C LEU F 193 3.45 28.20 9.22
N ALA F 194 4.52 28.85 8.79
CA ALA F 194 4.85 30.13 9.39
C ALA F 194 3.80 31.16 9.00
N ALA F 195 3.10 30.94 7.89
CA ALA F 195 2.11 31.90 7.45
C ALA F 195 0.78 31.73 8.19
N LYS F 196 0.63 30.67 8.97
CA LYS F 196 -0.58 30.52 9.77
C LYS F 196 -0.51 31.47 10.93
N PRO F 197 -1.64 31.78 11.57
CA PRO F 197 -1.62 32.60 12.79
C PRO F 197 -0.94 31.86 13.97
N ARG F 198 0.23 32.33 14.40
CA ARG F 198 1.05 31.61 15.35
C ARG F 198 0.33 31.21 16.62
N SER F 199 -0.44 32.13 17.18
CA SER F 199 -0.99 31.86 18.50
C SER F 199 -1.99 30.73 18.41
N ILE F 200 -2.73 30.67 17.32
CA ILE F 200 -3.63 29.54 17.13
C ILE F 200 -2.88 28.25 16.83
N LEU F 201 -1.91 28.33 15.95
CA LEU F 201 -1.16 27.15 15.56
C LEU F 201 -0.51 26.44 16.73
N VAL F 202 0.04 27.24 17.63
CA VAL F 202 0.63 26.71 18.84
C VAL F 202 -0.41 25.98 19.70
N GLN F 203 -1.63 26.50 19.76
CA GLN F 203 -2.67 25.88 20.56
C GLN F 203 -3.08 24.54 19.94
N ILE F 204 -3.13 24.51 18.63
CA ILE F 204 -3.45 23.26 17.93
C ILE F 204 -2.37 22.21 18.20
N LYS F 205 -1.12 22.61 18.11
CA LYS F 205 -0.06 21.69 18.42
C LYS F 205 -0.14 21.18 19.85
N ALA F 206 -0.43 22.08 20.78
CA ALA F 206 -0.49 21.68 22.20
C ALA F 206 -1.64 20.73 22.45
N LEU F 207 -2.77 20.99 21.82
CA LEU F 207 -3.87 20.04 21.92
C LEU F 207 -3.49 18.70 21.34
N MSE F 208 -2.93 18.71 20.15
CA MSE F 208 -2.56 17.46 19.48
C MSE F 208 -1.63 16.65 20.33
O MSE F 208 -1.73 15.43 20.36
CB MSE F 208 -1.83 17.67 18.18
CG MSE F 208 -2.84 18.06 17.13
SE MSE F 208 -1.88 18.57 15.50
CE MSE F 208 -1.32 16.79 14.85
N LYS F 209 -0.77 17.33 21.07
CA LYS F 209 0.21 16.65 21.92
C LYS F 209 -0.21 16.46 23.39
N THR F 210 -1.44 16.79 23.71
CA THR F 210 -1.98 16.51 25.02
C THR F 210 -2.30 15.04 25.15
N PRO F 211 -1.87 14.43 26.24
CA PRO F 211 -2.15 13.01 26.41
C PRO F 211 -3.61 12.71 26.21
N ALA F 212 -3.85 11.57 25.58
CA ALA F 212 -5.18 11.12 25.30
C ALA F 212 -5.98 10.93 26.58
N GLU F 213 -7.27 11.21 26.50
CA GLU F 213 -8.09 11.22 27.66
C GLU F 213 -9.49 10.77 27.26
N PRO F 214 -10.38 10.53 28.23
CA PRO F 214 -11.75 10.19 27.85
C PRO F 214 -12.32 11.22 26.92
N ILE F 215 -13.00 10.74 25.90
CA ILE F 215 -13.40 11.56 24.78
C ILE F 215 -14.20 12.79 25.21
N MSE F 216 -15.11 12.64 26.17
CA MSE F 216 -15.91 13.82 26.63
C MSE F 216 -15.04 14.87 27.23
O MSE F 216 -15.26 16.05 27.01
CB MSE F 216 -17.03 13.45 27.60
CG MSE F 216 -18.01 12.40 27.05
SE MSE F 216 -19.00 12.94 25.39
CE MSE F 216 -19.54 11.22 24.61
N ASP F 217 -14.00 14.47 27.97
CA ASP F 217 -13.03 15.46 28.50
C ASP F 217 -12.31 16.19 27.40
N ARG F 218 -11.92 15.48 26.36
CA ARG F 218 -11.25 16.14 25.27
C ARG F 218 -12.19 17.13 24.56
N LEU F 219 -13.44 16.77 24.39
CA LEU F 219 -14.40 17.68 23.75
C LEU F 219 -14.50 18.96 24.52
N THR F 220 -14.57 18.81 25.83
CA THR F 220 -14.64 19.95 26.72
C THR F 220 -13.39 20.80 26.60
N ARG F 221 -12.24 20.15 26.64
CA ARG F 221 -10.99 20.86 26.51
C ARG F 221 -10.91 21.67 25.20
N GLU F 222 -11.24 21.06 24.08
CA GLU F 222 -11.11 21.71 22.77
C GLU F 222 -12.03 22.86 22.73
N ALA F 223 -13.24 22.63 23.23
CA ALA F 223 -14.27 23.67 23.19
C ALA F 223 -13.88 24.91 24.01
N ALA F 224 -13.27 24.71 25.17
CA ALA F 224 -12.80 25.83 25.98
C ALA F 224 -11.83 26.69 25.19
N VAL F 225 -10.88 26.05 24.54
CA VAL F 225 -9.94 26.80 23.72
C VAL F 225 -10.70 27.47 22.57
N PHE F 226 -11.55 26.70 21.92
CA PHE F 226 -12.27 27.15 20.77
C PHE F 226 -13.06 28.41 21.08
N ASP F 227 -13.71 28.43 22.23
CA ASP F 227 -14.50 29.60 22.65
C ASP F 227 -13.66 30.92 22.66
N THR F 228 -12.45 30.87 23.20
CA THR F 228 -11.51 32.00 23.15
C THR F 228 -11.18 32.41 21.70
N CYS F 229 -11.11 31.46 20.77
CA CYS F 229 -10.81 31.81 19.35
C CYS F 229 -11.91 32.59 18.64
N LEU F 230 -13.16 32.33 19.02
CA LEU F 230 -14.29 33.04 18.41
C LEU F 230 -14.19 34.54 18.61
N LYS F 231 -13.56 34.97 19.69
CA LYS F 231 -13.39 36.38 19.95
C LYS F 231 -12.11 36.98 19.32
N GLY F 232 -11.30 36.19 18.59
CA GLY F 232 -9.92 36.57 18.33
C GLY F 232 -9.71 37.30 17.02
N GLU F 233 -8.56 37.94 16.88
CA GLU F 233 -8.29 38.72 15.68
C GLU F 233 -8.08 37.78 14.48
N ALA F 234 -7.58 36.55 14.73
CA ALA F 234 -7.21 35.66 13.61
C ALA F 234 -8.47 35.28 12.83
N LEU F 235 -9.52 34.91 13.57
CA LEU F 235 -10.81 34.65 12.94
C LEU F 235 -11.32 35.88 12.19
N ASN F 236 -11.16 37.03 12.82
CA ASN F 236 -11.66 38.26 12.25
C ASN F 236 -10.99 38.52 10.90
N GLU F 237 -9.66 38.39 10.88
CA GLU F 237 -8.88 38.55 9.65
C GLU F 237 -9.23 37.53 8.58
N ALA F 238 -9.49 36.29 9.00
CA ALA F 238 -9.86 35.24 8.03
C ALA F 238 -11.18 35.57 7.31
N VAL F 239 -12.16 36.01 8.09
CA VAL F 239 -13.46 36.36 7.56
C VAL F 239 -13.37 37.61 6.68
N SER F 240 -12.76 38.66 7.21
CA SER F 240 -12.53 39.89 6.43
C SER F 240 -11.90 39.56 5.09
N ALA F 241 -10.82 38.82 5.12
CA ALA F 241 -10.10 38.47 3.89
C ALA F 241 -10.97 37.69 2.91
N PHE F 242 -11.81 36.81 3.43
CA PHE F 242 -12.72 36.03 2.58
C PHE F 242 -13.72 36.95 1.89
N LYS F 243 -14.33 37.84 2.67
CA LYS F 243 -15.27 38.83 2.15
C LYS F 243 -14.64 39.69 1.06
N GLU F 244 -13.47 40.26 1.33
CA GLU F 244 -12.77 41.10 0.36
C GLU F 244 -12.02 40.34 -0.73
N LYS F 245 -12.30 39.04 -0.88
CA LYS F 245 -11.72 38.22 -1.96
C LYS F 245 -10.19 38.29 -2.10
N ARG F 246 -9.50 38.19 -0.97
CA ARG F 246 -8.04 38.26 -0.95
C ARG F 246 -7.46 37.19 -0.01
N ALA F 247 -6.16 36.98 -0.12
CA ALA F 247 -5.45 36.10 0.79
C ALA F 247 -5.33 36.80 2.16
N PRO F 248 -5.53 36.04 3.25
CA PRO F 248 -5.39 36.63 4.58
C PRO F 248 -3.95 36.90 4.88
N ASP F 249 -3.68 37.89 5.71
CA ASP F 249 -2.34 38.11 6.19
C ASP F 249 -2.46 37.98 7.70
N PHE F 250 -1.87 36.91 8.23
CA PHE F 250 -1.93 36.64 9.66
C PHE F 250 -0.70 37.12 10.43
N SER F 251 0.23 37.80 9.76
CA SER F 251 1.47 38.21 10.39
C SER F 251 1.30 39.24 11.55
N LYS F 252 0.14 39.87 11.76
CA LYS F 252 0.05 40.92 12.80
C LYS F 252 -0.17 40.34 14.21
C1 PEG G . -9.30 -1.99 38.22
O1 PEG G . -8.93 -2.66 39.43
C2 PEG G . -9.28 -3.00 37.07
O2 PEG G . -10.55 -3.60 36.78
C3 PEG G . -11.57 -2.65 36.46
C4 PEG G . -12.62 -3.25 35.53
O4 PEG G . -13.26 -4.41 36.07
C1 PEG H . 8.89 6.87 36.81
O1 PEG H . 10.21 6.33 36.68
C2 PEG H . 8.94 8.23 36.14
O2 PEG H . 7.65 8.81 36.14
C3 PEG H . 7.48 10.03 36.86
C4 PEG H . 6.22 9.94 37.70
O4 PEG H . 6.11 8.59 38.21
C1 PEG I . 0.10 -8.67 -26.16
O1 PEG I . 1.11 -9.00 -27.12
C2 PEG I . -0.37 -9.96 -25.47
O2 PEG I . -1.75 -10.26 -25.78
C3 PEG I . -2.70 -9.96 -24.74
C4 PEG I . -2.58 -8.52 -24.22
O4 PEG I . -3.89 -8.06 -23.98
C1 PEG J . 17.10 -12.92 -25.04
O1 PEG J . 17.69 -13.85 -25.96
C2 PEG J . 16.51 -13.62 -23.81
O2 PEG J . 15.08 -13.57 -23.85
C3 PEG J . 14.47 -14.44 -24.84
C4 PEG J . 13.62 -15.54 -24.20
O4 PEG J . 13.77 -16.79 -24.88
C1 PEG K . 10.67 21.35 -5.20
O1 PEG K . 9.91 22.26 -4.40
C2 PEG K . 10.53 21.58 -6.70
O2 PEG K . 9.65 20.58 -7.23
C3 PEG K . 9.84 20.18 -8.61
C4 PEG K . 8.97 18.94 -8.97
O4 PEG K . 7.54 19.13 -8.77
#